data_2H5M
#
_entry.id   2H5M
#
_cell.length_a   1.000
_cell.length_b   1.000
_cell.length_c   1.000
_cell.angle_alpha   90.00
_cell.angle_beta   90.00
_cell.angle_gamma   90.00
#
_symmetry.space_group_name_H-M   'P 1'
#
loop_
_entity.id
_entity.type
_entity.pdbx_description
1 polymer 'Acetyltransferase, GNAT family'
2 non-polymer 'ACETYL COENZYME *A'
#
_entity_poly.entity_id   1
_entity_poly.type   'polypeptide(L)'
_entity_poly.pdbx_seq_one_letter_code
;MSNLEIKQGENKFYIGDDENNALAEITYRFVDNNEINIDHTGVSDELGGQGVGKKLLKAVVEHARENNLKIIASCSFAKH
MLEKEDSYQDVYLGLEHHHHHH
;
_entity_poly.pdbx_strand_id   A
#
# COMPACT_ATOMS: atom_id res chain seq x y z
N MET A 1 -6.25 -7.56 -20.60
CA MET A 1 -5.37 -8.23 -19.62
C MET A 1 -4.04 -8.60 -20.27
N SER A 2 -3.00 -8.68 -19.45
CA SER A 2 -1.67 -9.03 -19.95
C SER A 2 -0.93 -9.89 -18.94
N ASN A 3 -0.55 -9.29 -17.82
CA ASN A 3 0.16 -10.00 -16.76
C ASN A 3 0.04 -9.22 -15.46
N LEU A 4 0.07 -9.92 -14.34
CA LEU A 4 -0.03 -9.28 -13.04
C LEU A 4 1.33 -8.81 -12.57
N GLU A 5 1.94 -7.95 -13.37
CA GLU A 5 3.26 -7.41 -13.06
C GLU A 5 3.11 -6.07 -12.32
N ILE A 6 3.98 -5.83 -11.36
CA ILE A 6 3.93 -4.60 -10.59
C ILE A 6 4.46 -3.42 -11.42
N LYS A 7 3.54 -2.62 -11.92
CA LYS A 7 3.91 -1.45 -12.71
C LYS A 7 4.16 -0.27 -11.79
N GLN A 8 5.23 0.46 -12.04
CA GLN A 8 5.55 1.61 -11.23
C GLN A 8 5.16 2.89 -11.96
N GLY A 9 4.59 3.81 -11.21
CA GLY A 9 4.18 5.07 -11.76
C GLY A 9 4.71 6.22 -10.96
N GLU A 10 4.11 7.39 -11.11
CA GLU A 10 4.53 8.58 -10.38
C GLU A 10 4.37 8.36 -8.87
N ASN A 11 5.43 7.82 -8.24
CA ASN A 11 5.44 7.52 -6.82
C ASN A 11 4.24 6.66 -6.46
N LYS A 12 3.98 5.64 -7.29
CA LYS A 12 2.86 4.75 -7.05
C LYS A 12 3.08 3.38 -7.69
N PHE A 13 2.26 2.42 -7.30
CA PHE A 13 2.33 1.07 -7.83
C PHE A 13 0.96 0.66 -8.31
N TYR A 14 0.89 0.05 -9.49
CA TYR A 14 -0.39 -0.38 -10.03
C TYR A 14 -0.22 -1.60 -10.91
N ILE A 15 -1.30 -2.36 -11.04
CA ILE A 15 -1.31 -3.56 -11.87
C ILE A 15 -2.61 -3.61 -12.67
N GLY A 16 -2.50 -3.86 -13.97
CA GLY A 16 -3.68 -3.92 -14.80
C GLY A 16 -3.34 -4.03 -16.27
N ASP A 17 -4.32 -3.70 -17.11
CA ASP A 17 -4.14 -3.76 -18.57
C ASP A 17 -3.53 -2.46 -19.08
N ASP A 18 -4.00 -1.35 -18.50
CA ASP A 18 -3.54 -0.03 -18.89
C ASP A 18 -3.61 0.90 -17.68
N GLU A 19 -3.02 2.08 -17.77
CA GLU A 19 -3.03 3.05 -16.69
C GLU A 19 -4.47 3.35 -16.25
N ASN A 20 -5.35 3.50 -17.22
CA ASN A 20 -6.75 3.79 -16.96
C ASN A 20 -7.48 2.51 -16.55
N ASN A 21 -7.13 1.42 -17.20
CA ASN A 21 -7.77 0.13 -16.93
C ASN A 21 -6.97 -0.67 -15.92
N ALA A 22 -6.55 0.02 -14.87
CA ALA A 22 -5.79 -0.61 -13.80
C ALA A 22 -6.73 -1.43 -12.92
N LEU A 23 -6.28 -2.63 -12.56
CA LEU A 23 -7.08 -3.52 -11.73
C LEU A 23 -6.88 -3.17 -10.26
N ALA A 24 -5.66 -2.82 -9.92
CA ALA A 24 -5.32 -2.43 -8.56
C ALA A 24 -4.29 -1.30 -8.58
N GLU A 25 -4.57 -0.22 -7.87
CA GLU A 25 -3.67 0.91 -7.84
C GLU A 25 -3.49 1.45 -6.43
N ILE A 26 -2.24 1.62 -6.03
CA ILE A 26 -1.92 2.16 -4.73
C ILE A 26 -0.93 3.32 -4.87
N THR A 27 -1.25 4.45 -4.27
CA THR A 27 -0.39 5.63 -4.37
C THR A 27 0.17 6.03 -3.01
N TYR A 28 1.37 6.59 -3.02
CA TYR A 28 2.03 7.04 -1.81
C TYR A 28 2.74 8.36 -2.09
N ARG A 29 3.12 9.08 -1.05
CA ARG A 29 3.81 10.34 -1.21
C ARG A 29 4.72 10.62 -0.03
N PHE A 30 5.81 11.33 -0.30
CA PHE A 30 6.76 11.69 0.73
C PHE A 30 6.29 12.96 1.43
N VAL A 31 5.77 12.80 2.64
CA VAL A 31 5.26 13.94 3.41
C VAL A 31 6.38 14.76 4.03
N ASP A 32 7.41 14.08 4.56
CA ASP A 32 8.52 14.79 5.20
C ASP A 32 9.85 14.42 4.57
N ASN A 33 10.47 13.34 5.01
CA ASN A 33 11.76 12.94 4.47
C ASN A 33 11.80 11.47 4.08
N ASN A 34 11.50 10.60 5.03
CA ASN A 34 11.55 9.17 4.77
C ASN A 34 10.21 8.51 5.04
N GLU A 35 9.19 9.33 5.25
CA GLU A 35 7.85 8.83 5.54
C GLU A 35 6.98 8.88 4.30
N ILE A 36 6.43 7.74 3.94
CA ILE A 36 5.56 7.63 2.78
C ILE A 36 4.12 7.43 3.23
N ASN A 37 3.24 8.33 2.81
CA ASN A 37 1.84 8.26 3.19
C ASN A 37 1.00 7.65 2.09
N ILE A 38 0.21 6.65 2.44
CA ILE A 38 -0.68 5.98 1.51
C ILE A 38 -2.12 6.42 1.79
N ASP A 39 -2.68 7.22 0.90
CA ASP A 39 -4.05 7.71 1.09
C ASP A 39 -5.01 7.11 0.06
N HIS A 40 -4.54 6.90 -1.15
CA HIS A 40 -5.39 6.35 -2.19
C HIS A 40 -5.03 4.90 -2.51
N THR A 41 -6.04 4.04 -2.47
CA THR A 41 -5.88 2.63 -2.77
C THR A 41 -7.18 2.10 -3.35
N GLY A 42 -7.17 1.76 -4.63
CA GLY A 42 -8.38 1.26 -5.26
C GLY A 42 -8.14 0.00 -6.04
N VAL A 43 -9.02 -0.98 -5.84
CA VAL A 43 -8.95 -2.25 -6.52
C VAL A 43 -10.30 -2.56 -7.16
N SER A 44 -10.29 -3.23 -8.30
CA SER A 44 -11.53 -3.56 -8.97
C SER A 44 -12.26 -4.66 -8.21
N ASP A 45 -13.48 -4.36 -7.78
CA ASP A 45 -14.29 -5.33 -7.04
C ASP A 45 -14.72 -6.44 -7.99
N GLU A 46 -15.01 -6.06 -9.23
CA GLU A 46 -15.43 -7.00 -10.24
C GLU A 46 -14.21 -7.62 -10.90
N LEU A 47 -13.41 -8.31 -10.10
CA LEU A 47 -12.21 -8.96 -10.60
C LEU A 47 -12.18 -10.42 -10.18
N GLY A 48 -12.04 -10.66 -8.88
CA GLY A 48 -12.00 -12.01 -8.38
C GLY A 48 -10.81 -12.23 -7.48
N GLY A 49 -9.62 -12.01 -8.04
CA GLY A 49 -8.40 -12.17 -7.28
C GLY A 49 -8.02 -10.89 -6.58
N GLN A 50 -8.70 -10.58 -5.48
CA GLN A 50 -8.46 -9.35 -4.73
C GLN A 50 -7.17 -9.44 -3.91
N GLY A 51 -6.47 -10.56 -4.03
CA GLY A 51 -5.23 -10.76 -3.31
C GLY A 51 -4.11 -9.87 -3.82
N VAL A 52 -4.35 -9.21 -4.96
CA VAL A 52 -3.37 -8.32 -5.56
C VAL A 52 -3.00 -7.19 -4.60
N GLY A 53 -3.97 -6.75 -3.80
CA GLY A 53 -3.74 -5.70 -2.84
C GLY A 53 -2.67 -6.06 -1.81
N LYS A 54 -2.61 -7.34 -1.49
CA LYS A 54 -1.63 -7.83 -0.52
C LYS A 54 -0.22 -7.67 -1.07
N LYS A 55 -0.06 -8.02 -2.35
CA LYS A 55 1.23 -7.92 -3.01
C LYS A 55 1.68 -6.47 -3.15
N LEU A 56 0.73 -5.59 -3.48
CA LEU A 56 1.03 -4.17 -3.64
C LEU A 56 1.55 -3.59 -2.34
N LEU A 57 0.83 -3.84 -1.25
CA LEU A 57 1.22 -3.35 0.06
C LEU A 57 2.55 -3.96 0.48
N LYS A 58 2.70 -5.26 0.23
CA LYS A 58 3.92 -5.98 0.58
C LYS A 58 5.14 -5.37 -0.11
N ALA A 59 4.99 -5.05 -1.38
CA ALA A 59 6.08 -4.45 -2.16
C ALA A 59 6.51 -3.11 -1.57
N VAL A 60 5.54 -2.35 -1.06
CA VAL A 60 5.81 -1.06 -0.44
C VAL A 60 6.54 -1.27 0.88
N VAL A 61 6.02 -2.17 1.69
CA VAL A 61 6.60 -2.47 3.00
C VAL A 61 8.02 -3.02 2.86
N GLU A 62 8.20 -3.94 1.92
CA GLU A 62 9.50 -4.55 1.66
C GLU A 62 10.53 -3.49 1.29
N HIS A 63 10.16 -2.61 0.35
CA HIS A 63 11.05 -1.55 -0.09
C HIS A 63 11.27 -0.52 1.00
N ALA A 64 10.25 -0.33 1.84
CA ALA A 64 10.35 0.62 2.95
C ALA A 64 11.40 0.18 3.95
N ARG A 65 11.40 -1.10 4.27
CA ARG A 65 12.35 -1.65 5.23
C ARG A 65 13.78 -1.52 4.70
N GLU A 66 13.93 -1.64 3.38
CA GLU A 66 15.25 -1.54 2.75
C GLU A 66 15.86 -0.16 2.93
N ASN A 67 15.08 0.88 2.67
CA ASN A 67 15.57 2.24 2.78
C ASN A 67 15.25 2.86 4.14
N ASN A 68 14.81 2.04 5.07
CA ASN A 68 14.49 2.51 6.43
C ASN A 68 13.41 3.59 6.40
N LEU A 69 12.44 3.42 5.52
CA LEU A 69 11.36 4.38 5.38
C LEU A 69 10.27 4.11 6.41
N LYS A 70 9.48 5.13 6.69
CA LYS A 70 8.39 5.02 7.64
C LYS A 70 7.07 5.01 6.88
N ILE A 71 6.20 4.06 7.20
CA ILE A 71 4.94 3.94 6.52
C ILE A 71 3.78 4.48 7.35
N ILE A 72 3.01 5.35 6.72
CA ILE A 72 1.83 5.94 7.31
C ILE A 72 0.71 5.87 6.28
N ALA A 73 -0.51 5.66 6.71
CA ALA A 73 -1.60 5.55 5.74
C ALA A 73 -2.85 6.29 6.18
N SER A 74 -3.32 7.18 5.32
CA SER A 74 -4.54 7.92 5.56
C SER A 74 -5.69 7.09 5.02
N CYS A 75 -5.33 6.16 4.14
CA CYS A 75 -6.29 5.26 3.51
C CYS A 75 -6.82 4.26 4.53
N SER A 76 -8.12 4.33 4.80
CA SER A 76 -8.77 3.43 5.75
C SER A 76 -8.59 1.97 5.33
N PHE A 77 -8.46 1.75 4.04
CA PHE A 77 -8.29 0.40 3.49
C PHE A 77 -6.90 -0.13 3.78
N ALA A 78 -5.89 0.58 3.28
CA ALA A 78 -4.50 0.18 3.46
C ALA A 78 -4.12 0.13 4.94
N LYS A 79 -4.66 1.06 5.72
CA LYS A 79 -4.38 1.10 7.15
C LYS A 79 -4.84 -0.18 7.82
N HIS A 80 -6.04 -0.63 7.49
CA HIS A 80 -6.59 -1.85 8.06
C HIS A 80 -5.77 -3.07 7.65
N MET A 81 -5.20 -3.01 6.45
CA MET A 81 -4.38 -4.10 5.94
C MET A 81 -3.11 -4.21 6.77
N LEU A 82 -2.59 -3.06 7.17
CA LEU A 82 -1.39 -3.00 7.99
C LEU A 82 -1.69 -3.47 9.40
N GLU A 83 -2.93 -3.21 9.85
CA GLU A 83 -3.36 -3.63 11.18
C GLU A 83 -3.45 -5.15 11.24
N LYS A 84 -3.87 -5.74 10.12
CA LYS A 84 -4.01 -7.18 10.01
C LYS A 84 -2.64 -7.86 9.98
N GLU A 85 -1.76 -7.37 9.13
CA GLU A 85 -0.43 -7.94 9.00
C GLU A 85 0.51 -7.34 10.04
N ASP A 86 0.64 -8.03 11.16
CA ASP A 86 1.53 -7.58 12.24
C ASP A 86 2.96 -7.48 11.76
N SER A 87 3.28 -8.28 10.75
CA SER A 87 4.62 -8.30 10.18
C SER A 87 4.99 -6.96 9.54
N TYR A 88 3.97 -6.20 9.12
CA TYR A 88 4.19 -4.91 8.47
C TYR A 88 4.23 -3.79 9.49
N GLN A 89 3.93 -4.10 10.74
CA GLN A 89 3.92 -3.11 11.80
C GLN A 89 5.33 -2.86 12.33
N ASP A 90 6.31 -2.98 11.45
CA ASP A 90 7.70 -2.73 11.78
C ASP A 90 8.13 -1.40 11.17
N VAL A 91 7.72 -1.16 9.93
CA VAL A 91 8.03 0.08 9.24
C VAL A 91 6.83 1.01 9.32
N TYR A 92 5.66 0.42 9.55
CA TYR A 92 4.43 1.17 9.68
C TYR A 92 4.29 1.67 11.11
N LEU A 93 3.89 2.92 11.27
CA LEU A 93 3.73 3.51 12.59
C LEU A 93 2.44 3.04 13.27
N GLY A 94 2.33 1.73 13.44
CA GLY A 94 1.18 1.16 14.09
C GLY A 94 1.37 1.14 15.60
N LEU A 95 2.62 1.31 15.99
CA LEU A 95 3.00 1.34 17.39
C LEU A 95 3.04 2.78 17.88
N GLU A 96 1.89 3.32 18.23
CA GLU A 96 1.82 4.69 18.70
C GLU A 96 1.95 4.76 20.22
N HIS A 97 1.11 4.01 20.93
CA HIS A 97 1.15 4.00 22.39
C HIS A 97 0.09 3.06 22.99
N HIS A 98 -1.05 2.94 22.32
CA HIS A 98 -2.13 2.10 22.86
C HIS A 98 -2.17 0.72 22.20
N HIS A 99 -1.84 0.64 20.92
CA HIS A 99 -1.83 -0.64 20.19
C HIS A 99 -3.19 -1.34 20.22
N HIS A 100 -3.21 -2.58 19.74
CA HIS A 100 -4.41 -3.40 19.72
C HIS A 100 -5.53 -2.76 18.90
N HIS A 101 -6.40 -2.00 19.56
CA HIS A 101 -7.52 -1.32 18.92
C HIS A 101 -8.26 -0.50 19.96
N HIS A 102 -8.65 -1.15 21.06
CA HIS A 102 -9.34 -0.47 22.14
C HIS A 102 -8.36 0.38 22.93
N MET A 1 4.86 -17.01 -18.08
CA MET A 1 4.98 -15.57 -18.41
C MET A 1 5.00 -14.74 -17.14
N SER A 2 6.03 -13.93 -16.97
CA SER A 2 6.16 -13.09 -15.80
C SER A 2 5.42 -11.78 -16.04
N ASN A 3 4.10 -11.82 -15.87
CA ASN A 3 3.27 -10.66 -16.08
C ASN A 3 2.64 -10.20 -14.78
N LEU A 4 1.91 -9.10 -14.83
CA LEU A 4 1.26 -8.52 -13.65
C LEU A 4 2.29 -8.20 -12.58
N GLU A 5 3.41 -7.65 -13.01
CA GLU A 5 4.47 -7.29 -12.10
C GLU A 5 4.17 -5.95 -11.44
N ILE A 6 5.03 -5.54 -10.52
CA ILE A 6 4.87 -4.29 -9.83
C ILE A 6 5.37 -3.14 -10.70
N LYS A 7 4.43 -2.47 -11.36
CA LYS A 7 4.77 -1.37 -12.23
C LYS A 7 4.82 -0.06 -11.44
N GLN A 8 6.00 0.51 -11.35
CA GLN A 8 6.20 1.73 -10.59
C GLN A 8 5.68 2.94 -11.36
N GLY A 9 5.10 3.88 -10.62
CA GLY A 9 4.57 5.09 -11.20
C GLY A 9 5.04 6.29 -10.42
N GLU A 10 4.45 7.45 -10.69
CA GLU A 10 4.83 8.68 -9.98
C GLU A 10 4.50 8.56 -8.49
N ASN A 11 5.50 8.17 -7.70
CA ASN A 11 5.33 8.00 -6.25
C ASN A 11 4.23 6.98 -5.96
N LYS A 12 4.19 5.91 -6.75
CA LYS A 12 3.18 4.88 -6.58
C LYS A 12 3.55 3.58 -7.30
N PHE A 13 2.69 2.60 -7.13
CA PHE A 13 2.84 1.29 -7.77
C PHE A 13 1.47 0.84 -8.26
N TYR A 14 1.40 0.30 -9.45
CA TYR A 14 0.12 -0.14 -9.98
C TYR A 14 0.27 -1.41 -10.82
N ILE A 15 -0.82 -2.15 -10.93
CA ILE A 15 -0.84 -3.38 -11.70
C ILE A 15 -1.88 -3.28 -12.80
N GLY A 16 -1.43 -3.36 -14.05
CA GLY A 16 -2.32 -3.28 -15.18
C GLY A 16 -1.59 -2.87 -16.43
N ASP A 17 -2.28 -2.87 -17.56
CA ASP A 17 -1.65 -2.50 -18.83
C ASP A 17 -1.36 -1.00 -18.87
N ASP A 18 -2.39 -0.21 -18.65
CA ASP A 18 -2.27 1.25 -18.66
C ASP A 18 -2.80 1.81 -17.36
N GLU A 19 -2.35 3.00 -16.98
CA GLU A 19 -2.79 3.65 -15.74
C GLU A 19 -4.30 3.85 -15.73
N ASN A 20 -4.88 4.11 -16.91
CA ASN A 20 -6.32 4.33 -17.03
C ASN A 20 -7.09 3.02 -16.87
N ASN A 21 -6.37 1.91 -16.99
CA ASN A 21 -6.98 0.60 -16.85
C ASN A 21 -6.24 -0.22 -15.80
N ALA A 22 -5.82 0.47 -14.75
CA ALA A 22 -5.11 -0.17 -13.67
C ALA A 22 -6.06 -0.95 -12.78
N LEU A 23 -5.91 -2.27 -12.78
CA LEU A 23 -6.75 -3.15 -11.97
C LEU A 23 -6.59 -2.78 -10.50
N ALA A 24 -5.36 -2.47 -10.13
CA ALA A 24 -5.04 -2.08 -8.77
C ALA A 24 -3.95 -1.01 -8.78
N GLU A 25 -4.11 -0.01 -7.93
CA GLU A 25 -3.14 1.06 -7.83
C GLU A 25 -2.99 1.53 -6.39
N ILE A 26 -1.75 1.62 -5.93
CA ILE A 26 -1.44 2.08 -4.59
C ILE A 26 -0.51 3.28 -4.67
N THR A 27 -0.75 4.27 -3.82
CA THR A 27 0.06 5.48 -3.82
C THR A 27 0.70 5.70 -2.45
N TYR A 28 1.87 6.30 -2.44
CA TYR A 28 2.55 6.59 -1.18
C TYR A 28 3.23 7.95 -1.27
N ARG A 29 3.16 8.71 -0.18
CA ARG A 29 3.76 10.02 -0.14
C ARG A 29 4.58 10.19 1.13
N PHE A 30 5.50 11.12 1.11
CA PHE A 30 6.34 11.38 2.27
C PHE A 30 5.73 12.48 3.13
N VAL A 31 5.22 12.12 4.30
CA VAL A 31 4.62 13.09 5.20
C VAL A 31 5.70 13.90 5.89
N ASP A 32 6.81 13.26 6.19
CA ASP A 32 7.93 13.92 6.86
C ASP A 32 9.22 13.64 6.10
N ASN A 33 9.80 12.48 6.32
CA ASN A 33 11.04 12.09 5.65
C ASN A 33 11.24 10.58 5.72
N ASN A 34 11.14 10.05 6.93
CA ASN A 34 11.31 8.61 7.16
C ASN A 34 9.95 7.95 7.33
N GLU A 35 8.90 8.68 6.96
CA GLU A 35 7.54 8.16 7.07
C GLU A 35 6.79 8.35 5.76
N ILE A 36 6.15 7.29 5.30
CA ILE A 36 5.39 7.34 4.05
C ILE A 36 3.93 6.96 4.29
N ASN A 37 3.03 7.78 3.79
CA ASN A 37 1.60 7.54 3.96
C ASN A 37 0.99 7.09 2.64
N ILE A 38 0.08 6.13 2.75
CA ILE A 38 -0.60 5.62 1.57
C ILE A 38 -1.73 6.57 1.20
N ASP A 39 -1.59 7.20 0.04
CA ASP A 39 -2.58 8.15 -0.46
C ASP A 39 -3.90 7.45 -0.74
N HIS A 40 -3.93 6.66 -1.80
CA HIS A 40 -5.14 5.94 -2.17
C HIS A 40 -4.81 4.52 -2.63
N THR A 41 -5.78 3.63 -2.49
CA THR A 41 -5.62 2.24 -2.90
C THR A 41 -6.84 1.79 -3.69
N GLY A 42 -6.76 1.90 -5.00
CA GLY A 42 -7.88 1.51 -5.84
C GLY A 42 -7.67 0.14 -6.45
N VAL A 43 -8.26 -0.87 -5.82
CA VAL A 43 -8.14 -2.24 -6.29
C VAL A 43 -9.48 -2.68 -6.86
N SER A 44 -9.47 -3.75 -7.65
CA SER A 44 -10.67 -4.29 -8.26
C SER A 44 -11.69 -4.68 -7.20
N ASP A 45 -12.95 -4.31 -7.45
CA ASP A 45 -14.04 -4.61 -6.52
C ASP A 45 -14.31 -6.10 -6.46
N GLU A 46 -13.84 -6.81 -7.49
CA GLU A 46 -14.01 -8.25 -7.59
C GLU A 46 -13.05 -8.98 -6.64
N LEU A 47 -12.96 -8.48 -5.41
CA LEU A 47 -12.09 -9.06 -4.38
C LEU A 47 -10.65 -9.14 -4.86
N GLY A 48 -10.22 -8.11 -5.59
CA GLY A 48 -8.85 -8.09 -6.10
C GLY A 48 -7.84 -7.84 -5.01
N GLY A 49 -8.33 -7.50 -3.82
CA GLY A 49 -7.45 -7.23 -2.71
C GLY A 49 -7.04 -8.49 -1.98
N GLN A 50 -7.39 -9.65 -2.52
CA GLN A 50 -7.04 -10.92 -1.91
C GLN A 50 -5.66 -11.36 -2.37
N GLY A 51 -5.22 -10.80 -3.49
CA GLY A 51 -3.91 -11.12 -4.03
C GLY A 51 -3.27 -9.96 -4.75
N VAL A 52 -3.99 -9.40 -5.72
CA VAL A 52 -3.49 -8.27 -6.50
C VAL A 52 -3.16 -7.09 -5.59
N GLY A 53 -4.11 -6.74 -4.73
CA GLY A 53 -3.91 -5.63 -3.82
C GLY A 53 -2.80 -5.90 -2.82
N LYS A 54 -2.72 -7.13 -2.35
CA LYS A 54 -1.70 -7.53 -1.37
C LYS A 54 -0.31 -7.42 -1.98
N LYS A 55 -0.21 -7.76 -3.26
CA LYS A 55 1.06 -7.69 -3.97
C LYS A 55 1.58 -6.26 -4.03
N LEU A 56 0.68 -5.33 -4.31
CA LEU A 56 1.05 -3.92 -4.39
C LEU A 56 1.48 -3.41 -3.03
N LEU A 57 0.74 -3.81 -2.00
CA LEU A 57 1.05 -3.41 -0.63
C LEU A 57 2.40 -3.98 -0.22
N LYS A 58 2.67 -5.20 -0.66
CA LYS A 58 3.93 -5.88 -0.35
C LYS A 58 5.10 -5.11 -0.94
N ALA A 59 4.88 -4.51 -2.11
CA ALA A 59 5.92 -3.73 -2.78
C ALA A 59 6.29 -2.50 -1.95
N VAL A 60 5.28 -1.87 -1.38
CA VAL A 60 5.49 -0.70 -0.55
C VAL A 60 6.18 -1.10 0.76
N VAL A 61 5.70 -2.18 1.35
CA VAL A 61 6.27 -2.69 2.59
C VAL A 61 7.73 -3.10 2.36
N GLU A 62 8.01 -3.64 1.18
CA GLU A 62 9.35 -4.05 0.84
C GLU A 62 10.28 -2.85 0.82
N HIS A 63 9.84 -1.78 0.17
CA HIS A 63 10.60 -0.55 0.10
C HIS A 63 10.75 0.05 1.49
N ALA A 64 9.72 -0.13 2.31
CA ALA A 64 9.73 0.36 3.67
C ALA A 64 10.82 -0.34 4.47
N ARG A 65 11.03 -1.62 4.19
CA ARG A 65 12.06 -2.39 4.88
C ARG A 65 13.44 -2.02 4.36
N GLU A 66 13.50 -1.68 3.07
CA GLU A 66 14.77 -1.31 2.43
C GLU A 66 15.37 -0.04 3.04
N ASN A 67 14.55 0.98 3.22
CA ASN A 67 15.03 2.25 3.75
C ASN A 67 14.62 2.44 5.21
N ASN A 68 13.97 1.43 5.79
CA ASN A 68 13.52 1.47 7.19
C ASN A 68 12.54 2.62 7.42
N LEU A 69 11.58 2.73 6.52
CA LEU A 69 10.57 3.79 6.59
C LEU A 69 9.37 3.34 7.42
N LYS A 70 8.61 4.32 7.90
CA LYS A 70 7.41 4.05 8.66
C LYS A 70 6.21 4.03 7.73
N ILE A 71 5.35 3.04 7.89
CA ILE A 71 4.17 2.90 7.05
C ILE A 71 2.91 3.38 7.76
N ILE A 72 2.22 4.30 7.12
CA ILE A 72 0.97 4.83 7.63
C ILE A 72 -0.02 4.92 6.47
N ALA A 73 -1.30 4.76 6.73
CA ALA A 73 -2.29 4.79 5.67
C ALA A 73 -3.41 5.77 5.96
N SER A 74 -3.82 6.49 4.92
CA SER A 74 -4.89 7.45 5.04
C SER A 74 -6.22 6.81 4.61
N CYS A 75 -6.13 5.87 3.69
CA CYS A 75 -7.30 5.16 3.19
C CYS A 75 -7.73 4.05 4.14
N SER A 76 -9.03 3.74 4.15
CA SER A 76 -9.58 2.72 5.03
C SER A 76 -9.06 1.33 4.70
N PHE A 77 -9.21 0.92 3.42
CA PHE A 77 -8.77 -0.41 3.00
C PHE A 77 -7.30 -0.63 3.28
N ALA A 78 -6.46 0.32 2.87
CA ALA A 78 -5.02 0.22 3.08
C ALA A 78 -4.70 0.02 4.55
N LYS A 79 -5.30 0.84 5.39
CA LYS A 79 -5.09 0.75 6.83
C LYS A 79 -5.61 -0.57 7.38
N HIS A 80 -6.79 -0.96 6.94
CA HIS A 80 -7.42 -2.20 7.38
C HIS A 80 -6.55 -3.41 7.06
N MET A 81 -5.89 -3.38 5.91
CA MET A 81 -5.01 -4.48 5.52
C MET A 81 -3.82 -4.57 6.47
N LEU A 82 -3.28 -3.41 6.81
CA LEU A 82 -2.14 -3.32 7.70
C LEU A 82 -2.51 -3.79 9.10
N GLU A 83 -3.77 -3.59 9.48
CA GLU A 83 -4.26 -4.00 10.79
C GLU A 83 -4.35 -5.52 10.88
N LYS A 84 -4.64 -6.15 9.74
CA LYS A 84 -4.79 -7.59 9.70
C LYS A 84 -3.45 -8.29 9.51
N GLU A 85 -2.66 -7.82 8.56
CA GLU A 85 -1.36 -8.43 8.28
C GLU A 85 -0.35 -8.03 9.35
N ASP A 86 -0.03 -8.97 10.22
CA ASP A 86 0.93 -8.74 11.30
C ASP A 86 2.32 -8.40 10.76
N SER A 87 2.69 -9.05 9.66
CA SER A 87 3.98 -8.83 9.02
C SER A 87 4.13 -7.38 8.55
N TYR A 88 3.01 -6.75 8.24
CA TYR A 88 3.03 -5.37 7.77
C TYR A 88 3.15 -4.40 8.95
N GLN A 89 2.73 -4.86 10.13
CA GLN A 89 2.79 -4.04 11.34
C GLN A 89 4.24 -3.80 11.76
N ASP A 90 5.17 -4.52 11.12
CA ASP A 90 6.58 -4.36 11.40
C ASP A 90 7.04 -2.97 11.01
N VAL A 91 6.46 -2.47 9.93
CA VAL A 91 6.79 -1.14 9.44
C VAL A 91 5.63 -0.17 9.64
N TYR A 92 4.41 -0.71 9.66
CA TYR A 92 3.22 0.10 9.86
C TYR A 92 3.06 0.45 11.34
N LEU A 93 2.77 1.70 11.61
CA LEU A 93 2.59 2.18 12.97
C LEU A 93 1.20 1.81 13.47
N GLY A 94 1.05 0.56 13.89
CA GLY A 94 -0.24 0.09 14.38
C GLY A 94 -0.34 0.14 15.89
N LEU A 95 0.68 0.68 16.53
CA LEU A 95 0.71 0.79 17.98
C LEU A 95 -0.41 1.73 18.45
N GLU A 96 -0.70 2.74 17.65
CA GLU A 96 -1.73 3.70 17.98
C GLU A 96 -3.05 3.25 17.36
N HIS A 97 -3.84 2.53 18.14
CA HIS A 97 -5.12 2.04 17.68
C HIS A 97 -6.21 2.30 18.71
N HIS A 98 -6.18 3.48 19.30
CA HIS A 98 -7.14 3.87 20.32
C HIS A 98 -8.52 4.05 19.70
N HIS A 99 -9.51 3.39 20.30
CA HIS A 99 -10.89 3.45 19.83
C HIS A 99 -11.02 2.88 18.43
N HIS A 100 -10.98 1.56 18.34
CA HIS A 100 -11.10 0.87 17.06
C HIS A 100 -12.33 -0.02 17.07
N HIS A 101 -13.44 0.49 16.57
CA HIS A 101 -14.67 -0.26 16.54
C HIS A 101 -15.35 -0.15 15.17
N HIS A 102 -15.06 -1.09 14.30
CA HIS A 102 -15.63 -1.12 12.96
C HIS A 102 -15.97 -2.56 12.57
N MET A 1 -5.92 -7.26 -20.22
CA MET A 1 -4.96 -7.84 -19.26
C MET A 1 -3.65 -8.19 -19.96
N SER A 2 -2.54 -8.07 -19.23
CA SER A 2 -1.24 -8.38 -19.78
C SER A 2 -0.52 -9.37 -18.88
N ASN A 3 -0.26 -8.96 -17.65
CA ASN A 3 0.41 -9.79 -16.66
C ASN A 3 0.31 -9.14 -15.30
N LEU A 4 0.23 -9.95 -14.25
CA LEU A 4 0.13 -9.43 -12.89
C LEU A 4 1.52 -9.06 -12.37
N GLU A 5 2.08 -8.00 -12.94
CA GLU A 5 3.40 -7.52 -12.55
C GLU A 5 3.31 -6.20 -11.80
N ILE A 6 4.15 -6.04 -10.79
CA ILE A 6 4.17 -4.83 -10.00
C ILE A 6 4.82 -3.68 -10.77
N LYS A 7 3.99 -2.86 -11.40
CA LYS A 7 4.48 -1.71 -12.16
C LYS A 7 4.52 -0.50 -11.25
N GLN A 8 5.68 0.13 -11.18
CA GLN A 8 5.85 1.31 -10.34
C GLN A 8 5.59 2.58 -11.14
N GLY A 9 5.03 3.56 -10.47
CA GLY A 9 4.74 4.83 -11.08
C GLY A 9 5.29 5.96 -10.24
N GLU A 10 4.86 7.19 -10.50
CA GLU A 10 5.32 8.34 -9.74
C GLU A 10 4.90 8.20 -8.28
N ASN A 11 5.81 7.66 -7.46
CA ASN A 11 5.57 7.44 -6.03
C ASN A 11 4.28 6.63 -5.83
N LYS A 12 4.11 5.61 -6.66
CA LYS A 12 2.93 4.76 -6.57
C LYS A 12 3.19 3.41 -7.22
N PHE A 13 2.28 2.47 -6.99
CA PHE A 13 2.38 1.14 -7.56
C PHE A 13 1.02 0.75 -8.12
N TYR A 14 1.00 0.11 -9.28
CA TYR A 14 -0.26 -0.30 -9.89
C TYR A 14 -0.09 -1.52 -10.78
N ILE A 15 -1.15 -2.31 -10.86
CA ILE A 15 -1.17 -3.52 -11.67
C ILE A 15 -2.48 -3.58 -12.45
N GLY A 16 -2.42 -3.86 -13.73
CA GLY A 16 -3.61 -3.93 -14.54
C GLY A 16 -3.32 -4.12 -16.00
N ASP A 17 -4.19 -3.59 -16.85
CA ASP A 17 -4.04 -3.72 -18.28
C ASP A 17 -3.41 -2.45 -18.87
N ASP A 18 -3.61 -1.34 -18.18
CA ASP A 18 -3.09 -0.05 -18.61
C ASP A 18 -3.13 0.93 -17.45
N GLU A 19 -2.53 2.11 -17.64
CA GLU A 19 -2.52 3.14 -16.62
C GLU A 19 -3.93 3.43 -16.11
N ASN A 20 -4.89 3.51 -17.05
CA ASN A 20 -6.28 3.77 -16.68
C ASN A 20 -6.98 2.47 -16.34
N ASN A 21 -6.49 1.37 -16.88
CA ASN A 21 -7.06 0.05 -16.64
C ASN A 21 -6.33 -0.63 -15.49
N ALA A 22 -6.04 0.15 -14.46
CA ALA A 22 -5.35 -0.36 -13.29
C ALA A 22 -6.32 -1.06 -12.35
N LEU A 23 -6.23 -2.38 -12.29
CA LEU A 23 -7.09 -3.18 -11.43
C LEU A 23 -6.80 -2.87 -9.97
N ALA A 24 -5.52 -2.72 -9.67
CA ALA A 24 -5.08 -2.42 -8.33
C ALA A 24 -4.12 -1.23 -8.36
N GLU A 25 -4.46 -0.18 -7.65
CA GLU A 25 -3.63 1.01 -7.61
C GLU A 25 -3.46 1.50 -6.18
N ILE A 26 -2.21 1.72 -5.80
CA ILE A 26 -1.89 2.21 -4.47
C ILE A 26 -0.96 3.41 -4.60
N THR A 27 -1.41 4.56 -4.15
CA THR A 27 -0.63 5.78 -4.23
C THR A 27 -0.19 6.25 -2.85
N TYR A 28 1.03 6.72 -2.77
CA TYR A 28 1.58 7.21 -1.52
C TYR A 28 2.43 8.46 -1.75
N ARG A 29 2.88 9.08 -0.67
CA ARG A 29 3.71 10.27 -0.77
C ARG A 29 4.49 10.46 0.51
N PHE A 30 5.61 11.15 0.41
CA PHE A 30 6.43 11.43 1.57
C PHE A 30 5.88 12.62 2.31
N VAL A 31 5.43 12.41 3.54
CA VAL A 31 4.86 13.48 4.33
C VAL A 31 5.95 14.33 4.98
N ASP A 32 6.99 13.67 5.50
CA ASP A 32 8.08 14.38 6.13
C ASP A 32 9.43 14.00 5.52
N ASN A 33 10.04 12.94 6.04
CA ASN A 33 11.34 12.54 5.52
C ASN A 33 11.40 11.06 5.17
N ASN A 34 11.14 10.21 6.15
CA ASN A 34 11.20 8.76 5.93
C ASN A 34 9.83 8.13 6.04
N GLU A 35 8.81 8.94 6.25
CA GLU A 35 7.45 8.43 6.37
C GLU A 35 6.68 8.57 5.08
N ILE A 36 6.15 7.45 4.60
CA ILE A 36 5.36 7.42 3.38
C ILE A 36 3.90 7.18 3.73
N ASN A 37 3.05 8.11 3.31
CA ASN A 37 1.63 8.02 3.60
C ASN A 37 0.84 7.63 2.37
N ILE A 38 0.09 6.55 2.49
CA ILE A 38 -0.76 6.09 1.40
C ILE A 38 -2.04 6.90 1.37
N ASP A 39 -2.29 7.56 0.25
CA ASP A 39 -3.47 8.41 0.12
C ASP A 39 -4.67 7.64 -0.44
N HIS A 40 -4.46 6.92 -1.53
CA HIS A 40 -5.53 6.17 -2.15
C HIS A 40 -5.14 4.72 -2.40
N THR A 41 -6.12 3.83 -2.30
CA THR A 41 -5.93 2.42 -2.53
C THR A 41 -7.19 1.84 -3.19
N GLY A 42 -7.11 1.61 -4.49
CA GLY A 42 -8.25 1.09 -5.22
C GLY A 42 -7.95 -0.26 -5.84
N VAL A 43 -8.73 -1.26 -5.48
CA VAL A 43 -8.56 -2.60 -6.01
C VAL A 43 -9.88 -3.14 -6.54
N SER A 44 -9.81 -3.87 -7.65
CA SER A 44 -11.01 -4.46 -8.23
C SER A 44 -11.40 -5.71 -7.46
N ASP A 45 -12.26 -5.51 -6.49
CA ASP A 45 -12.74 -6.58 -5.63
C ASP A 45 -13.75 -7.46 -6.34
N GLU A 46 -14.60 -6.85 -7.15
CA GLU A 46 -15.61 -7.59 -7.89
C GLU A 46 -14.97 -8.44 -8.98
N LEU A 47 -13.75 -8.09 -9.35
CA LEU A 47 -13.03 -8.82 -10.37
C LEU A 47 -12.21 -9.95 -9.76
N GLY A 48 -11.32 -9.60 -8.85
CA GLY A 48 -10.48 -10.60 -8.22
C GLY A 48 -9.06 -10.12 -8.01
N GLY A 49 -8.91 -9.09 -7.19
CA GLY A 49 -7.58 -8.55 -6.91
C GLY A 49 -7.21 -8.71 -5.45
N GLN A 50 -7.66 -9.79 -4.86
CA GLN A 50 -7.40 -10.06 -3.44
C GLN A 50 -5.90 -10.21 -3.18
N GLY A 51 -5.27 -11.14 -3.89
CA GLY A 51 -3.85 -11.36 -3.73
C GLY A 51 -3.03 -10.23 -4.33
N VAL A 52 -3.58 -9.61 -5.36
CA VAL A 52 -2.92 -8.51 -6.04
C VAL A 52 -2.73 -7.32 -5.11
N GLY A 53 -3.80 -6.98 -4.38
CA GLY A 53 -3.73 -5.86 -3.45
C GLY A 53 -2.73 -6.10 -2.33
N LYS A 54 -2.74 -7.31 -1.78
CA LYS A 54 -1.82 -7.66 -0.70
C LYS A 54 -0.39 -7.68 -1.20
N LYS A 55 -0.20 -8.08 -2.46
CA LYS A 55 1.14 -8.13 -3.05
C LYS A 55 1.67 -6.72 -3.29
N LEU A 56 0.79 -5.82 -3.73
CA LEU A 56 1.19 -4.44 -3.97
C LEU A 56 1.60 -3.79 -2.66
N LEU A 57 0.83 -4.05 -1.62
CA LEU A 57 1.12 -3.52 -0.30
C LEU A 57 2.43 -4.12 0.22
N LYS A 58 2.66 -5.38 -0.14
CA LYS A 58 3.88 -6.08 0.24
C LYS A 58 5.09 -5.38 -0.36
N ALA A 59 4.97 -4.97 -1.62
CA ALA A 59 6.04 -4.28 -2.32
C ALA A 59 6.42 -3.01 -1.58
N VAL A 60 5.40 -2.28 -1.10
CA VAL A 60 5.63 -1.05 -0.36
C VAL A 60 6.34 -1.35 0.96
N VAL A 61 5.88 -2.40 1.63
CA VAL A 61 6.47 -2.82 2.91
C VAL A 61 7.93 -3.24 2.74
N GLU A 62 8.18 -4.08 1.73
CA GLU A 62 9.53 -4.55 1.45
C GLU A 62 10.45 -3.39 1.09
N HIS A 63 9.94 -2.50 0.25
CA HIS A 63 10.71 -1.33 -0.19
C HIS A 63 10.96 -0.37 0.97
N ALA A 64 10.00 -0.33 1.90
CA ALA A 64 10.11 0.53 3.06
C ALA A 64 11.31 0.11 3.90
N ARG A 65 11.43 -1.18 4.13
CA ARG A 65 12.54 -1.71 4.92
C ARG A 65 13.88 -1.39 4.26
N GLU A 66 13.87 -1.35 2.92
CA GLU A 66 15.08 -1.05 2.15
C GLU A 66 15.65 0.31 2.54
N ASN A 67 14.80 1.33 2.54
CA ASN A 67 15.23 2.69 2.86
C ASN A 67 14.89 3.09 4.29
N ASN A 68 14.54 2.10 5.11
CA ASN A 68 14.19 2.34 6.52
C ASN A 68 13.06 3.36 6.63
N LEU A 69 12.07 3.21 5.77
CA LEU A 69 10.93 4.11 5.74
C LEU A 69 9.82 3.61 6.65
N LYS A 70 8.99 4.52 7.09
CA LYS A 70 7.86 4.21 7.95
C LYS A 70 6.58 4.40 7.17
N ILE A 71 5.67 3.45 7.25
CA ILE A 71 4.43 3.52 6.49
C ILE A 71 3.24 3.99 7.33
N ILE A 72 2.44 4.83 6.70
CA ILE A 72 1.22 5.37 7.28
C ILE A 72 0.19 5.49 6.16
N ALA A 73 -1.09 5.52 6.47
CA ALA A 73 -2.10 5.60 5.42
C ALA A 73 -3.31 6.40 5.84
N SER A 74 -3.82 7.21 4.91
CA SER A 74 -5.00 8.02 5.15
C SER A 74 -6.23 7.21 4.82
N CYS A 75 -6.12 6.35 3.80
CA CYS A 75 -7.21 5.50 3.39
C CYS A 75 -7.45 4.43 4.44
N SER A 76 -8.67 4.35 4.95
CA SER A 76 -9.04 3.39 5.98
C SER A 76 -8.70 1.95 5.58
N PHE A 77 -8.91 1.61 4.32
CA PHE A 77 -8.62 0.27 3.83
C PHE A 77 -7.14 -0.07 3.98
N ALA A 78 -6.27 0.78 3.42
CA ALA A 78 -4.83 0.56 3.51
C ALA A 78 -4.36 0.59 4.96
N LYS A 79 -4.91 1.53 5.72
CA LYS A 79 -4.56 1.67 7.13
C LYS A 79 -4.90 0.39 7.88
N HIS A 80 -6.09 -0.13 7.62
CA HIS A 80 -6.56 -1.34 8.27
C HIS A 80 -5.83 -2.57 7.70
N MET A 81 -5.33 -2.45 6.49
CA MET A 81 -4.60 -3.55 5.85
C MET A 81 -3.30 -3.82 6.59
N LEU A 82 -2.50 -2.78 6.79
CA LEU A 82 -1.23 -2.90 7.49
C LEU A 82 -1.47 -3.18 8.96
N GLU A 83 -2.61 -2.71 9.45
CA GLU A 83 -3.02 -2.87 10.83
C GLU A 83 -3.40 -4.33 11.11
N LYS A 84 -4.06 -4.95 10.15
CA LYS A 84 -4.51 -6.33 10.28
C LYS A 84 -3.35 -7.29 9.99
N GLU A 85 -2.61 -7.01 8.93
CA GLU A 85 -1.48 -7.85 8.54
C GLU A 85 -0.30 -7.64 9.50
N ASP A 86 -0.13 -8.58 10.42
CA ASP A 86 0.95 -8.52 11.40
C ASP A 86 2.31 -8.57 10.71
N SER A 87 2.35 -9.18 9.53
CA SER A 87 3.58 -9.30 8.77
C SER A 87 4.05 -7.95 8.24
N TYR A 88 3.19 -6.94 8.25
CA TYR A 88 3.56 -5.61 7.76
C TYR A 88 3.69 -4.63 8.91
N GLN A 89 3.52 -5.12 10.13
CA GLN A 89 3.59 -4.27 11.32
C GLN A 89 5.03 -4.00 11.74
N ASP A 90 5.98 -4.33 10.89
CA ASP A 90 7.39 -4.12 11.19
C ASP A 90 7.84 -2.73 10.71
N VAL A 91 7.15 -2.21 9.71
CA VAL A 91 7.47 -0.88 9.18
C VAL A 91 6.26 0.05 9.26
N TYR A 92 5.13 -0.51 9.67
CA TYR A 92 3.91 0.28 9.80
C TYR A 92 3.82 0.86 11.21
N LEU A 93 3.50 2.14 11.29
CA LEU A 93 3.38 2.82 12.57
C LEU A 93 1.99 2.59 13.19
N GLY A 94 1.54 1.34 13.17
CA GLY A 94 0.24 1.03 13.72
C GLY A 94 0.33 0.71 15.19
N LEU A 95 1.51 0.34 15.65
CA LEU A 95 1.74 0.01 17.04
C LEU A 95 1.94 1.29 17.85
N GLU A 96 0.85 1.98 18.14
CA GLU A 96 0.93 3.21 18.92
C GLU A 96 0.82 2.93 20.41
N HIS A 97 -0.26 2.27 20.83
CA HIS A 97 -0.47 1.95 22.24
C HIS A 97 -1.76 1.14 22.46
N HIS A 98 -2.82 1.47 21.73
CA HIS A 98 -4.09 0.76 21.90
C HIS A 98 -4.15 -0.51 21.06
N HIS A 99 -3.67 -0.42 19.81
CA HIS A 99 -3.64 -1.55 18.87
C HIS A 99 -5.03 -2.17 18.65
N HIS A 100 -5.05 -3.24 17.86
CA HIS A 100 -6.27 -4.00 17.57
C HIS A 100 -7.33 -3.16 16.83
N HIS A 101 -8.12 -2.41 17.60
CA HIS A 101 -9.18 -1.59 17.03
C HIS A 101 -9.72 -0.64 18.09
N HIS A 102 -10.11 -1.19 19.23
CA HIS A 102 -10.64 -0.39 20.32
C HIS A 102 -9.66 -0.37 21.48
N MET A 1 -3.98 -3.58 -23.56
CA MET A 1 -3.73 -4.98 -23.94
C MET A 1 -3.66 -5.85 -22.69
N SER A 2 -3.57 -7.16 -22.88
CA SER A 2 -3.47 -8.08 -21.76
C SER A 2 -2.08 -8.02 -21.15
N ASN A 3 -1.89 -7.10 -20.22
CA ASN A 3 -0.61 -6.93 -19.56
C ASN A 3 -0.81 -6.27 -18.20
N LEU A 4 -0.02 -6.69 -17.23
CA LEU A 4 -0.12 -6.15 -15.88
C LEU A 4 1.18 -5.44 -15.51
N GLU A 5 2.04 -6.12 -14.74
CA GLU A 5 3.32 -5.58 -14.29
C GLU A 5 3.15 -4.46 -13.28
N ILE A 6 3.96 -4.48 -12.24
CA ILE A 6 3.91 -3.45 -11.22
C ILE A 6 4.66 -2.21 -11.69
N LYS A 7 3.97 -1.38 -12.45
CA LYS A 7 4.56 -0.17 -12.98
C LYS A 7 4.73 0.86 -11.86
N GLN A 8 5.93 1.39 -11.70
CA GLN A 8 6.19 2.36 -10.66
C GLN A 8 6.43 3.73 -11.28
N GLY A 9 5.68 4.71 -10.82
CA GLY A 9 5.80 6.06 -11.32
C GLY A 9 5.17 7.07 -10.40
N GLU A 10 5.72 8.29 -10.40
CA GLU A 10 5.24 9.40 -9.56
C GLU A 10 4.94 8.97 -8.12
N ASN A 11 5.82 8.15 -7.55
CA ASN A 11 5.67 7.65 -6.17
C ASN A 11 4.39 6.86 -6.03
N LYS A 12 4.07 6.09 -7.06
CA LYS A 12 2.87 5.27 -7.07
C LYS A 12 3.11 3.94 -7.75
N PHE A 13 2.66 2.87 -7.13
CA PHE A 13 2.79 1.54 -7.70
C PHE A 13 1.46 1.15 -8.33
N TYR A 14 1.44 0.98 -9.64
CA TYR A 14 0.21 0.64 -10.32
C TYR A 14 0.40 -0.48 -11.33
N ILE A 15 -0.43 -1.50 -11.22
CA ILE A 15 -0.39 -2.63 -12.10
C ILE A 15 -1.33 -2.38 -13.28
N GLY A 16 -0.78 -2.37 -14.49
CA GLY A 16 -1.59 -2.13 -15.65
C GLY A 16 -0.76 -2.01 -16.91
N ASP A 17 -1.40 -2.18 -18.06
CA ASP A 17 -0.73 -2.10 -19.35
C ASP A 17 -0.52 -0.65 -19.77
N ASP A 18 -1.16 0.26 -19.05
CA ASP A 18 -1.06 1.68 -19.34
C ASP A 18 -1.41 2.48 -18.08
N GLU A 19 -0.94 3.72 -18.01
CA GLU A 19 -1.19 4.59 -16.86
C GLU A 19 -2.68 4.75 -16.57
N ASN A 20 -3.47 4.93 -17.63
CA ASN A 20 -4.91 5.10 -17.48
C ASN A 20 -5.61 3.75 -17.46
N ASN A 21 -4.82 2.69 -17.50
CA ASN A 21 -5.34 1.33 -17.49
C ASN A 21 -4.92 0.62 -16.22
N ALA A 22 -4.56 1.41 -15.21
CA ALA A 22 -4.12 0.89 -13.93
C ALA A 22 -5.23 0.08 -13.27
N LEU A 23 -5.04 -1.22 -13.21
CA LEU A 23 -6.01 -2.12 -12.61
C LEU A 23 -5.98 -1.97 -11.10
N ALA A 24 -4.77 -1.79 -10.57
CA ALA A 24 -4.57 -1.64 -9.13
C ALA A 24 -3.44 -0.68 -8.86
N GLU A 25 -3.68 0.34 -8.06
CA GLU A 25 -2.65 1.32 -7.74
C GLU A 25 -2.68 1.73 -6.28
N ILE A 26 -1.50 2.03 -5.76
CA ILE A 26 -1.35 2.49 -4.38
C ILE A 26 -0.47 3.73 -4.38
N THR A 27 -0.89 4.77 -3.68
CA THR A 27 -0.14 6.01 -3.64
C THR A 27 0.44 6.29 -2.26
N TYR A 28 1.70 6.73 -2.26
CA TYR A 28 2.39 7.06 -1.02
C TYR A 28 3.15 8.35 -1.20
N ARG A 29 3.12 9.21 -0.19
CA ARG A 29 3.82 10.48 -0.26
C ARG A 29 4.77 10.65 0.91
N PHE A 30 5.91 11.24 0.64
CA PHE A 30 6.92 11.48 1.66
C PHE A 30 6.53 12.72 2.47
N VAL A 31 5.88 12.50 3.60
CA VAL A 31 5.45 13.60 4.45
C VAL A 31 6.60 14.10 5.33
N ASP A 32 7.53 13.20 5.65
CA ASP A 32 8.67 13.56 6.48
C ASP A 32 9.92 12.81 6.05
N ASN A 33 10.03 12.56 4.75
CA ASN A 33 11.17 11.85 4.15
C ASN A 33 11.22 10.38 4.59
N ASN A 34 11.45 10.16 5.88
CA ASN A 34 11.51 8.81 6.43
C ASN A 34 10.13 8.38 6.90
N GLU A 35 9.12 9.07 6.40
CA GLU A 35 7.74 8.79 6.73
C GLU A 35 6.89 8.88 5.48
N ILE A 36 6.30 7.76 5.08
CA ILE A 36 5.48 7.73 3.89
C ILE A 36 4.02 7.47 4.25
N ASN A 37 3.15 8.36 3.81
CA ASN A 37 1.73 8.24 4.09
C ASN A 37 0.97 7.78 2.85
N ILE A 38 0.35 6.63 2.96
CA ILE A 38 -0.45 6.08 1.87
C ILE A 38 -1.76 6.86 1.77
N ASP A 39 -1.95 7.53 0.66
CA ASP A 39 -3.14 8.35 0.46
C ASP A 39 -4.35 7.49 0.09
N HIS A 40 -4.25 6.76 -1.01
CA HIS A 40 -5.36 5.92 -1.44
C HIS A 40 -4.88 4.59 -1.99
N THR A 41 -5.82 3.67 -2.18
CA THR A 41 -5.53 2.34 -2.70
C THR A 41 -6.67 1.86 -3.59
N GLY A 42 -6.41 1.79 -4.88
CA GLY A 42 -7.43 1.34 -5.81
C GLY A 42 -7.07 0.03 -6.45
N VAL A 43 -7.53 -1.06 -5.85
CA VAL A 43 -7.24 -2.40 -6.34
C VAL A 43 -8.39 -2.95 -7.16
N SER A 44 -8.06 -3.82 -8.12
CA SER A 44 -9.08 -4.44 -8.96
C SER A 44 -9.97 -5.36 -8.13
N ASP A 45 -11.25 -5.36 -8.45
CA ASP A 45 -12.20 -6.19 -7.72
C ASP A 45 -13.26 -6.74 -8.66
N GLU A 46 -13.28 -8.06 -8.81
CA GLU A 46 -14.25 -8.72 -9.66
C GLU A 46 -15.05 -9.74 -8.86
N LEU A 47 -14.37 -10.51 -8.04
CA LEU A 47 -15.01 -11.52 -7.21
C LEU A 47 -15.21 -11.02 -5.79
N GLY A 48 -14.20 -10.31 -5.29
CA GLY A 48 -14.26 -9.79 -3.94
C GLY A 48 -13.15 -10.35 -3.07
N GLY A 49 -12.32 -11.19 -3.68
CA GLY A 49 -11.22 -11.80 -2.96
C GLY A 49 -9.95 -11.78 -3.77
N GLN A 50 -9.46 -10.59 -4.08
CA GLN A 50 -8.24 -10.43 -4.85
C GLN A 50 -7.09 -10.01 -3.94
N GLY A 51 -5.97 -10.72 -4.05
CA GLY A 51 -4.81 -10.41 -3.22
C GLY A 51 -3.85 -9.46 -3.91
N VAL A 52 -4.31 -8.82 -4.97
CA VAL A 52 -3.49 -7.87 -5.72
C VAL A 52 -3.04 -6.72 -4.84
N GLY A 53 -3.90 -6.33 -3.90
CA GLY A 53 -3.58 -5.24 -2.99
C GLY A 53 -2.42 -5.58 -2.09
N LYS A 54 -2.27 -6.87 -1.79
CA LYS A 54 -1.20 -7.34 -0.95
C LYS A 54 0.14 -7.17 -1.64
N LYS A 55 0.15 -7.44 -2.94
CA LYS A 55 1.36 -7.31 -3.74
C LYS A 55 1.83 -5.86 -3.76
N LEU A 56 0.88 -4.94 -3.93
CA LEU A 56 1.19 -3.52 -3.96
C LEU A 56 1.69 -3.04 -2.61
N LEU A 57 1.00 -3.46 -1.55
CA LEU A 57 1.35 -3.07 -0.19
C LEU A 57 2.71 -3.66 0.18
N LYS A 58 2.96 -4.91 -0.25
CA LYS A 58 4.21 -5.58 0.03
C LYS A 58 5.38 -4.81 -0.58
N ALA A 59 5.16 -4.26 -1.77
CA ALA A 59 6.18 -3.48 -2.46
C ALA A 59 6.58 -2.27 -1.63
N VAL A 60 5.58 -1.59 -1.08
CA VAL A 60 5.81 -0.41 -0.26
C VAL A 60 6.54 -0.80 1.02
N VAL A 61 6.06 -1.86 1.67
CA VAL A 61 6.65 -2.35 2.91
C VAL A 61 8.11 -2.77 2.69
N GLU A 62 8.35 -3.45 1.57
CA GLU A 62 9.67 -3.91 1.21
C GLU A 62 10.65 -2.75 1.08
N HIS A 63 10.27 -1.77 0.26
CA HIS A 63 11.10 -0.60 0.01
C HIS A 63 11.24 0.25 1.27
N ALA A 64 10.19 0.26 2.08
CA ALA A 64 10.19 1.03 3.32
C ALA A 64 11.25 0.51 4.28
N ARG A 65 11.30 -0.80 4.46
CA ARG A 65 12.28 -1.40 5.37
C ARG A 65 13.70 -1.13 4.90
N GLU A 66 13.89 -1.13 3.58
CA GLU A 66 15.22 -0.89 2.99
C GLU A 66 15.78 0.46 3.42
N ASN A 67 14.92 1.47 3.46
CA ASN A 67 15.36 2.82 3.82
C ASN A 67 14.91 3.20 5.23
N ASN A 68 14.38 2.23 5.97
CA ASN A 68 13.90 2.46 7.34
C ASN A 68 12.86 3.58 7.35
N LEU A 69 11.83 3.41 6.54
CA LEU A 69 10.76 4.38 6.43
C LEU A 69 9.55 3.95 7.25
N LYS A 70 8.95 4.92 7.93
CA LYS A 70 7.77 4.68 8.73
C LYS A 70 6.55 4.70 7.82
N ILE A 71 5.67 3.71 7.95
CA ILE A 71 4.49 3.62 7.12
C ILE A 71 3.22 3.99 7.86
N ILE A 72 2.46 4.90 7.26
CA ILE A 72 1.19 5.35 7.80
C ILE A 72 0.19 5.43 6.65
N ALA A 73 -1.04 5.02 6.89
CA ALA A 73 -2.06 5.05 5.84
C ALA A 73 -3.30 5.81 6.28
N SER A 74 -3.85 6.59 5.38
CA SER A 74 -5.05 7.36 5.67
C SER A 74 -6.29 6.60 5.20
N CYS A 75 -6.10 5.79 4.16
CA CYS A 75 -7.18 5.00 3.59
C CYS A 75 -7.57 3.87 4.55
N SER A 76 -8.87 3.72 4.78
CA SER A 76 -9.38 2.71 5.70
C SER A 76 -8.97 1.30 5.25
N PHE A 77 -8.96 1.08 3.94
CA PHE A 77 -8.60 -0.23 3.39
C PHE A 77 -7.14 -0.57 3.69
N ALA A 78 -6.24 0.30 3.24
CA ALA A 78 -4.81 0.10 3.44
C ALA A 78 -4.47 0.00 4.92
N LYS A 79 -5.08 0.87 5.71
CA LYS A 79 -4.87 0.88 7.15
C LYS A 79 -5.31 -0.44 7.76
N HIS A 80 -6.44 -0.96 7.28
CA HIS A 80 -6.98 -2.22 7.76
C HIS A 80 -6.05 -3.38 7.38
N MET A 81 -5.46 -3.28 6.20
CA MET A 81 -4.55 -4.32 5.72
C MET A 81 -3.27 -4.33 6.55
N LEU A 82 -2.74 -3.13 6.83
CA LEU A 82 -1.52 -3.02 7.61
C LEU A 82 -1.74 -3.54 9.03
N GLU A 83 -2.95 -3.33 9.55
CA GLU A 83 -3.31 -3.79 10.87
C GLU A 83 -3.63 -5.27 10.88
N LYS A 84 -3.96 -5.82 9.72
CA LYS A 84 -4.30 -7.23 9.62
C LYS A 84 -3.05 -8.09 9.52
N GLU A 85 -2.15 -7.72 8.61
CA GLU A 85 -0.93 -8.49 8.41
C GLU A 85 0.16 -8.03 9.37
N ASP A 86 0.56 -8.94 10.26
CA ASP A 86 1.60 -8.66 11.25
C ASP A 86 2.91 -8.25 10.58
N SER A 87 3.17 -8.81 9.41
CA SER A 87 4.39 -8.50 8.66
C SER A 87 4.44 -7.03 8.27
N TYR A 88 3.28 -6.46 7.98
CA TYR A 88 3.19 -5.05 7.59
C TYR A 88 3.04 -4.18 8.84
N GLN A 89 2.42 -4.77 9.87
CA GLN A 89 2.19 -4.07 11.13
C GLN A 89 3.49 -3.67 11.81
N ASP A 90 4.59 -4.32 11.42
CA ASP A 90 5.91 -4.03 11.99
C ASP A 90 6.35 -2.60 11.65
N VAL A 91 6.26 -2.23 10.38
CA VAL A 91 6.68 -0.90 9.95
C VAL A 91 5.53 0.10 10.06
N TYR A 92 4.32 -0.42 10.29
CA TYR A 92 3.15 0.42 10.43
C TYR A 92 3.03 0.88 11.88
N LEU A 93 3.55 2.06 12.15
CA LEU A 93 3.51 2.63 13.49
C LEU A 93 2.13 3.22 13.78
N GLY A 94 1.46 3.67 12.71
CA GLY A 94 0.16 4.26 12.86
C GLY A 94 0.19 5.56 13.61
N LEU A 95 -0.35 5.56 14.82
CA LEU A 95 -0.37 6.74 15.66
C LEU A 95 0.24 6.43 17.01
N GLU A 96 1.32 7.14 17.34
CA GLU A 96 2.02 6.95 18.60
C GLU A 96 1.18 7.48 19.77
N HIS A 97 0.27 8.39 19.46
CA HIS A 97 -0.58 8.97 20.47
C HIS A 97 -1.99 9.14 19.91
N HIS A 98 -3.00 8.86 20.74
CA HIS A 98 -4.38 8.99 20.33
C HIS A 98 -4.70 10.46 20.01
N HIS A 99 -4.77 10.76 18.73
CA HIS A 99 -5.03 12.11 18.25
C HIS A 99 -6.52 12.33 17.99
N HIS A 100 -7.01 13.50 18.38
CA HIS A 100 -8.40 13.86 18.16
C HIS A 100 -8.52 14.58 16.83
N HIS A 101 -9.32 14.00 15.93
CA HIS A 101 -9.50 14.59 14.60
C HIS A 101 -10.07 15.99 14.70
N HIS A 102 -9.78 16.82 13.71
CA HIS A 102 -10.26 18.19 13.70
C HIS A 102 -11.72 18.22 13.27
N MET A 1 3.16 -17.51 -18.20
CA MET A 1 3.14 -16.08 -18.58
C MET A 1 3.32 -15.20 -17.35
N SER A 2 4.55 -14.73 -17.15
CA SER A 2 4.86 -13.88 -16.01
C SER A 2 4.27 -12.48 -16.20
N ASN A 3 3.00 -12.34 -15.85
CA ASN A 3 2.31 -11.06 -15.97
C ASN A 3 1.68 -10.70 -14.63
N LEU A 4 0.83 -9.67 -14.60
CA LEU A 4 0.18 -9.22 -13.37
C LEU A 4 1.23 -8.85 -12.33
N GLU A 5 2.30 -8.25 -12.81
CA GLU A 5 3.41 -7.84 -11.96
C GLU A 5 3.17 -6.44 -11.41
N ILE A 6 3.98 -6.05 -10.45
CA ILE A 6 3.85 -4.74 -9.84
C ILE A 6 4.43 -3.68 -10.76
N LYS A 7 3.56 -3.03 -11.51
CA LYS A 7 3.96 -1.99 -12.45
C LYS A 7 4.17 -0.67 -11.72
N GLN A 8 5.35 -0.10 -11.85
CA GLN A 8 5.68 1.16 -11.21
C GLN A 8 4.99 2.32 -11.91
N GLY A 9 4.54 3.29 -11.14
CA GLY A 9 3.89 4.44 -11.70
C GLY A 9 4.34 5.71 -11.02
N GLU A 10 3.63 6.80 -11.28
CA GLU A 10 3.94 8.10 -10.68
C GLU A 10 3.84 8.04 -9.16
N ASN A 11 4.95 7.67 -8.51
CA ASN A 11 5.02 7.55 -7.06
C ASN A 11 3.91 6.64 -6.55
N LYS A 12 3.67 5.57 -7.31
CA LYS A 12 2.63 4.61 -6.99
C LYS A 12 2.92 3.27 -7.63
N PHE A 13 2.13 2.27 -7.26
CA PHE A 13 2.25 0.94 -7.79
C PHE A 13 0.87 0.47 -8.24
N TYR A 14 0.77 0.01 -9.48
CA TYR A 14 -0.52 -0.43 -10.00
C TYR A 14 -0.37 -1.74 -10.76
N ILE A 15 -1.40 -2.56 -10.68
CA ILE A 15 -1.41 -3.84 -11.38
C ILE A 15 -2.64 -3.94 -12.26
N GLY A 16 -2.41 -4.12 -13.55
CA GLY A 16 -3.51 -4.22 -14.49
C GLY A 16 -3.05 -3.94 -15.91
N ASP A 17 -3.98 -4.01 -16.84
CA ASP A 17 -3.66 -3.75 -18.25
C ASP A 17 -3.43 -2.27 -18.49
N ASP A 18 -4.34 -1.45 -18.00
CA ASP A 18 -4.25 -0.01 -18.17
C ASP A 18 -4.57 0.68 -16.85
N GLU A 19 -4.22 1.96 -16.73
CA GLU A 19 -4.47 2.72 -15.52
C GLU A 19 -5.96 2.98 -15.33
N ASN A 20 -6.71 2.97 -16.43
CA ASN A 20 -8.16 3.18 -16.38
C ASN A 20 -8.85 1.84 -16.16
N ASN A 21 -8.17 0.77 -16.54
CA ASN A 21 -8.68 -0.58 -16.40
C ASN A 21 -7.73 -1.39 -15.52
N ALA A 22 -7.41 -0.83 -14.36
CA ALA A 22 -6.50 -1.48 -13.44
C ALA A 22 -7.24 -2.35 -12.44
N LEU A 23 -6.60 -3.42 -12.01
CA LEU A 23 -7.20 -4.32 -11.04
C LEU A 23 -7.12 -3.66 -9.67
N ALA A 24 -6.01 -2.97 -9.43
CA ALA A 24 -5.80 -2.28 -8.17
C ALA A 24 -4.54 -1.42 -8.24
N GLU A 25 -4.57 -0.27 -7.57
CA GLU A 25 -3.42 0.62 -7.55
C GLU A 25 -3.28 1.27 -6.17
N ILE A 26 -2.04 1.41 -5.73
CA ILE A 26 -1.74 2.02 -4.44
C ILE A 26 -0.85 3.23 -4.64
N THR A 27 -1.15 4.31 -3.95
CA THR A 27 -0.39 5.53 -4.05
C THR A 27 0.20 5.90 -2.70
N TYR A 28 1.39 6.49 -2.70
CA TYR A 28 2.03 6.89 -1.46
C TYR A 28 2.74 8.22 -1.64
N ARG A 29 2.88 8.95 -0.55
CA ARG A 29 3.53 10.25 -0.57
C ARG A 29 4.50 10.38 0.59
N PHE A 30 5.44 11.30 0.45
CA PHE A 30 6.43 11.54 1.48
C PHE A 30 6.00 12.71 2.35
N VAL A 31 5.62 12.41 3.58
CA VAL A 31 5.17 13.45 4.51
C VAL A 31 6.36 14.20 5.10
N ASP A 32 7.52 13.56 5.09
CA ASP A 32 8.74 14.16 5.62
C ASP A 32 9.91 13.76 4.73
N ASN A 33 10.53 12.62 5.05
CA ASN A 33 11.66 12.12 4.27
C ASN A 33 11.73 10.61 4.34
N ASN A 34 11.78 10.09 5.56
CA ASN A 34 11.86 8.65 5.78
C ASN A 34 10.49 8.11 6.18
N GLU A 35 9.47 8.93 6.00
CA GLU A 35 8.11 8.53 6.33
C GLU A 35 7.21 8.64 5.11
N ILE A 36 6.60 7.53 4.73
CA ILE A 36 5.71 7.50 3.58
C ILE A 36 4.30 7.13 3.99
N ASN A 37 3.34 7.92 3.52
CA ASN A 37 1.95 7.68 3.84
C ASN A 37 1.20 7.23 2.60
N ILE A 38 0.30 6.27 2.78
CA ILE A 38 -0.50 5.78 1.67
C ILE A 38 -1.66 6.73 1.42
N ASP A 39 -1.63 7.37 0.25
CA ASP A 39 -2.64 8.34 -0.13
C ASP A 39 -3.98 7.65 -0.36
N HIS A 40 -4.11 6.94 -1.48
CA HIS A 40 -5.35 6.24 -1.79
C HIS A 40 -5.05 4.85 -2.36
N THR A 41 -6.02 3.96 -2.24
CA THR A 41 -5.86 2.59 -2.72
C THR A 41 -7.12 2.13 -3.44
N GLY A 42 -7.13 2.22 -4.76
CA GLY A 42 -8.28 1.81 -5.53
C GLY A 42 -8.14 0.36 -5.95
N VAL A 43 -9.09 -0.47 -5.53
CA VAL A 43 -9.04 -1.89 -5.83
C VAL A 43 -10.38 -2.36 -6.41
N SER A 44 -10.32 -3.18 -7.43
CA SER A 44 -11.52 -3.72 -8.05
C SER A 44 -11.99 -4.96 -7.29
N ASP A 45 -13.28 -5.23 -7.34
CA ASP A 45 -13.85 -6.38 -6.65
C ASP A 45 -13.61 -7.64 -7.48
N GLU A 46 -13.52 -7.44 -8.79
CA GLU A 46 -13.29 -8.53 -9.74
C GLU A 46 -11.87 -9.05 -9.64
N LEU A 47 -11.65 -9.95 -8.68
CA LEU A 47 -10.34 -10.56 -8.45
C LEU A 47 -9.25 -9.52 -8.19
N GLY A 48 -9.61 -8.48 -7.46
CA GLY A 48 -8.66 -7.44 -7.14
C GLY A 48 -8.12 -7.56 -5.73
N GLY A 49 -9.02 -7.55 -4.77
CA GLY A 49 -8.62 -7.67 -3.37
C GLY A 49 -8.15 -9.06 -3.01
N GLN A 50 -8.45 -10.01 -3.89
CA GLN A 50 -8.06 -11.40 -3.68
C GLN A 50 -6.55 -11.53 -3.50
N GLY A 51 -5.79 -11.02 -4.46
CA GLY A 51 -4.35 -11.10 -4.37
C GLY A 51 -3.64 -9.82 -4.78
N VAL A 52 -4.21 -9.10 -5.74
CA VAL A 52 -3.62 -7.85 -6.22
C VAL A 52 -3.44 -6.84 -5.10
N GLY A 53 -4.48 -6.68 -4.28
CA GLY A 53 -4.42 -5.74 -3.16
C GLY A 53 -3.25 -6.01 -2.23
N LYS A 54 -3.02 -7.28 -1.93
CA LYS A 54 -1.93 -7.68 -1.04
C LYS A 54 -0.58 -7.44 -1.72
N LYS A 55 -0.55 -7.66 -3.04
CA LYS A 55 0.67 -7.47 -3.83
C LYS A 55 1.09 -6.00 -3.84
N LEU A 56 0.10 -5.10 -3.83
CA LEU A 56 0.37 -3.67 -3.82
C LEU A 56 1.09 -3.28 -2.54
N LEU A 57 0.51 -3.66 -1.41
CA LEU A 57 1.09 -3.35 -0.11
C LEU A 57 2.43 -4.06 0.05
N LYS A 58 2.56 -5.22 -0.57
CA LYS A 58 3.80 -5.99 -0.52
C LYS A 58 4.95 -5.16 -1.06
N ALA A 59 4.74 -4.54 -2.22
CA ALA A 59 5.77 -3.70 -2.84
C ALA A 59 6.15 -2.53 -1.95
N VAL A 60 5.15 -1.93 -1.32
CA VAL A 60 5.37 -0.80 -0.43
C VAL A 60 6.19 -1.25 0.78
N VAL A 61 5.78 -2.37 1.37
CA VAL A 61 6.47 -2.92 2.53
C VAL A 61 7.91 -3.31 2.16
N GLU A 62 8.06 -3.91 0.99
CA GLU A 62 9.38 -4.31 0.50
C GLU A 62 10.31 -3.12 0.42
N HIS A 63 9.86 -2.06 -0.26
CA HIS A 63 10.65 -0.85 -0.43
C HIS A 63 10.91 -0.21 0.94
N ALA A 64 9.96 -0.36 1.85
CA ALA A 64 10.11 0.17 3.19
C ALA A 64 11.20 -0.57 3.95
N ARG A 65 11.36 -1.85 3.64
CA ARG A 65 12.38 -2.66 4.27
C ARG A 65 13.75 -2.31 3.69
N GLU A 66 13.75 -1.97 2.41
CA GLU A 66 14.98 -1.62 1.70
C GLU A 66 15.54 -0.27 2.17
N ASN A 67 14.68 0.74 2.19
CA ASN A 67 15.11 2.09 2.58
C ASN A 67 14.89 2.36 4.07
N ASN A 68 14.28 1.41 4.77
CA ASN A 68 14.00 1.54 6.20
C ASN A 68 13.06 2.71 6.46
N LEU A 69 12.02 2.80 5.64
CA LEU A 69 11.02 3.87 5.74
C LEU A 69 9.91 3.48 6.70
N LYS A 70 9.27 4.48 7.30
CA LYS A 70 8.16 4.24 8.22
C LYS A 70 6.87 4.21 7.43
N ILE A 71 5.98 3.29 7.77
CA ILE A 71 4.72 3.16 7.06
C ILE A 71 3.55 3.73 7.85
N ILE A 72 2.89 4.71 7.26
CA ILE A 72 1.71 5.35 7.85
C ILE A 72 0.58 5.27 6.83
N ALA A 73 -0.62 4.91 7.28
CA ALA A 73 -1.72 4.76 6.34
C ALA A 73 -2.87 5.71 6.64
N SER A 74 -3.18 6.54 5.66
CA SER A 74 -4.28 7.49 5.77
C SER A 74 -5.52 6.87 5.15
N CYS A 75 -5.31 6.05 4.13
CA CYS A 75 -6.39 5.35 3.44
C CYS A 75 -6.94 4.23 4.33
N SER A 76 -8.24 4.23 4.54
CA SER A 76 -8.90 3.24 5.39
C SER A 76 -8.61 1.80 4.95
N PHE A 77 -8.65 1.55 3.65
CA PHE A 77 -8.41 0.23 3.11
C PHE A 77 -7.00 -0.27 3.47
N ALA A 78 -5.99 0.51 3.12
CA ALA A 78 -4.61 0.16 3.39
C ALA A 78 -4.35 0.04 4.88
N LYS A 79 -4.93 0.96 5.65
CA LYS A 79 -4.78 0.97 7.10
C LYS A 79 -5.32 -0.32 7.70
N HIS A 80 -6.44 -0.77 7.18
CA HIS A 80 -7.09 -1.99 7.65
C HIS A 80 -6.23 -3.22 7.38
N MET A 81 -5.53 -3.22 6.26
CA MET A 81 -4.68 -4.34 5.88
C MET A 81 -3.37 -4.32 6.67
N LEU A 82 -2.77 -3.15 6.80
CA LEU A 82 -1.51 -3.00 7.51
C LEU A 82 -1.69 -3.28 9.00
N GLU A 83 -2.88 -3.03 9.51
CA GLU A 83 -3.18 -3.25 10.91
C GLU A 83 -3.59 -4.71 11.16
N LYS A 84 -3.94 -5.41 10.09
CA LYS A 84 -4.35 -6.80 10.20
C LYS A 84 -3.16 -7.74 10.11
N GLU A 85 -2.37 -7.59 9.05
CA GLU A 85 -1.21 -8.42 8.84
C GLU A 85 -0.11 -8.12 9.85
N ASP A 86 0.39 -9.16 10.50
CA ASP A 86 1.42 -9.04 11.51
C ASP A 86 2.71 -8.47 10.91
N SER A 87 3.09 -9.00 9.75
CA SER A 87 4.30 -8.56 9.07
C SER A 87 4.21 -7.09 8.67
N TYR A 88 2.98 -6.64 8.41
CA TYR A 88 2.76 -5.26 8.00
C TYR A 88 2.73 -4.34 9.22
N GLN A 89 2.31 -4.89 10.35
CA GLN A 89 2.22 -4.13 11.60
C GLN A 89 3.61 -3.78 12.12
N ASP A 90 4.63 -4.42 11.57
CA ASP A 90 6.00 -4.17 11.99
C ASP A 90 6.53 -2.88 11.34
N VAL A 91 6.10 -2.60 10.13
CA VAL A 91 6.53 -1.40 9.42
C VAL A 91 5.52 -0.27 9.62
N TYR A 92 4.25 -0.63 9.68
CA TYR A 92 3.18 0.34 9.88
C TYR A 92 3.07 0.70 11.36
N LEU A 93 3.00 2.00 11.64
CA LEU A 93 2.89 2.47 13.02
C LEU A 93 1.49 2.24 13.57
N GLY A 94 1.18 0.98 13.85
CA GLY A 94 -0.11 0.63 14.39
C GLY A 94 -0.06 0.35 15.87
N LEU A 95 1.07 0.71 16.48
CA LEU A 95 1.27 0.51 17.91
C LEU A 95 0.43 1.48 18.74
N GLU A 96 -0.07 2.52 18.09
CA GLU A 96 -0.88 3.52 18.75
C GLU A 96 -2.35 3.30 18.44
N HIS A 97 -2.88 2.20 18.93
CA HIS A 97 -4.28 1.87 18.72
C HIS A 97 -5.14 2.44 19.83
N HIS A 98 -4.97 3.73 20.08
CA HIS A 98 -5.70 4.43 21.12
C HIS A 98 -7.18 4.52 20.77
N HIS A 99 -8.02 4.01 21.66
CA HIS A 99 -9.47 4.00 21.47
C HIS A 99 -9.84 3.27 20.18
N HIS A 100 -9.55 1.98 20.17
CA HIS A 100 -9.85 1.16 19.00
C HIS A 100 -11.23 0.55 19.12
N HIS A 101 -12.25 1.36 18.85
CA HIS A 101 -13.62 0.90 18.94
C HIS A 101 -14.38 1.27 17.67
N HIS A 102 -14.34 0.38 16.70
CA HIS A 102 -15.01 0.59 15.42
C HIS A 102 -15.43 -0.75 14.84
N MET A 1 4.35 -6.99 -23.21
CA MET A 1 3.27 -8.00 -23.13
C MET A 1 2.39 -7.75 -21.92
N SER A 2 1.09 -7.70 -22.13
CA SER A 2 0.12 -7.48 -21.07
C SER A 2 0.26 -8.56 -19.99
N ASN A 3 0.51 -8.14 -18.76
CA ASN A 3 0.65 -9.06 -17.64
C ASN A 3 0.37 -8.35 -16.33
N LEU A 4 0.28 -9.11 -15.25
CA LEU A 4 0.01 -8.54 -13.93
C LEU A 4 1.29 -8.10 -13.23
N GLU A 5 2.08 -7.32 -13.94
CA GLU A 5 3.34 -6.82 -13.40
C GLU A 5 3.10 -5.48 -12.71
N ILE A 6 3.90 -5.19 -11.69
CA ILE A 6 3.78 -3.95 -10.96
C ILE A 6 4.38 -2.80 -11.74
N LYS A 7 3.52 -1.98 -12.32
CA LYS A 7 3.97 -0.83 -13.08
C LYS A 7 4.13 0.36 -12.15
N GLN A 8 5.35 0.86 -12.05
CA GLN A 8 5.65 1.98 -11.17
C GLN A 8 5.46 3.32 -11.85
N GLY A 9 4.63 4.15 -11.25
CA GLY A 9 4.39 5.48 -11.76
C GLY A 9 4.95 6.50 -10.79
N GLU A 10 4.69 7.78 -11.02
CA GLU A 10 5.22 8.81 -10.13
C GLU A 10 4.55 8.73 -8.77
N ASN A 11 5.28 8.13 -7.82
CA ASN A 11 4.82 7.97 -6.44
C ASN A 11 3.58 7.08 -6.37
N LYS A 12 3.55 6.04 -7.19
CA LYS A 12 2.42 5.13 -7.20
C LYS A 12 2.76 3.81 -7.89
N PHE A 13 2.05 2.76 -7.51
CA PHE A 13 2.24 1.45 -8.09
C PHE A 13 0.89 0.94 -8.58
N TYR A 14 0.81 0.52 -9.83
CA TYR A 14 -0.46 0.03 -10.36
C TYR A 14 -0.26 -1.24 -11.18
N ILE A 15 -1.28 -2.09 -11.14
CA ILE A 15 -1.25 -3.35 -11.88
C ILE A 15 -2.44 -3.41 -12.83
N GLY A 16 -2.15 -3.61 -14.10
CA GLY A 16 -3.19 -3.69 -15.11
C GLY A 16 -2.60 -3.69 -16.50
N ASP A 17 -3.41 -4.03 -17.49
CA ASP A 17 -2.94 -4.06 -18.88
C ASP A 17 -2.75 -2.64 -19.40
N ASP A 18 -3.51 -1.71 -18.86
CA ASP A 18 -3.42 -0.31 -19.28
C ASP A 18 -3.55 0.59 -18.07
N GLU A 19 -3.11 1.84 -18.20
CA GLU A 19 -3.20 2.80 -17.11
C GLU A 19 -4.64 3.13 -16.78
N ASN A 20 -5.48 3.22 -17.81
CA ASN A 20 -6.89 3.51 -17.62
C ASN A 20 -7.62 2.30 -17.05
N ASN A 21 -7.12 1.11 -17.38
CA ASN A 21 -7.71 -0.12 -16.90
C ASN A 21 -6.89 -0.70 -15.76
N ALA A 22 -6.49 0.16 -14.84
CA ALA A 22 -5.71 -0.27 -13.68
C ALA A 22 -6.59 -1.07 -12.72
N LEU A 23 -6.39 -2.38 -12.71
CA LEU A 23 -7.18 -3.27 -11.85
C LEU A 23 -6.99 -2.89 -10.39
N ALA A 24 -5.76 -2.55 -10.03
CA ALA A 24 -5.45 -2.17 -8.67
C ALA A 24 -4.31 -1.16 -8.67
N GLU A 25 -4.36 -0.21 -7.76
CA GLU A 25 -3.32 0.81 -7.66
C GLU A 25 -3.18 1.31 -6.22
N ILE A 26 -1.97 1.71 -5.88
CA ILE A 26 -1.68 2.25 -4.56
C ILE A 26 -0.79 3.48 -4.70
N THR A 27 -1.11 4.53 -3.97
CA THR A 27 -0.34 5.76 -4.05
C THR A 27 0.36 6.05 -2.73
N TYR A 28 1.60 6.51 -2.81
CA TYR A 28 2.39 6.83 -1.62
C TYR A 28 3.15 8.13 -1.85
N ARG A 29 3.63 8.74 -0.78
CA ARG A 29 4.38 9.98 -0.89
C ARG A 29 5.21 10.23 0.37
N PHE A 30 6.37 10.83 0.18
CA PHE A 30 7.25 11.15 1.30
C PHE A 30 6.79 12.44 1.97
N VAL A 31 6.15 12.30 3.13
CA VAL A 31 5.65 13.43 3.86
C VAL A 31 6.69 13.94 4.85
N ASP A 32 7.69 13.12 5.12
CA ASP A 32 8.76 13.48 6.04
C ASP A 32 10.09 13.04 5.46
N ASN A 33 11.12 12.99 6.29
CA ASN A 33 12.46 12.60 5.83
C ASN A 33 12.46 11.14 5.36
N ASN A 34 11.82 10.26 6.14
CA ASN A 34 11.77 8.83 5.80
C ASN A 34 10.38 8.26 6.06
N GLU A 35 9.37 9.12 6.04
CA GLU A 35 8.01 8.68 6.28
C GLU A 35 7.20 8.70 4.99
N ILE A 36 6.63 7.56 4.65
CA ILE A 36 5.82 7.43 3.44
C ILE A 36 4.35 7.27 3.80
N ASN A 37 3.52 8.15 3.29
CA ASN A 37 2.09 8.11 3.55
C ASN A 37 1.33 7.55 2.37
N ILE A 38 0.47 6.57 2.65
CA ILE A 38 -0.35 5.96 1.61
C ILE A 38 -1.60 6.80 1.38
N ASP A 39 -1.69 7.36 0.18
CA ASP A 39 -2.80 8.22 -0.18
C ASP A 39 -4.09 7.42 -0.40
N HIS A 40 -4.14 6.61 -1.46
CA HIS A 40 -5.34 5.82 -1.73
C HIS A 40 -4.99 4.46 -2.30
N THR A 41 -5.93 3.52 -2.18
CA THR A 41 -5.76 2.18 -2.69
C THR A 41 -7.05 1.71 -3.33
N GLY A 42 -7.03 1.50 -4.64
CA GLY A 42 -8.22 1.06 -5.34
C GLY A 42 -8.03 -0.27 -6.01
N VAL A 43 -8.93 -1.21 -5.74
CA VAL A 43 -8.87 -2.54 -6.31
C VAL A 43 -10.22 -2.90 -6.92
N SER A 44 -10.21 -3.38 -8.15
CA SER A 44 -11.44 -3.78 -8.82
C SER A 44 -11.93 -5.12 -8.30
N ASP A 45 -13.23 -5.20 -8.07
CA ASP A 45 -13.85 -6.41 -7.57
C ASP A 45 -14.51 -7.18 -8.71
N GLU A 46 -14.47 -6.60 -9.90
CA GLU A 46 -15.07 -7.22 -11.08
C GLU A 46 -14.29 -8.47 -11.49
N LEU A 47 -13.02 -8.50 -11.12
CA LEU A 47 -12.16 -9.64 -11.42
C LEU A 47 -12.30 -10.70 -10.34
N GLY A 48 -12.96 -10.33 -9.25
CA GLY A 48 -13.16 -11.24 -8.14
C GLY A 48 -12.63 -10.66 -6.84
N GLY A 49 -11.48 -11.14 -6.41
CA GLY A 49 -10.88 -10.66 -5.19
C GLY A 49 -9.49 -11.23 -4.99
N GLN A 50 -8.69 -11.19 -6.05
CA GLN A 50 -7.33 -11.69 -6.00
C GLN A 50 -6.47 -10.80 -5.10
N GLY A 51 -5.30 -11.30 -4.74
CA GLY A 51 -4.41 -10.56 -3.86
C GLY A 51 -3.64 -9.47 -4.58
N VAL A 52 -4.25 -8.87 -5.59
CA VAL A 52 -3.62 -7.81 -6.35
C VAL A 52 -3.29 -6.62 -5.45
N GLY A 53 -4.22 -6.31 -4.55
CA GLY A 53 -4.01 -5.21 -3.63
C GLY A 53 -2.94 -5.52 -2.61
N LYS A 54 -2.84 -6.79 -2.25
CA LYS A 54 -1.85 -7.24 -1.28
C LYS A 54 -0.46 -7.16 -1.90
N LYS A 55 -0.38 -7.57 -3.16
CA LYS A 55 0.86 -7.55 -3.92
C LYS A 55 1.42 -6.13 -3.98
N LEU A 56 0.53 -5.17 -4.17
CA LEU A 56 0.92 -3.77 -4.24
C LEU A 56 1.37 -3.25 -2.88
N LEU A 57 0.62 -3.58 -1.83
CA LEU A 57 0.96 -3.15 -0.48
C LEU A 57 2.29 -3.73 -0.06
N LYS A 58 2.49 -5.01 -0.35
CA LYS A 58 3.72 -5.71 0.00
C LYS A 58 4.90 -5.08 -0.72
N ALA A 59 4.69 -4.68 -1.97
CA ALA A 59 5.75 -4.06 -2.77
C ALA A 59 6.26 -2.78 -2.10
N VAL A 60 5.33 -2.04 -1.49
CA VAL A 60 5.68 -0.81 -0.80
C VAL A 60 6.40 -1.11 0.50
N VAL A 61 5.79 -1.97 1.32
CA VAL A 61 6.36 -2.35 2.62
C VAL A 61 7.73 -2.99 2.45
N GLU A 62 7.88 -3.81 1.41
CA GLU A 62 9.12 -4.49 1.12
C GLU A 62 10.25 -3.48 0.94
N HIS A 63 10.00 -2.48 0.11
CA HIS A 63 10.99 -1.45 -0.16
C HIS A 63 11.16 -0.54 1.05
N ALA A 64 10.09 -0.39 1.82
CA ALA A 64 10.12 0.43 3.02
C ALA A 64 11.11 -0.16 4.02
N ARG A 65 11.01 -1.46 4.24
CA ARG A 65 11.89 -2.15 5.17
C ARG A 65 13.35 -2.05 4.71
N GLU A 66 13.57 -2.08 3.40
CA GLU A 66 14.90 -1.99 2.84
C GLU A 66 15.59 -0.68 3.20
N ASN A 67 14.84 0.41 3.16
CA ASN A 67 15.39 1.72 3.47
C ASN A 67 15.06 2.15 4.89
N ASN A 68 14.48 1.22 5.66
CA ASN A 68 14.11 1.48 7.05
C ASN A 68 13.15 2.67 7.14
N LEU A 69 12.25 2.75 6.17
CA LEU A 69 11.27 3.83 6.09
C LEU A 69 10.11 3.57 7.05
N LYS A 70 9.45 4.65 7.43
CA LYS A 70 8.30 4.58 8.32
C LYS A 70 7.04 4.69 7.49
N ILE A 71 6.08 3.82 7.73
CA ILE A 71 4.85 3.83 6.96
C ILE A 71 3.67 4.37 7.76
N ILE A 72 2.92 5.25 7.10
CA ILE A 72 1.71 5.84 7.66
C ILE A 72 0.64 5.81 6.58
N ALA A 73 -0.53 5.33 6.91
CA ALA A 73 -1.58 5.23 5.91
C ALA A 73 -2.87 5.88 6.35
N SER A 74 -3.35 6.81 5.54
CA SER A 74 -4.61 7.49 5.81
C SER A 74 -5.73 6.66 5.21
N CYS A 75 -5.37 5.88 4.20
CA CYS A 75 -6.30 5.00 3.51
C CYS A 75 -6.74 3.88 4.46
N SER A 76 -8.03 3.86 4.77
CA SER A 76 -8.60 2.86 5.67
C SER A 76 -8.30 1.43 5.20
N PHE A 77 -8.28 1.24 3.89
CA PHE A 77 -8.02 -0.08 3.31
C PHE A 77 -6.62 -0.54 3.66
N ALA A 78 -5.63 0.31 3.36
CA ALA A 78 -4.24 -0.02 3.63
C ALA A 78 -3.99 -0.13 5.12
N LYS A 79 -4.55 0.81 5.88
CA LYS A 79 -4.43 0.83 7.33
C LYS A 79 -4.92 -0.48 7.93
N HIS A 80 -6.05 -0.95 7.42
CA HIS A 80 -6.65 -2.20 7.89
C HIS A 80 -5.75 -3.41 7.63
N MET A 81 -5.12 -3.45 6.47
CA MET A 81 -4.26 -4.57 6.13
C MET A 81 -2.90 -4.48 6.82
N LEU A 82 -2.42 -3.26 7.03
CA LEU A 82 -1.14 -3.05 7.69
C LEU A 82 -1.22 -3.41 9.17
N GLU A 83 -2.36 -3.10 9.78
CA GLU A 83 -2.57 -3.40 11.19
C GLU A 83 -3.07 -4.83 11.36
N LYS A 84 -3.52 -5.43 10.25
CA LYS A 84 -4.03 -6.79 10.24
C LYS A 84 -3.05 -7.76 10.89
N GLU A 85 -1.76 -7.57 10.62
CA GLU A 85 -0.73 -8.41 11.17
C GLU A 85 0.32 -7.54 11.86
N ASP A 86 0.82 -8.03 12.99
CA ASP A 86 1.84 -7.31 13.75
C ASP A 86 3.18 -7.37 13.05
N SER A 87 3.23 -8.10 11.94
CA SER A 87 4.45 -8.24 11.16
C SER A 87 4.81 -6.92 10.48
N TYR A 88 3.89 -5.96 10.51
CA TYR A 88 4.12 -4.66 9.92
C TYR A 88 4.12 -3.57 10.97
N GLN A 89 4.15 -3.96 12.25
CA GLN A 89 4.10 -2.99 13.34
C GLN A 89 5.43 -2.25 13.49
N ASP A 90 6.52 -2.85 13.04
CA ASP A 90 7.82 -2.20 13.16
C ASP A 90 8.03 -1.17 12.05
N VAL A 91 7.43 -1.42 10.89
CA VAL A 91 7.56 -0.50 9.76
C VAL A 91 6.41 0.49 9.72
N TYR A 92 5.20 0.01 9.98
CA TYR A 92 4.01 0.86 9.98
C TYR A 92 3.75 1.39 11.39
N LEU A 93 3.36 2.65 11.48
CA LEU A 93 3.07 3.27 12.75
C LEU A 93 1.66 2.93 13.19
N GLY A 94 1.44 1.66 13.50
CA GLY A 94 0.13 1.20 13.91
C GLY A 94 -0.12 1.41 15.39
N LEU A 95 -0.09 2.68 15.80
CA LEU A 95 -0.32 3.04 17.18
C LEU A 95 -1.72 3.60 17.35
N GLU A 96 -2.63 2.78 17.84
CA GLU A 96 -4.01 3.17 18.06
C GLU A 96 -4.10 4.12 19.26
N HIS A 97 -4.82 5.22 19.09
CA HIS A 97 -4.99 6.19 20.17
C HIS A 97 -6.02 5.71 21.18
N HIS A 98 -5.57 4.88 22.10
CA HIS A 98 -6.43 4.33 23.14
C HIS A 98 -6.22 5.07 24.45
N HIS A 99 -5.58 6.22 24.35
CA HIS A 99 -5.31 7.06 25.53
C HIS A 99 -6.53 7.90 25.88
N HIS A 100 -7.57 7.22 26.35
CA HIS A 100 -8.80 7.87 26.74
C HIS A 100 -9.32 7.28 28.04
N HIS A 101 -9.77 8.12 28.94
CA HIS A 101 -10.27 7.66 30.23
C HIS A 101 -11.71 8.13 30.44
N HIS A 102 -12.62 7.18 30.56
CA HIS A 102 -14.02 7.50 30.77
C HIS A 102 -14.57 6.67 31.93
N MET A 1 -4.34 -5.53 -22.39
CA MET A 1 -4.05 -6.98 -22.50
C MET A 1 -4.02 -7.61 -21.12
N SER A 2 -3.99 -8.94 -21.09
CA SER A 2 -3.96 -9.67 -19.83
C SER A 2 -2.57 -9.65 -19.21
N ASN A 3 -2.23 -8.54 -18.55
CA ASN A 3 -0.94 -8.40 -17.90
C ASN A 3 -1.12 -7.68 -16.57
N LEU A 4 -0.20 -7.93 -15.64
CA LEU A 4 -0.24 -7.32 -14.33
C LEU A 4 1.05 -6.55 -14.06
N GLU A 5 1.94 -7.15 -13.27
CA GLU A 5 3.23 -6.55 -12.92
C GLU A 5 3.07 -5.32 -12.03
N ILE A 6 3.91 -5.22 -11.01
CA ILE A 6 3.87 -4.10 -10.09
C ILE A 6 4.63 -2.92 -10.69
N LYS A 7 3.97 -2.19 -11.57
CA LYS A 7 4.60 -1.05 -12.21
C LYS A 7 4.75 0.10 -11.20
N GLN A 8 5.95 0.63 -11.09
CA GLN A 8 6.19 1.72 -10.16
C GLN A 8 6.42 3.03 -10.91
N GLY A 9 5.60 4.01 -10.61
CA GLY A 9 5.72 5.31 -11.23
C GLY A 9 5.09 6.40 -10.38
N GLU A 10 5.69 7.58 -10.43
CA GLU A 10 5.23 8.77 -9.67
C GLU A 10 4.81 8.42 -8.24
N ASN A 11 5.67 7.69 -7.53
CA ASN A 11 5.43 7.29 -6.14
C ASN A 11 4.12 6.52 -6.02
N LYS A 12 3.85 5.71 -7.03
CA LYS A 12 2.63 4.93 -7.07
C LYS A 12 2.89 3.55 -7.67
N PHE A 13 2.44 2.53 -6.96
CA PHE A 13 2.58 1.16 -7.43
C PHE A 13 1.27 0.76 -8.08
N TYR A 14 1.27 0.59 -9.38
CA TYR A 14 0.07 0.23 -10.09
C TYR A 14 0.27 -1.05 -10.89
N ILE A 15 -0.53 -2.04 -10.56
CA ILE A 15 -0.48 -3.32 -11.24
C ILE A 15 -1.47 -3.29 -12.39
N GLY A 16 -0.96 -3.32 -13.61
CA GLY A 16 -1.83 -3.30 -14.77
C GLY A 16 -1.05 -3.29 -16.06
N ASP A 17 -1.77 -3.38 -17.18
CA ASP A 17 -1.13 -3.39 -18.49
C ASP A 17 -0.92 -1.97 -19.01
N ASP A 18 -1.56 -1.01 -18.37
CA ASP A 18 -1.44 0.38 -18.79
C ASP A 18 -1.74 1.32 -17.62
N GLU A 19 -1.26 2.55 -17.72
CA GLU A 19 -1.49 3.56 -16.68
C GLU A 19 -2.98 3.86 -16.56
N ASN A 20 -3.71 3.70 -17.65
CA ASN A 20 -5.14 3.96 -17.65
C ASN A 20 -5.90 2.66 -17.47
N ASN A 21 -5.17 1.57 -17.25
CA ASN A 21 -5.77 0.26 -17.07
C ASN A 21 -5.09 -0.47 -15.92
N ALA A 22 -5.07 0.16 -14.76
CA ALA A 22 -4.47 -0.45 -13.59
C ALA A 22 -5.49 -1.26 -12.83
N LEU A 23 -5.16 -2.51 -12.55
CA LEU A 23 -6.04 -3.40 -11.82
C LEU A 23 -6.02 -3.03 -10.34
N ALA A 24 -4.95 -2.38 -9.94
CA ALA A 24 -4.77 -1.94 -8.56
C ALA A 24 -3.68 -0.90 -8.48
N GLU A 25 -3.92 0.17 -7.73
CA GLU A 25 -2.93 1.23 -7.59
C GLU A 25 -2.87 1.76 -6.16
N ILE A 26 -1.67 1.87 -5.62
CA ILE A 26 -1.47 2.40 -4.29
C ILE A 26 -0.54 3.59 -4.37
N THR A 27 -0.94 4.70 -3.77
CA THR A 27 -0.13 5.90 -3.82
C THR A 27 0.36 6.30 -2.44
N TYR A 28 1.62 6.68 -2.35
CA TYR A 28 2.21 7.10 -1.09
C TYR A 28 3.02 8.37 -1.32
N ARG A 29 2.87 9.33 -0.42
CA ARG A 29 3.58 10.58 -0.55
C ARG A 29 4.53 10.81 0.62
N PHE A 30 5.69 11.39 0.31
CA PHE A 30 6.69 11.68 1.31
C PHE A 30 6.38 13.01 2.00
N VAL A 31 5.84 12.94 3.20
CA VAL A 31 5.48 14.14 3.94
C VAL A 31 6.64 14.65 4.78
N ASP A 32 7.49 13.74 5.23
CA ASP A 32 8.64 14.10 6.06
C ASP A 32 9.82 13.18 5.75
N ASN A 33 9.96 12.84 4.47
CA ASN A 33 11.04 11.97 3.97
C ASN A 33 10.98 10.56 4.56
N ASN A 34 11.33 10.42 5.83
CA ASN A 34 11.32 9.12 6.49
C ASN A 34 9.91 8.74 6.92
N GLU A 35 8.93 9.47 6.43
CA GLU A 35 7.53 9.22 6.74
C GLU A 35 6.71 9.26 5.46
N ILE A 36 6.16 8.12 5.08
CA ILE A 36 5.36 8.01 3.88
C ILE A 36 3.90 7.76 4.20
N ASN A 37 3.05 8.64 3.72
CA ASN A 37 1.61 8.52 3.96
C ASN A 37 0.90 8.02 2.72
N ILE A 38 0.20 6.91 2.85
CA ILE A 38 -0.55 6.34 1.76
C ILE A 38 -1.80 7.17 1.51
N ASP A 39 -1.86 7.81 0.34
CA ASP A 39 -2.98 8.67 -0.01
C ASP A 39 -4.22 7.85 -0.36
N HIS A 40 -4.10 7.00 -1.38
CA HIS A 40 -5.23 6.17 -1.78
C HIS A 40 -4.76 4.78 -2.24
N THR A 41 -5.69 3.84 -2.22
CA THR A 41 -5.42 2.47 -2.63
C THR A 41 -6.66 1.90 -3.30
N GLY A 42 -6.63 1.78 -4.61
CA GLY A 42 -7.78 1.27 -5.33
C GLY A 42 -7.49 -0.03 -6.04
N VAL A 43 -8.49 -0.91 -6.05
CA VAL A 43 -8.36 -2.21 -6.71
C VAL A 43 -9.61 -2.49 -7.53
N SER A 44 -9.42 -2.79 -8.81
CA SER A 44 -10.53 -3.09 -9.70
C SER A 44 -10.87 -4.57 -9.59
N ASP A 45 -11.85 -4.86 -8.77
CA ASP A 45 -12.26 -6.24 -8.54
C ASP A 45 -13.77 -6.30 -8.25
N GLU A 46 -14.51 -6.88 -9.19
CA GLU A 46 -15.95 -7.01 -9.04
C GLU A 46 -16.29 -8.38 -8.46
N LEU A 47 -15.28 -9.19 -8.23
CA LEU A 47 -15.48 -10.53 -7.68
C LEU A 47 -15.25 -10.50 -6.17
N GLY A 48 -14.11 -9.97 -5.77
CA GLY A 48 -13.80 -9.88 -4.36
C GLY A 48 -12.80 -10.94 -3.92
N GLY A 49 -11.57 -10.81 -4.38
CA GLY A 49 -10.53 -11.76 -4.02
C GLY A 49 -9.22 -11.53 -4.73
N GLN A 50 -9.08 -10.39 -5.40
CA GLN A 50 -7.86 -10.06 -6.13
C GLN A 50 -6.66 -9.96 -5.18
N GLY A 51 -5.58 -10.65 -5.54
CA GLY A 51 -4.39 -10.66 -4.69
C GLY A 51 -3.43 -9.53 -5.01
N VAL A 52 -3.76 -8.74 -6.01
CA VAL A 52 -2.92 -7.61 -6.43
C VAL A 52 -2.73 -6.60 -5.29
N GLY A 53 -3.74 -6.48 -4.43
CA GLY A 53 -3.67 -5.55 -3.33
C GLY A 53 -2.56 -5.90 -2.34
N LYS A 54 -2.28 -7.20 -2.21
CA LYS A 54 -1.26 -7.67 -1.30
C LYS A 54 0.12 -7.36 -1.86
N LYS A 55 0.29 -7.55 -3.16
CA LYS A 55 1.57 -7.30 -3.82
C LYS A 55 1.93 -5.81 -3.74
N LEU A 56 0.91 -4.96 -3.80
CA LEU A 56 1.11 -3.52 -3.73
C LEU A 56 1.68 -3.13 -2.38
N LEU A 57 1.00 -3.58 -1.32
CA LEU A 57 1.43 -3.26 0.04
C LEU A 57 2.78 -3.89 0.34
N LYS A 58 3.00 -5.10 -0.18
CA LYS A 58 4.25 -5.81 0.02
C LYS A 58 5.42 -5.00 -0.51
N ALA A 59 5.22 -4.35 -1.66
CA ALA A 59 6.25 -3.54 -2.28
C ALA A 59 6.59 -2.34 -1.41
N VAL A 60 5.56 -1.72 -0.84
CA VAL A 60 5.74 -0.56 0.04
C VAL A 60 6.48 -0.96 1.31
N VAL A 61 6.03 -2.05 1.94
CA VAL A 61 6.64 -2.54 3.16
C VAL A 61 8.11 -2.93 2.92
N GLU A 62 8.36 -3.63 1.82
CA GLU A 62 9.71 -4.06 1.48
C GLU A 62 10.62 -2.85 1.27
N HIS A 63 10.13 -1.86 0.54
CA HIS A 63 10.90 -0.66 0.26
C HIS A 63 11.12 0.15 1.53
N ALA A 64 10.09 0.20 2.36
CA ALA A 64 10.15 0.94 3.62
C ALA A 64 11.13 0.31 4.60
N ARG A 65 11.28 -1.01 4.51
CA ARG A 65 12.20 -1.72 5.39
C ARG A 65 13.65 -1.38 5.06
N GLU A 66 13.95 -1.35 3.77
CA GLU A 66 15.31 -1.05 3.31
C GLU A 66 15.66 0.42 3.48
N ASN A 67 14.69 1.30 3.26
CA ASN A 67 14.93 2.73 3.34
C ASN A 67 14.61 3.30 4.70
N ASN A 68 14.19 2.43 5.62
CA ASN A 68 13.82 2.84 6.98
C ASN A 68 12.77 3.94 6.92
N LEU A 69 11.61 3.60 6.40
CA LEU A 69 10.54 4.55 6.26
C LEU A 69 9.38 4.20 7.19
N LYS A 70 8.82 5.24 7.79
CA LYS A 70 7.68 5.09 8.68
C LYS A 70 6.41 5.09 7.86
N ILE A 71 5.61 4.05 8.00
CA ILE A 71 4.38 3.93 7.23
C ILE A 71 3.16 4.44 7.99
N ILE A 72 2.39 5.26 7.30
CA ILE A 72 1.15 5.82 7.82
C ILE A 72 0.12 5.81 6.70
N ALA A 73 -1.07 5.29 6.96
CA ALA A 73 -2.09 5.19 5.92
C ALA A 73 -3.36 5.94 6.28
N SER A 74 -4.00 6.51 5.28
CA SER A 74 -5.25 7.24 5.45
C SER A 74 -6.39 6.50 4.77
N CYS A 75 -6.04 5.46 4.02
CA CYS A 75 -7.02 4.64 3.31
C CYS A 75 -7.47 3.47 4.17
N SER A 76 -8.77 3.23 4.18
CA SER A 76 -9.37 2.16 4.97
C SER A 76 -8.75 0.79 4.64
N PHE A 77 -8.61 0.49 3.36
CA PHE A 77 -8.05 -0.79 2.91
C PHE A 77 -6.61 -0.95 3.37
N ALA A 78 -5.76 0.02 3.02
CA ALA A 78 -4.35 -0.03 3.38
C ALA A 78 -4.18 -0.10 4.89
N LYS A 79 -4.92 0.72 5.62
CA LYS A 79 -4.86 0.73 7.08
C LYS A 79 -5.26 -0.62 7.64
N HIS A 80 -6.38 -1.16 7.13
CA HIS A 80 -6.88 -2.45 7.57
C HIS A 80 -5.84 -3.54 7.29
N MET A 81 -5.25 -3.49 6.12
CA MET A 81 -4.25 -4.48 5.71
C MET A 81 -3.00 -4.42 6.59
N LEU A 82 -2.53 -3.20 6.84
CA LEU A 82 -1.33 -3.01 7.66
C LEU A 82 -1.58 -3.44 9.10
N GLU A 83 -2.79 -3.18 9.58
CA GLU A 83 -3.16 -3.56 10.95
C GLU A 83 -3.51 -5.03 11.02
N LYS A 84 -3.75 -5.64 9.87
CA LYS A 84 -4.07 -7.05 9.78
C LYS A 84 -2.81 -7.88 9.87
N GLU A 85 -1.84 -7.56 9.02
CA GLU A 85 -0.58 -8.26 8.96
C GLU A 85 0.34 -7.78 10.08
N ASP A 86 0.60 -8.64 11.05
CA ASP A 86 1.46 -8.30 12.18
C ASP A 86 2.89 -7.98 11.69
N SER A 87 3.30 -8.64 10.63
CA SER A 87 4.63 -8.45 10.06
C SER A 87 4.80 -7.03 9.50
N TYR A 88 3.70 -6.41 9.12
CA TYR A 88 3.74 -5.06 8.57
C TYR A 88 3.65 -4.01 9.67
N GLN A 89 3.19 -4.41 10.84
CA GLN A 89 3.02 -3.50 11.96
C GLN A 89 4.35 -3.10 12.60
N ASP A 90 5.44 -3.68 12.12
CA ASP A 90 6.76 -3.34 12.66
C ASP A 90 7.25 -2.03 12.04
N VAL A 91 6.80 -1.77 10.81
CA VAL A 91 7.18 -0.55 10.10
C VAL A 91 6.02 0.44 10.05
N TYR A 92 4.82 -0.06 10.32
CA TYR A 92 3.63 0.77 10.31
C TYR A 92 3.26 1.18 11.73
N LEU A 93 3.07 2.46 11.94
CA LEU A 93 2.70 2.97 13.26
C LEU A 93 1.31 3.59 13.21
N GLY A 94 1.02 4.28 12.12
CA GLY A 94 -0.27 4.91 11.96
C GLY A 94 -0.40 6.15 12.81
N LEU A 95 -1.57 6.36 13.36
CA LEU A 95 -1.82 7.52 14.20
C LEU A 95 -1.55 7.18 15.66
N GLU A 96 -0.83 8.05 16.34
CA GLU A 96 -0.49 7.82 17.75
C GLU A 96 -1.62 8.32 18.64
N HIS A 97 -2.59 8.97 18.03
CA HIS A 97 -3.75 9.48 18.72
C HIS A 97 -4.93 9.47 17.77
N HIS A 98 -6.13 9.18 18.28
CA HIS A 98 -7.32 9.15 17.43
C HIS A 98 -7.66 10.58 17.00
N HIS A 99 -7.18 10.94 15.83
CA HIS A 99 -7.39 12.26 15.27
C HIS A 99 -8.68 12.29 14.46
N HIS A 100 -9.57 13.21 14.80
CA HIS A 100 -10.82 13.36 14.08
C HIS A 100 -10.54 13.96 12.71
N HIS A 101 -11.02 13.30 11.67
CA HIS A 101 -10.82 13.77 10.30
C HIS A 101 -11.31 15.19 10.12
N HIS A 102 -10.65 15.93 9.23
CA HIS A 102 -11.01 17.30 8.96
C HIS A 102 -12.41 17.38 8.36
N MET A 1 -3.93 -6.38 -22.38
CA MET A 1 -3.75 -7.84 -22.34
C MET A 1 -3.80 -8.35 -20.90
N SER A 2 -3.76 -9.66 -20.73
CA SER A 2 -3.80 -10.25 -19.40
C SER A 2 -2.39 -10.33 -18.81
N ASN A 3 -1.96 -9.23 -18.22
CA ASN A 3 -0.63 -9.15 -17.62
C ASN A 3 -0.68 -8.31 -16.36
N LEU A 4 -0.10 -8.81 -15.28
CA LEU A 4 -0.09 -8.10 -14.02
C LEU A 4 1.18 -7.27 -13.87
N GLU A 5 2.14 -7.78 -13.10
CA GLU A 5 3.42 -7.12 -12.85
C GLU A 5 3.24 -5.85 -12.03
N ILE A 6 3.96 -5.76 -10.94
CA ILE A 6 3.88 -4.58 -10.07
C ILE A 6 4.71 -3.46 -10.69
N LYS A 7 4.03 -2.58 -11.40
CA LYS A 7 4.68 -1.46 -12.05
C LYS A 7 4.80 -0.31 -11.06
N GLN A 8 5.99 0.27 -10.95
CA GLN A 8 6.21 1.38 -10.03
C GLN A 8 6.47 2.65 -10.80
N GLY A 9 5.74 3.70 -10.47
CA GLY A 9 5.89 4.98 -11.13
C GLY A 9 5.33 6.12 -10.34
N GLU A 10 5.97 7.28 -10.43
CA GLU A 10 5.57 8.51 -9.73
C GLU A 10 5.08 8.27 -8.31
N ASN A 11 5.89 7.58 -7.52
CA ASN A 11 5.57 7.28 -6.11
C ASN A 11 4.26 6.49 -6.00
N LYS A 12 4.05 5.57 -6.93
CA LYS A 12 2.84 4.76 -6.92
C LYS A 12 3.13 3.37 -7.46
N PHE A 13 2.57 2.38 -6.80
CA PHE A 13 2.70 0.99 -7.22
C PHE A 13 1.38 0.57 -7.83
N TYR A 14 1.40 0.23 -9.10
CA TYR A 14 0.18 -0.18 -9.78
C TYR A 14 0.40 -1.46 -10.58
N ILE A 15 -0.57 -2.35 -10.49
CA ILE A 15 -0.52 -3.60 -11.20
C ILE A 15 -1.47 -3.55 -12.39
N GLY A 16 -0.93 -3.79 -13.57
CA GLY A 16 -1.72 -3.76 -14.78
C GLY A 16 -0.85 -3.86 -16.01
N ASP A 17 -1.49 -4.14 -17.15
CA ASP A 17 -0.78 -4.27 -18.41
C ASP A 17 -0.50 -2.90 -19.02
N ASP A 18 -1.15 -1.88 -18.48
CA ASP A 18 -0.99 -0.51 -18.96
C ASP A 18 -1.35 0.47 -17.84
N GLU A 19 -0.82 1.68 -17.93
CA GLU A 19 -1.05 2.72 -16.91
C GLU A 19 -2.55 3.01 -16.72
N ASN A 20 -3.30 3.01 -17.82
CA ASN A 20 -4.74 3.29 -17.75
C ASN A 20 -5.51 2.01 -17.53
N ASN A 21 -4.78 0.92 -17.37
CA ASN A 21 -5.38 -0.39 -17.13
C ASN A 21 -4.91 -0.90 -15.78
N ALA A 22 -4.65 0.04 -14.88
CA ALA A 22 -4.20 -0.27 -13.54
C ALA A 22 -5.34 -0.89 -12.73
N LEU A 23 -5.30 -2.20 -12.60
CA LEU A 23 -6.31 -2.94 -11.86
C LEU A 23 -6.23 -2.61 -10.38
N ALA A 24 -5.01 -2.38 -9.92
CA ALA A 24 -4.79 -2.05 -8.52
C ALA A 24 -3.65 -1.04 -8.42
N GLU A 25 -3.90 0.06 -7.73
CA GLU A 25 -2.86 1.09 -7.56
C GLU A 25 -2.89 1.67 -6.16
N ILE A 26 -1.70 1.83 -5.58
CA ILE A 26 -1.54 2.41 -4.27
C ILE A 26 -0.57 3.59 -4.37
N THR A 27 -0.96 4.72 -3.81
CA THR A 27 -0.13 5.91 -3.89
C THR A 27 0.44 6.26 -2.52
N TYR A 28 1.72 6.60 -2.51
CA TYR A 28 2.39 6.98 -1.27
C TYR A 28 3.22 8.24 -1.52
N ARG A 29 3.17 9.17 -0.59
CA ARG A 29 3.90 10.41 -0.73
C ARG A 29 4.94 10.57 0.37
N PHE A 30 6.09 11.11 0.01
CA PHE A 30 7.17 11.34 0.96
C PHE A 30 6.89 12.63 1.71
N VAL A 31 6.11 12.53 2.77
CA VAL A 31 5.74 13.70 3.57
C VAL A 31 6.89 14.19 4.44
N ASP A 32 7.84 13.31 4.73
CA ASP A 32 8.99 13.69 5.56
C ASP A 32 10.22 12.88 5.15
N ASN A 33 10.38 12.70 3.84
CA ASN A 33 11.51 11.95 3.27
C ASN A 33 11.48 10.47 3.66
N ASN A 34 11.68 10.16 4.93
CA ASN A 34 11.65 8.78 5.39
C ASN A 34 10.23 8.37 5.74
N GLU A 35 9.37 9.35 5.92
CA GLU A 35 7.98 9.10 6.25
C GLU A 35 7.14 9.10 4.98
N ILE A 36 6.50 7.97 4.69
CA ILE A 36 5.67 7.86 3.50
C ILE A 36 4.19 7.72 3.87
N ASN A 37 3.39 8.64 3.36
CA ASN A 37 1.96 8.65 3.63
C ASN A 37 1.18 8.12 2.44
N ILE A 38 0.48 7.01 2.66
CA ILE A 38 -0.34 6.41 1.62
C ILE A 38 -1.60 7.24 1.44
N ASP A 39 -1.79 7.77 0.24
CA ASP A 39 -2.93 8.61 -0.05
C ASP A 39 -4.20 7.79 -0.28
N HIS A 40 -4.15 6.90 -1.26
CA HIS A 40 -5.31 6.06 -1.56
C HIS A 40 -4.88 4.66 -2.00
N THR A 41 -5.88 3.79 -2.15
CA THR A 41 -5.66 2.41 -2.57
C THR A 41 -6.87 1.93 -3.37
N GLY A 42 -6.75 1.92 -4.69
CA GLY A 42 -7.85 1.51 -5.52
C GLY A 42 -7.61 0.19 -6.23
N VAL A 43 -8.60 -0.69 -6.13
CA VAL A 43 -8.53 -2.02 -6.75
C VAL A 43 -9.85 -2.34 -7.42
N SER A 44 -9.80 -2.81 -8.66
CA SER A 44 -11.00 -3.17 -9.40
C SER A 44 -11.54 -4.51 -8.90
N ASP A 45 -12.81 -4.55 -8.55
CA ASP A 45 -13.41 -5.79 -8.07
C ASP A 45 -13.88 -6.64 -9.24
N GLU A 46 -13.00 -7.51 -9.69
CA GLU A 46 -13.28 -8.38 -10.81
C GLU A 46 -14.03 -9.64 -10.36
N LEU A 47 -13.48 -10.34 -9.38
CA LEU A 47 -14.10 -11.57 -8.90
C LEU A 47 -14.02 -11.69 -7.37
N GLY A 48 -13.62 -10.61 -6.72
CA GLY A 48 -13.50 -10.63 -5.27
C GLY A 48 -12.13 -11.05 -4.80
N GLY A 49 -11.61 -12.11 -5.39
CA GLY A 49 -10.29 -12.60 -5.03
C GLY A 49 -9.18 -11.77 -5.64
N GLN A 50 -9.13 -10.49 -5.30
CA GLN A 50 -8.12 -9.60 -5.82
C GLN A 50 -6.88 -9.58 -4.94
N GLY A 51 -5.94 -10.45 -5.25
CA GLY A 51 -4.71 -10.54 -4.49
C GLY A 51 -3.77 -9.39 -4.83
N VAL A 52 -4.09 -8.67 -5.89
CA VAL A 52 -3.31 -7.53 -6.34
C VAL A 52 -3.17 -6.48 -5.24
N GLY A 53 -4.24 -6.30 -4.47
CA GLY A 53 -4.22 -5.34 -3.38
C GLY A 53 -3.16 -5.67 -2.35
N LYS A 54 -3.08 -6.96 -2.02
CA LYS A 54 -2.09 -7.43 -1.05
C LYS A 54 -0.70 -7.33 -1.64
N LYS A 55 -0.61 -7.56 -2.94
CA LYS A 55 0.66 -7.50 -3.65
C LYS A 55 1.21 -6.07 -3.62
N LEU A 56 0.31 -5.09 -3.72
CA LEU A 56 0.70 -3.69 -3.69
C LEU A 56 1.38 -3.34 -2.37
N LEU A 57 0.68 -3.60 -1.27
CA LEU A 57 1.21 -3.32 0.05
C LEU A 57 2.50 -4.08 0.31
N LYS A 58 2.59 -5.30 -0.19
CA LYS A 58 3.78 -6.13 -0.02
C LYS A 58 4.99 -5.43 -0.63
N ALA A 59 4.80 -4.84 -1.81
CA ALA A 59 5.86 -4.13 -2.50
C ALA A 59 6.23 -2.85 -1.75
N VAL A 60 5.21 -2.13 -1.29
CA VAL A 60 5.41 -0.89 -0.55
C VAL A 60 6.21 -1.15 0.73
N VAL A 61 5.76 -2.14 1.49
CA VAL A 61 6.43 -2.50 2.75
C VAL A 61 7.87 -2.95 2.51
N GLU A 62 8.08 -3.67 1.41
CA GLU A 62 9.41 -4.16 1.06
C GLU A 62 10.37 -3.00 0.87
N HIS A 63 10.02 -2.08 -0.03
CA HIS A 63 10.84 -0.93 -0.32
C HIS A 63 10.98 -0.04 0.92
N ALA A 64 9.91 0.04 1.70
CA ALA A 64 9.92 0.84 2.91
C ALA A 64 10.92 0.29 3.91
N ARG A 65 10.84 -1.01 4.18
CA ARG A 65 11.73 -1.66 5.14
C ARG A 65 13.19 -1.52 4.71
N GLU A 66 13.45 -1.69 3.42
CA GLU A 66 14.81 -1.60 2.89
C GLU A 66 15.38 -0.19 3.00
N ASN A 67 14.51 0.82 2.94
CA ASN A 67 14.95 2.20 3.00
C ASN A 67 14.66 2.83 4.37
N ASN A 68 14.25 1.98 5.32
CA ASN A 68 13.92 2.42 6.68
C ASN A 68 12.87 3.53 6.66
N LEU A 69 11.84 3.32 5.86
CA LEU A 69 10.76 4.28 5.72
C LEU A 69 9.64 3.97 6.70
N LYS A 70 9.02 5.01 7.22
CA LYS A 70 7.92 4.86 8.15
C LYS A 70 6.61 4.86 7.36
N ILE A 71 5.78 3.86 7.60
CA ILE A 71 4.53 3.74 6.85
C ILE A 71 3.32 4.26 7.62
N ILE A 72 2.64 5.23 7.01
CA ILE A 72 1.43 5.80 7.56
C ILE A 72 0.38 5.85 6.46
N ALA A 73 -0.73 5.16 6.65
CA ALA A 73 -1.78 5.12 5.64
C ALA A 73 -2.98 5.97 6.04
N SER A 74 -3.55 6.66 5.07
CA SER A 74 -4.72 7.49 5.30
C SER A 74 -5.98 6.69 5.02
N CYS A 75 -5.89 5.77 4.07
CA CYS A 75 -7.01 4.93 3.70
C CYS A 75 -7.30 3.89 4.79
N SER A 76 -8.54 3.83 5.22
CA SER A 76 -8.95 2.89 6.27
C SER A 76 -8.70 1.45 5.84
N PHE A 77 -8.80 1.19 4.53
CA PHE A 77 -8.57 -0.14 4.00
C PHE A 77 -7.11 -0.55 4.17
N ALA A 78 -6.21 0.24 3.60
CA ALA A 78 -4.77 -0.05 3.68
C ALA A 78 -4.29 0.01 5.12
N LYS A 79 -4.85 0.94 5.89
CA LYS A 79 -4.48 1.09 7.29
C LYS A 79 -4.76 -0.19 8.07
N HIS A 80 -5.96 -0.74 7.85
CA HIS A 80 -6.36 -1.97 8.54
C HIS A 80 -5.50 -3.15 8.10
N MET A 81 -5.05 -3.12 6.86
CA MET A 81 -4.22 -4.20 6.34
C MET A 81 -2.89 -4.24 7.09
N LEU A 82 -2.39 -3.06 7.43
CA LEU A 82 -1.13 -2.94 8.14
C LEU A 82 -1.31 -3.36 9.60
N GLU A 83 -2.57 -3.34 10.06
CA GLU A 83 -2.89 -3.73 11.44
C GLU A 83 -3.05 -5.24 11.54
N LYS A 84 -3.71 -5.80 10.52
CA LYS A 84 -3.96 -7.24 10.48
C LYS A 84 -2.67 -8.02 10.30
N GLU A 85 -1.81 -7.55 9.41
CA GLU A 85 -0.53 -8.21 9.15
C GLU A 85 0.50 -7.77 10.17
N ASP A 86 0.88 -8.70 11.05
CA ASP A 86 1.85 -8.42 12.09
C ASP A 86 3.19 -8.03 11.50
N SER A 87 3.49 -8.55 10.33
CA SER A 87 4.74 -8.25 9.65
C SER A 87 4.78 -6.79 9.19
N TYR A 88 3.60 -6.20 9.02
CA TYR A 88 3.50 -4.81 8.58
C TYR A 88 3.51 -3.86 9.78
N GLN A 89 3.01 -4.35 10.92
CA GLN A 89 2.93 -3.56 12.14
C GLN A 89 4.31 -3.07 12.60
N ASP A 90 5.36 -3.73 12.11
CA ASP A 90 6.72 -3.35 12.48
C ASP A 90 7.10 -2.00 11.90
N VAL A 91 6.90 -1.83 10.59
CA VAL A 91 7.23 -0.58 9.92
C VAL A 91 6.07 0.41 9.98
N TYR A 92 4.87 -0.11 10.16
CA TYR A 92 3.69 0.72 10.24
C TYR A 92 3.57 1.29 11.66
N LEU A 93 3.51 2.60 11.76
CA LEU A 93 3.40 3.25 13.06
C LEU A 93 2.04 3.92 13.22
N GLY A 94 1.46 4.33 12.10
CA GLY A 94 0.16 4.98 12.13
C GLY A 94 0.20 6.29 12.89
N LEU A 95 -0.68 6.45 13.86
CA LEU A 95 -0.72 7.66 14.66
C LEU A 95 -0.17 7.40 16.05
N GLU A 96 0.78 8.21 16.47
CA GLU A 96 1.39 8.08 17.79
C GLU A 96 0.44 8.64 18.83
N HIS A 97 -0.40 9.56 18.41
CA HIS A 97 -1.36 10.20 19.28
C HIS A 97 -2.64 10.49 18.52
N HIS A 98 -3.78 10.26 19.15
CA HIS A 98 -5.08 10.52 18.53
C HIS A 98 -5.22 12.01 18.26
N HIS A 99 -5.02 12.40 17.01
CA HIS A 99 -5.11 13.79 16.62
C HIS A 99 -6.48 14.09 16.03
N HIS A 100 -7.11 15.14 16.54
CA HIS A 100 -8.43 15.54 16.06
C HIS A 100 -8.35 15.97 14.59
N HIS A 101 -9.18 15.38 13.75
CA HIS A 101 -9.20 15.70 12.33
C HIS A 101 -9.66 17.14 12.12
N HIS A 102 -9.32 17.69 10.97
CA HIS A 102 -9.68 19.06 10.64
C HIS A 102 -11.00 19.06 9.89
N MET A 1 1.80 -12.42 -17.24
CA MET A 1 0.77 -13.30 -16.65
C MET A 1 -0.54 -12.53 -16.49
N SER A 2 -1.28 -12.41 -17.59
CA SER A 2 -2.55 -11.69 -17.62
C SER A 2 -2.32 -10.19 -17.41
N ASN A 3 -2.13 -9.79 -16.15
CA ASN A 3 -1.89 -8.40 -15.80
C ASN A 3 -1.48 -8.30 -14.34
N LEU A 4 -0.97 -9.41 -13.81
CA LEU A 4 -0.58 -9.49 -12.41
C LEU A 4 0.79 -8.86 -12.16
N GLU A 5 1.47 -8.46 -13.23
CA GLU A 5 2.79 -7.85 -13.12
C GLU A 5 2.66 -6.44 -12.56
N ILE A 6 3.25 -6.22 -11.38
CA ILE A 6 3.21 -4.92 -10.72
C ILE A 6 3.87 -3.84 -11.57
N LYS A 7 3.07 -2.87 -11.99
CA LYS A 7 3.58 -1.78 -12.82
C LYS A 7 4.02 -0.62 -11.94
N GLN A 8 5.12 0.01 -12.31
CA GLN A 8 5.65 1.12 -11.56
C GLN A 8 5.08 2.44 -12.09
N GLY A 9 4.80 3.36 -11.19
CA GLY A 9 4.27 4.65 -11.59
C GLY A 9 4.92 5.77 -10.81
N GLU A 10 4.44 7.00 -11.02
CA GLU A 10 4.99 8.15 -10.32
C GLU A 10 4.67 8.10 -8.83
N ASN A 11 5.62 7.58 -8.05
CA ASN A 11 5.47 7.45 -6.60
C ASN A 11 4.29 6.54 -6.26
N LYS A 12 4.07 5.53 -7.10
CA LYS A 12 2.97 4.61 -6.90
C LYS A 12 3.19 3.30 -7.63
N PHE A 13 2.33 2.33 -7.35
CA PHE A 13 2.37 1.02 -7.99
C PHE A 13 0.97 0.64 -8.39
N TYR A 14 0.80 0.05 -9.56
CA TYR A 14 -0.52 -0.33 -10.03
C TYR A 14 -0.50 -1.68 -10.75
N ILE A 15 -1.61 -2.39 -10.65
CA ILE A 15 -1.78 -3.69 -11.28
C ILE A 15 -3.08 -3.68 -12.08
N GLY A 16 -3.01 -4.07 -13.34
CA GLY A 16 -4.19 -4.08 -14.16
C GLY A 16 -3.87 -4.09 -15.63
N ASP A 17 -4.87 -3.78 -16.44
CA ASP A 17 -4.72 -3.76 -17.89
C ASP A 17 -3.74 -2.67 -18.34
N ASP A 18 -3.88 -1.49 -17.79
CA ASP A 18 -3.03 -0.37 -18.16
C ASP A 18 -3.09 0.70 -17.07
N GLU A 19 -2.27 1.75 -17.19
CA GLU A 19 -2.28 2.83 -16.23
C GLU A 19 -3.65 3.53 -16.27
N ASN A 20 -4.24 3.55 -17.45
CA ASN A 20 -5.57 4.17 -17.64
C ASN A 20 -6.67 3.18 -17.29
N ASN A 21 -6.29 1.92 -17.13
CA ASN A 21 -7.24 0.85 -16.81
C ASN A 21 -6.70 0.00 -15.67
N ALA A 22 -6.26 0.66 -14.60
CA ALA A 22 -5.69 -0.04 -13.47
C ALA A 22 -6.77 -0.64 -12.58
N LEU A 23 -6.59 -1.91 -12.25
CA LEU A 23 -7.52 -2.61 -11.38
C LEU A 23 -7.19 -2.26 -9.94
N ALA A 24 -5.96 -2.54 -9.56
CA ALA A 24 -5.47 -2.25 -8.22
C ALA A 24 -4.41 -1.17 -8.30
N GLU A 25 -4.45 -0.25 -7.35
CA GLU A 25 -3.48 0.85 -7.33
C GLU A 25 -3.18 1.27 -5.91
N ILE A 26 -1.92 1.62 -5.66
CA ILE A 26 -1.48 2.08 -4.36
C ILE A 26 -0.55 3.28 -4.54
N THR A 27 -0.82 4.34 -3.82
CA THR A 27 0.01 5.53 -3.92
C THR A 27 0.64 5.86 -2.58
N TYR A 28 1.92 6.19 -2.61
CA TYR A 28 2.64 6.54 -1.40
C TYR A 28 3.41 7.83 -1.64
N ARG A 29 2.98 8.88 -1.00
CA ARG A 29 3.63 10.17 -1.14
C ARG A 29 4.47 10.49 0.08
N PHE A 30 5.58 11.16 -0.15
CA PHE A 30 6.49 11.52 0.92
C PHE A 30 5.99 12.74 1.68
N VAL A 31 5.73 12.57 2.97
CA VAL A 31 5.29 13.67 3.81
C VAL A 31 6.51 14.29 4.48
N ASP A 32 7.61 13.55 4.41
CA ASP A 32 8.87 13.97 4.97
C ASP A 32 9.99 13.29 4.17
N ASN A 33 11.18 13.18 4.75
CA ASN A 33 12.29 12.55 4.05
C ASN A 33 12.29 11.05 4.27
N ASN A 34 11.99 10.64 5.49
CA ASN A 34 11.96 9.23 5.84
C ASN A 34 10.55 8.80 6.26
N GLU A 35 9.55 9.54 5.81
CA GLU A 35 8.16 9.24 6.14
C GLU A 35 7.28 9.29 4.90
N ILE A 36 6.53 8.22 4.67
CA ILE A 36 5.65 8.14 3.50
C ILE A 36 4.21 7.86 3.93
N ASN A 37 3.27 8.33 3.14
CA ASN A 37 1.86 8.13 3.44
C ASN A 37 1.15 7.48 2.26
N ILE A 38 0.33 6.50 2.55
CA ILE A 38 -0.43 5.79 1.54
C ILE A 38 -1.85 6.35 1.51
N ASP A 39 -2.11 7.22 0.55
CA ASP A 39 -3.42 7.87 0.44
C ASP A 39 -4.38 7.08 -0.43
N HIS A 40 -3.87 6.26 -1.34
CA HIS A 40 -4.74 5.50 -2.22
C HIS A 40 -4.42 4.01 -2.19
N THR A 41 -5.46 3.21 -2.09
CA THR A 41 -5.36 1.76 -2.08
C THR A 41 -6.68 1.17 -2.58
N GLY A 42 -6.81 1.05 -3.89
CA GLY A 42 -8.02 0.53 -4.46
C GLY A 42 -7.78 -0.72 -5.27
N VAL A 43 -8.66 -1.70 -5.12
CA VAL A 43 -8.56 -2.95 -5.84
C VAL A 43 -9.89 -3.23 -6.53
N SER A 44 -9.96 -2.89 -7.79
CA SER A 44 -11.16 -3.11 -8.59
C SER A 44 -11.08 -4.46 -9.29
N ASP A 45 -12.20 -5.15 -9.38
CA ASP A 45 -12.25 -6.45 -10.03
C ASP A 45 -13.69 -6.84 -10.33
N GLU A 46 -13.92 -7.26 -11.56
CA GLU A 46 -15.24 -7.67 -11.99
C GLU A 46 -15.46 -9.16 -11.73
N LEU A 47 -14.40 -9.88 -11.38
CA LEU A 47 -14.50 -11.31 -11.12
C LEU A 47 -15.11 -11.55 -9.75
N GLY A 48 -14.47 -11.03 -8.70
CA GLY A 48 -14.99 -11.23 -7.36
C GLY A 48 -14.07 -10.72 -6.27
N GLY A 49 -12.89 -10.26 -6.65
CA GLY A 49 -11.94 -9.76 -5.67
C GLY A 49 -10.61 -10.48 -5.76
N GLN A 50 -9.58 -9.74 -6.12
CA GLN A 50 -8.25 -10.32 -6.25
C GLN A 50 -7.34 -9.80 -5.16
N GLY A 51 -6.49 -10.67 -4.64
CA GLY A 51 -5.57 -10.27 -3.59
C GLY A 51 -4.31 -9.62 -4.12
N VAL A 52 -4.48 -8.76 -5.12
CA VAL A 52 -3.35 -8.07 -5.72
C VAL A 52 -2.89 -6.92 -4.83
N GLY A 53 -3.80 -6.40 -4.02
CA GLY A 53 -3.47 -5.31 -3.12
C GLY A 53 -2.44 -5.72 -2.10
N LYS A 54 -2.43 -7.01 -1.77
CA LYS A 54 -1.48 -7.55 -0.80
C LYS A 54 -0.05 -7.43 -1.30
N LYS A 55 0.13 -7.62 -2.61
CA LYS A 55 1.45 -7.53 -3.22
C LYS A 55 1.90 -6.08 -3.30
N LEU A 56 0.94 -5.19 -3.48
CA LEU A 56 1.21 -3.76 -3.60
C LEU A 56 1.69 -3.19 -2.27
N LEU A 57 0.94 -3.46 -1.21
CA LEU A 57 1.28 -2.97 0.12
C LEU A 57 2.60 -3.55 0.59
N LYS A 58 2.82 -4.84 0.29
CA LYS A 58 4.05 -5.53 0.68
C LYS A 58 5.27 -4.82 0.11
N ALA A 59 5.18 -4.41 -1.15
CA ALA A 59 6.28 -3.72 -1.82
C ALA A 59 6.62 -2.42 -1.11
N VAL A 60 5.58 -1.71 -0.68
CA VAL A 60 5.76 -0.45 0.02
C VAL A 60 6.43 -0.68 1.37
N VAL A 61 5.95 -1.69 2.10
CA VAL A 61 6.50 -2.05 3.40
C VAL A 61 7.97 -2.43 3.25
N GLU A 62 8.26 -3.25 2.24
CA GLU A 62 9.62 -3.70 1.97
C GLU A 62 10.53 -2.52 1.67
N HIS A 63 10.05 -1.60 0.84
CA HIS A 63 10.81 -0.41 0.46
C HIS A 63 11.04 0.48 1.69
N ALA A 64 10.02 0.60 2.52
CA ALA A 64 10.10 1.41 3.72
C ALA A 64 11.12 0.83 4.69
N ARG A 65 11.03 -0.47 4.93
CA ARG A 65 11.95 -1.14 5.83
C ARG A 65 13.39 -1.02 5.33
N GLU A 66 13.58 -1.14 4.04
CA GLU A 66 14.89 -1.08 3.43
C GLU A 66 15.51 0.33 3.50
N ASN A 67 14.67 1.35 3.39
CA ASN A 67 15.17 2.73 3.41
C ASN A 67 14.91 3.41 4.75
N ASN A 68 14.46 2.64 5.73
CA ASN A 68 14.16 3.16 7.07
C ASN A 68 13.13 4.28 6.99
N LEU A 69 11.98 3.97 6.41
CA LEU A 69 10.91 4.93 6.25
C LEU A 69 9.71 4.54 7.11
N LYS A 70 8.99 5.55 7.58
CA LYS A 70 7.81 5.33 8.39
C LYS A 70 6.58 5.36 7.49
N ILE A 71 5.64 4.44 7.71
CA ILE A 71 4.45 4.38 6.88
C ILE A 71 3.19 4.78 7.63
N ILE A 72 2.50 5.78 7.08
CA ILE A 72 1.23 6.25 7.64
C ILE A 72 0.17 6.19 6.55
N ALA A 73 -0.60 5.11 6.56
CA ALA A 73 -1.64 4.90 5.56
C ALA A 73 -2.87 5.75 5.85
N SER A 74 -3.18 6.66 4.93
CA SER A 74 -4.33 7.53 5.06
C SER A 74 -5.57 6.81 4.52
N CYS A 75 -5.32 5.81 3.69
CA CYS A 75 -6.39 5.01 3.10
C CYS A 75 -6.81 3.93 4.09
N SER A 76 -8.12 3.70 4.19
CA SER A 76 -8.67 2.72 5.12
C SER A 76 -8.18 1.30 4.85
N PHE A 77 -8.20 0.89 3.59
CA PHE A 77 -7.78 -0.47 3.22
C PHE A 77 -6.33 -0.75 3.60
N ALA A 78 -5.43 0.13 3.19
CA ALA A 78 -4.01 -0.03 3.48
C ALA A 78 -3.76 -0.13 4.98
N LYS A 79 -4.37 0.78 5.73
CA LYS A 79 -4.21 0.80 7.18
C LYS A 79 -4.78 -0.47 7.81
N HIS A 80 -5.87 -0.96 7.23
CA HIS A 80 -6.54 -2.16 7.71
C HIS A 80 -5.60 -3.36 7.69
N MET A 81 -4.83 -3.49 6.63
CA MET A 81 -3.90 -4.60 6.48
C MET A 81 -2.65 -4.39 7.33
N LEU A 82 -2.20 -3.14 7.43
CA LEU A 82 -1.01 -2.80 8.21
C LEU A 82 -1.21 -3.18 9.68
N GLU A 83 -2.40 -2.95 10.21
CA GLU A 83 -2.71 -3.26 11.60
C GLU A 83 -2.97 -4.75 11.82
N LYS A 84 -3.21 -5.47 10.73
CA LYS A 84 -3.48 -6.90 10.82
C LYS A 84 -2.19 -7.71 10.74
N GLU A 85 -1.37 -7.43 9.73
CA GLU A 85 -0.12 -8.13 9.55
C GLU A 85 0.90 -7.68 10.58
N ASP A 86 1.37 -8.64 11.37
CA ASP A 86 2.36 -8.35 12.42
C ASP A 86 3.67 -7.85 11.83
N SER A 87 3.98 -8.30 10.62
CA SER A 87 5.20 -7.90 9.93
C SER A 87 5.09 -6.46 9.44
N TYR A 88 3.89 -6.06 9.04
CA TYR A 88 3.65 -4.72 8.53
C TYR A 88 3.58 -3.72 9.69
N GLN A 89 3.29 -4.23 10.87
CA GLN A 89 3.17 -3.41 12.07
C GLN A 89 4.54 -2.89 12.52
N ASP A 90 5.58 -3.36 11.84
CA ASP A 90 6.95 -2.94 12.15
C ASP A 90 7.20 -1.52 11.65
N VAL A 91 6.78 -1.24 10.42
CA VAL A 91 6.95 0.08 9.83
C VAL A 91 5.74 0.96 10.10
N TYR A 92 4.71 0.37 10.68
CA TYR A 92 3.49 1.09 11.02
C TYR A 92 3.61 1.69 12.42
N LEU A 93 3.20 2.93 12.56
CA LEU A 93 3.27 3.62 13.85
C LEU A 93 1.97 3.45 14.64
N GLY A 94 0.86 3.85 14.05
CA GLY A 94 -0.41 3.73 14.72
C GLY A 94 -1.31 4.93 14.48
N LEU A 95 -2.35 4.74 13.68
CA LEU A 95 -3.28 5.81 13.37
C LEU A 95 -4.65 5.54 13.95
N GLU A 96 -4.77 4.47 14.72
CA GLU A 96 -6.04 4.12 15.34
C GLU A 96 -5.95 4.30 16.85
N HIS A 97 -5.34 3.34 17.54
CA HIS A 97 -5.24 3.43 18.99
C HIS A 97 -3.95 2.82 19.50
N HIS A 98 -2.91 3.63 19.58
CA HIS A 98 -1.62 3.18 20.10
C HIS A 98 -1.62 3.34 21.61
N HIS A 99 -2.59 4.10 22.10
CA HIS A 99 -2.75 4.35 23.53
C HIS A 99 -4.14 4.92 23.78
N HIS A 100 -4.67 4.74 24.98
CA HIS A 100 -5.98 5.26 25.33
C HIS A 100 -5.91 6.76 25.54
N HIS A 101 -5.12 7.17 26.52
CA HIS A 101 -4.95 8.58 26.84
C HIS A 101 -3.68 8.78 27.66
N HIS A 102 -3.49 7.92 28.65
CA HIS A 102 -2.32 8.00 29.50
C HIS A 102 -1.50 6.73 29.35
N MET A 1 -3.25 -3.07 -24.31
CA MET A 1 -2.84 -4.48 -24.54
C MET A 1 -3.05 -5.30 -23.26
N SER A 2 -3.17 -6.61 -23.41
CA SER A 2 -3.35 -7.48 -22.26
C SER A 2 -2.03 -7.68 -21.53
N ASN A 3 -1.76 -6.78 -20.58
CA ASN A 3 -0.53 -6.84 -19.81
C ASN A 3 -0.76 -6.28 -18.41
N LEU A 4 0.14 -6.59 -17.50
CA LEU A 4 0.04 -6.10 -16.12
C LEU A 4 1.40 -5.56 -15.67
N GLU A 5 2.10 -6.33 -14.83
CA GLU A 5 3.43 -5.97 -14.32
C GLU A 5 3.35 -4.77 -13.37
N ILE A 6 4.15 -4.82 -12.31
CA ILE A 6 4.19 -3.76 -11.33
C ILE A 6 5.00 -2.59 -11.86
N LYS A 7 4.32 -1.62 -12.44
CA LYS A 7 4.98 -0.45 -12.98
C LYS A 7 5.11 0.62 -11.90
N GLN A 8 6.33 1.03 -11.63
CA GLN A 8 6.59 2.03 -10.60
C GLN A 8 6.74 3.41 -11.23
N GLY A 9 6.56 4.45 -10.43
CA GLY A 9 6.71 5.80 -10.92
C GLY A 9 5.94 6.79 -10.09
N GLU A 10 6.44 8.03 -10.05
CA GLU A 10 5.84 9.15 -9.31
C GLU A 10 5.33 8.75 -7.91
N ASN A 11 6.13 7.97 -7.19
CA ASN A 11 5.78 7.51 -5.84
C ASN A 11 4.47 6.72 -5.87
N LYS A 12 4.31 5.89 -6.88
CA LYS A 12 3.10 5.11 -7.03
C LYS A 12 3.38 3.79 -7.76
N PHE A 13 2.76 2.73 -7.27
CA PHE A 13 2.89 1.41 -7.89
C PHE A 13 1.60 1.09 -8.61
N TYR A 14 1.65 1.04 -9.92
CA TYR A 14 0.44 0.74 -10.70
C TYR A 14 0.66 -0.43 -11.63
N ILE A 15 -0.34 -1.29 -11.70
CA ILE A 15 -0.29 -2.46 -12.55
C ILE A 15 -1.20 -2.25 -13.74
N GLY A 16 -0.63 -2.34 -14.94
CA GLY A 16 -1.39 -2.16 -16.15
C GLY A 16 -0.51 -2.00 -17.36
N ASP A 17 -1.11 -1.93 -18.53
CA ASP A 17 -0.37 -1.78 -19.77
C ASP A 17 -0.01 -0.32 -20.03
N ASP A 18 -0.85 0.57 -19.52
CA ASP A 18 -0.63 2.01 -19.69
C ASP A 18 -1.05 2.75 -18.42
N GLU A 19 -0.54 3.95 -18.24
CA GLU A 19 -0.87 4.76 -17.06
C GLU A 19 -2.35 5.08 -17.01
N ASN A 20 -2.98 5.24 -18.17
CA ASN A 20 -4.41 5.54 -18.24
C ASN A 20 -5.22 4.26 -18.34
N ASN A 21 -4.55 3.13 -18.13
CA ASN A 21 -5.20 1.83 -18.20
C ASN A 21 -4.72 0.97 -17.03
N ALA A 22 -4.52 1.61 -15.88
CA ALA A 22 -4.07 0.91 -14.70
C ALA A 22 -5.20 0.12 -14.05
N LEU A 23 -4.96 -1.16 -13.81
CA LEU A 23 -5.96 -2.02 -13.19
C LEU A 23 -5.90 -1.90 -11.68
N ALA A 24 -4.75 -1.46 -11.19
CA ALA A 24 -4.54 -1.29 -9.76
C ALA A 24 -3.41 -0.31 -9.51
N GLU A 25 -3.60 0.59 -8.56
CA GLU A 25 -2.58 1.57 -8.23
C GLU A 25 -2.64 1.97 -6.75
N ILE A 26 -1.47 2.12 -6.15
CA ILE A 26 -1.35 2.53 -4.77
C ILE A 26 -0.44 3.75 -4.69
N THR A 27 -0.88 4.78 -3.98
CA THR A 27 -0.09 5.99 -3.88
C THR A 27 0.45 6.18 -2.47
N TYR A 28 1.73 6.51 -2.40
CA TYR A 28 2.41 6.73 -1.14
C TYR A 28 3.33 7.94 -1.24
N ARG A 29 3.17 8.89 -0.34
CA ARG A 29 3.98 10.09 -0.37
C ARG A 29 4.91 10.18 0.82
N PHE A 30 6.09 10.71 0.59
CA PHE A 30 7.08 10.89 1.64
C PHE A 30 6.80 12.22 2.33
N VAL A 31 6.04 12.16 3.41
CA VAL A 31 5.67 13.36 4.14
C VAL A 31 6.72 13.77 5.16
N ASP A 32 7.57 12.84 5.56
CA ASP A 32 8.61 13.14 6.54
C ASP A 32 9.85 12.27 6.31
N ASN A 33 10.11 11.96 5.04
CA ASN A 33 11.25 11.14 4.63
C ASN A 33 11.09 9.69 5.10
N ASN A 34 11.26 9.48 6.41
CA ASN A 34 11.15 8.14 6.99
C ASN A 34 9.71 7.83 7.35
N GLU A 35 8.79 8.51 6.68
CA GLU A 35 7.36 8.31 6.92
C GLU A 35 6.62 8.41 5.60
N ILE A 36 6.01 7.31 5.18
CA ILE A 36 5.26 7.29 3.94
C ILE A 36 3.77 7.26 4.20
N ASN A 37 3.07 8.24 3.66
CA ASN A 37 1.63 8.36 3.83
C ASN A 37 0.91 7.85 2.58
N ILE A 38 0.13 6.79 2.76
CA ILE A 38 -0.61 6.21 1.65
C ILE A 38 -1.95 6.93 1.49
N ASP A 39 -2.13 7.56 0.34
CA ASP A 39 -3.34 8.31 0.07
C ASP A 39 -4.50 7.39 -0.26
N HIS A 40 -4.35 6.59 -1.32
CA HIS A 40 -5.42 5.68 -1.72
C HIS A 40 -4.87 4.38 -2.29
N THR A 41 -5.75 3.40 -2.41
CA THR A 41 -5.40 2.10 -2.95
C THR A 41 -6.52 1.64 -3.88
N GLY A 42 -6.42 2.01 -5.15
CA GLY A 42 -7.44 1.65 -6.11
C GLY A 42 -7.08 0.40 -6.87
N VAL A 43 -7.69 -0.71 -6.50
CA VAL A 43 -7.44 -1.99 -7.14
C VAL A 43 -8.74 -2.56 -7.69
N SER A 44 -8.71 -3.00 -8.94
CA SER A 44 -9.89 -3.59 -9.55
C SER A 44 -10.11 -4.99 -9.00
N ASP A 45 -11.30 -5.21 -8.50
CA ASP A 45 -11.69 -6.48 -7.92
C ASP A 45 -13.21 -6.61 -7.90
N GLU A 46 -13.72 -7.49 -8.74
CA GLU A 46 -15.15 -7.70 -8.82
C GLU A 46 -15.53 -9.06 -8.24
N LEU A 47 -14.53 -9.75 -7.69
CA LEU A 47 -14.75 -11.06 -7.12
C LEU A 47 -14.64 -11.03 -5.61
N GLY A 48 -13.75 -10.18 -5.10
CA GLY A 48 -13.55 -10.07 -3.67
C GLY A 48 -12.45 -10.97 -3.18
N GLY A 49 -11.26 -10.80 -3.74
CA GLY A 49 -10.13 -11.61 -3.35
C GLY A 49 -8.95 -11.49 -4.27
N GLN A 50 -8.85 -10.37 -4.99
CA GLN A 50 -7.74 -10.16 -5.90
C GLN A 50 -6.47 -9.88 -5.13
N GLY A 51 -5.51 -10.77 -5.25
CA GLY A 51 -4.24 -10.62 -4.56
C GLY A 51 -3.43 -9.45 -5.06
N VAL A 52 -3.82 -8.91 -6.21
CA VAL A 52 -3.14 -7.78 -6.82
C VAL A 52 -3.02 -6.62 -5.84
N GLY A 53 -4.10 -6.33 -5.11
CA GLY A 53 -4.11 -5.25 -4.15
C GLY A 53 -3.15 -5.49 -3.00
N LYS A 54 -3.14 -6.72 -2.52
CA LYS A 54 -2.28 -7.10 -1.41
C LYS A 54 -0.81 -7.09 -1.86
N LYS A 55 -0.61 -7.54 -3.10
CA LYS A 55 0.72 -7.59 -3.71
C LYS A 55 1.36 -6.21 -3.77
N LEU A 56 0.57 -5.21 -4.17
CA LEU A 56 1.06 -3.85 -4.26
C LEU A 56 1.51 -3.34 -2.90
N LEU A 57 0.68 -3.54 -1.89
CA LEU A 57 0.99 -3.09 -0.54
C LEU A 57 2.20 -3.84 0.01
N LYS A 58 2.28 -5.12 -0.31
CA LYS A 58 3.38 -5.98 0.13
C LYS A 58 4.71 -5.41 -0.35
N ALA A 59 4.76 -5.00 -1.61
CA ALA A 59 5.97 -4.44 -2.20
C ALA A 59 6.36 -3.15 -1.50
N VAL A 60 5.37 -2.38 -1.08
CA VAL A 60 5.63 -1.13 -0.37
C VAL A 60 6.21 -1.40 1.01
N VAL A 61 5.55 -2.28 1.75
CA VAL A 61 5.99 -2.63 3.10
C VAL A 61 7.41 -3.19 3.08
N GLU A 62 7.70 -4.03 2.09
CA GLU A 62 9.02 -4.64 1.96
C GLU A 62 10.09 -3.55 1.83
N HIS A 63 9.91 -2.67 0.85
CA HIS A 63 10.87 -1.58 0.62
C HIS A 63 10.92 -0.65 1.83
N ALA A 64 9.77 -0.47 2.47
CA ALA A 64 9.68 0.39 3.64
C ALA A 64 10.56 -0.13 4.77
N ARG A 65 10.39 -1.41 5.09
CA ARG A 65 11.16 -2.04 6.16
C ARG A 65 12.65 -2.02 5.85
N GLU A 66 12.99 -2.10 4.56
CA GLU A 66 14.39 -2.08 4.14
C GLU A 66 15.02 -0.71 4.38
N ASN A 67 14.19 0.32 4.36
CA ASN A 67 14.68 1.69 4.55
C ASN A 67 14.20 2.27 5.88
N ASN A 68 13.67 1.42 6.74
CA ASN A 68 13.17 1.83 8.07
C ASN A 68 12.10 2.91 7.93
N LEU A 69 11.34 2.84 6.84
CA LEU A 69 10.28 3.80 6.59
C LEU A 69 9.04 3.43 7.36
N LYS A 70 8.51 4.40 8.09
CA LYS A 70 7.30 4.20 8.86
C LYS A 70 6.10 4.38 7.94
N ILE A 71 5.09 3.55 8.10
CA ILE A 71 3.93 3.61 7.22
C ILE A 71 2.70 4.16 7.91
N ILE A 72 2.11 5.16 7.29
CA ILE A 72 0.89 5.78 7.77
C ILE A 72 -0.12 5.87 6.62
N ALA A 73 -1.12 5.01 6.66
CA ALA A 73 -2.12 4.99 5.60
C ALA A 73 -3.34 5.81 5.97
N SER A 74 -3.81 6.61 5.04
CA SER A 74 -4.99 7.43 5.26
C SER A 74 -6.24 6.63 4.91
N CYS A 75 -6.08 5.62 4.06
CA CYS A 75 -7.18 4.78 3.64
C CYS A 75 -7.50 3.74 4.69
N SER A 76 -8.78 3.60 5.00
CA SER A 76 -9.24 2.64 6.01
C SER A 76 -8.85 1.21 5.63
N PHE A 77 -9.02 0.86 4.36
CA PHE A 77 -8.70 -0.47 3.89
C PHE A 77 -7.21 -0.77 4.06
N ALA A 78 -6.37 0.11 3.51
CA ALA A 78 -4.93 -0.05 3.59
C ALA A 78 -4.46 -0.09 5.04
N LYS A 79 -5.02 0.79 5.86
CA LYS A 79 -4.67 0.86 7.28
C LYS A 79 -5.03 -0.45 7.98
N HIS A 80 -6.18 -1.00 7.61
CA HIS A 80 -6.65 -2.25 8.19
C HIS A 80 -5.72 -3.39 7.82
N MET A 81 -5.23 -3.38 6.59
CA MET A 81 -4.32 -4.40 6.11
C MET A 81 -3.02 -4.37 6.90
N LEU A 82 -2.58 -3.16 7.20
CA LEU A 82 -1.35 -2.94 7.95
C LEU A 82 -1.49 -3.41 9.39
N GLU A 83 -2.66 -3.19 9.98
CA GLU A 83 -2.91 -3.59 11.36
C GLU A 83 -3.18 -5.09 11.45
N LYS A 84 -3.51 -5.70 10.31
CA LYS A 84 -3.80 -7.13 10.27
C LYS A 84 -2.50 -7.94 10.24
N GLU A 85 -1.63 -7.64 9.29
CA GLU A 85 -0.38 -8.36 9.15
C GLU A 85 0.62 -7.92 10.22
N ASP A 86 1.20 -8.88 10.90
CA ASP A 86 2.17 -8.60 11.95
C ASP A 86 3.42 -7.93 11.38
N SER A 87 3.86 -8.43 10.23
CA SER A 87 5.04 -7.88 9.56
C SER A 87 4.80 -6.43 9.15
N TYR A 88 3.55 -6.09 8.86
CA TYR A 88 3.20 -4.74 8.44
C TYR A 88 3.16 -3.82 9.65
N GLN A 89 2.73 -4.34 10.78
CA GLN A 89 2.64 -3.57 12.03
C GLN A 89 4.02 -3.12 12.51
N ASP A 90 5.06 -3.73 11.99
CA ASP A 90 6.43 -3.39 12.35
C ASP A 90 6.75 -1.97 11.92
N VAL A 91 6.43 -1.65 10.66
CA VAL A 91 6.69 -0.33 10.12
C VAL A 91 5.46 0.57 10.23
N TYR A 92 4.28 -0.05 10.27
CA TYR A 92 3.04 0.70 10.41
C TYR A 92 2.86 1.15 11.85
N LEU A 93 2.81 2.45 12.04
CA LEU A 93 2.64 3.02 13.38
C LEU A 93 1.24 3.60 13.53
N GLY A 94 0.72 4.17 12.44
CA GLY A 94 -0.59 4.77 12.47
C GLY A 94 -0.59 6.09 13.23
N LEU A 95 -1.13 6.08 14.43
CA LEU A 95 -1.18 7.28 15.24
C LEU A 95 -0.40 7.07 16.53
N GLU A 96 0.35 8.07 16.94
CA GLU A 96 1.15 7.99 18.15
C GLU A 96 0.31 8.42 19.35
N HIS A 97 -0.79 9.07 19.07
CA HIS A 97 -1.71 9.53 20.10
C HIS A 97 -3.11 9.68 19.54
N HIS A 98 -4.12 9.41 20.36
CA HIS A 98 -5.50 9.54 19.92
C HIS A 98 -5.80 10.98 19.51
N HIS A 99 -6.21 11.16 18.27
CA HIS A 99 -6.51 12.48 17.76
C HIS A 99 -7.91 12.51 17.14
N HIS A 100 -8.71 13.46 17.58
CA HIS A 100 -10.07 13.61 17.06
C HIS A 100 -10.05 14.14 15.64
N HIS A 101 -10.86 13.54 14.78
CA HIS A 101 -10.94 13.95 13.38
C HIS A 101 -11.49 15.37 13.26
N HIS A 102 -11.20 15.99 12.13
CA HIS A 102 -11.65 17.36 11.88
C HIS A 102 -13.13 17.37 11.50
N MET A 1 -5.85 -8.22 -20.18
CA MET A 1 -4.96 -8.84 -19.19
C MET A 1 -3.65 -9.24 -19.86
N SER A 2 -2.61 -9.41 -19.05
CA SER A 2 -1.30 -9.79 -19.56
C SER A 2 -0.54 -10.56 -18.49
N ASN A 3 -0.16 -9.85 -17.44
CA ASN A 3 0.57 -10.44 -16.32
C ASN A 3 0.37 -9.59 -15.08
N LEU A 4 0.37 -10.22 -13.91
CA LEU A 4 0.17 -9.49 -12.67
C LEU A 4 1.51 -9.07 -12.07
N GLU A 5 2.27 -8.33 -12.85
CA GLU A 5 3.58 -7.86 -12.42
C GLU A 5 3.42 -6.51 -11.70
N ILE A 6 4.19 -6.32 -10.64
CA ILE A 6 4.13 -5.09 -9.86
C ILE A 6 4.79 -3.93 -10.62
N LYS A 7 3.97 -3.17 -11.32
CA LYS A 7 4.45 -2.02 -12.07
C LYS A 7 4.58 -0.82 -11.13
N GLN A 8 5.77 -0.25 -11.07
CA GLN A 8 6.00 0.89 -10.20
C GLN A 8 5.98 2.18 -10.99
N GLY A 9 5.18 3.12 -10.53
CA GLY A 9 5.07 4.41 -11.17
C GLY A 9 5.49 5.53 -10.26
N GLU A 10 5.06 6.74 -10.56
CA GLU A 10 5.39 7.93 -9.77
C GLU A 10 4.91 7.78 -8.33
N ASN A 11 5.80 7.28 -7.47
CA ASN A 11 5.50 7.07 -6.05
C ASN A 11 4.23 6.26 -5.87
N LYS A 12 4.12 5.17 -6.63
CA LYS A 12 2.95 4.31 -6.56
C LYS A 12 3.20 2.97 -7.24
N PHE A 13 2.41 1.98 -6.86
CA PHE A 13 2.49 0.66 -7.44
C PHE A 13 1.14 0.28 -8.01
N TYR A 14 1.12 -0.26 -9.22
CA TYR A 14 -0.15 -0.63 -9.85
C TYR A 14 0.01 -1.89 -10.70
N ILE A 15 -1.05 -2.68 -10.73
CA ILE A 15 -1.06 -3.92 -11.51
C ILE A 15 -2.31 -3.96 -12.36
N GLY A 16 -2.14 -4.16 -13.65
CA GLY A 16 -3.26 -4.23 -14.54
C GLY A 16 -2.85 -4.35 -15.99
N ASP A 17 -3.84 -4.28 -16.88
CA ASP A 17 -3.58 -4.38 -18.31
C ASP A 17 -3.04 -3.06 -18.85
N ASP A 18 -3.52 -1.98 -18.27
CA ASP A 18 -3.12 -0.64 -18.68
C ASP A 18 -3.15 0.29 -17.47
N GLU A 19 -2.61 1.49 -17.62
CA GLU A 19 -2.59 2.47 -16.54
C GLU A 19 -4.02 2.77 -16.08
N ASN A 20 -4.93 2.87 -17.02
CA ASN A 20 -6.33 3.14 -16.71
C ASN A 20 -7.06 1.84 -16.40
N ASN A 21 -6.53 0.74 -16.93
CA ASN A 21 -7.12 -0.58 -16.72
C ASN A 21 -6.42 -1.27 -15.56
N ALA A 22 -6.13 -0.51 -14.52
CA ALA A 22 -5.47 -1.04 -13.34
C ALA A 22 -6.45 -1.84 -12.50
N LEU A 23 -6.11 -3.08 -12.22
CA LEU A 23 -6.95 -3.96 -11.43
C LEU A 23 -6.78 -3.63 -9.94
N ALA A 24 -5.63 -3.05 -9.65
CA ALA A 24 -5.28 -2.65 -8.30
C ALA A 24 -4.18 -1.60 -8.35
N GLU A 25 -4.35 -0.53 -7.58
CA GLU A 25 -3.37 0.54 -7.54
C GLU A 25 -3.27 1.14 -6.16
N ILE A 26 -2.05 1.33 -5.69
CA ILE A 26 -1.79 1.91 -4.38
C ILE A 26 -0.82 3.09 -4.54
N THR A 27 -1.20 4.24 -4.01
CA THR A 27 -0.36 5.42 -4.11
C THR A 27 0.12 5.88 -2.75
N TYR A 28 1.31 6.46 -2.70
CA TYR A 28 1.88 6.96 -1.47
C TYR A 28 2.64 8.26 -1.75
N ARG A 29 2.89 9.04 -0.71
CA ARG A 29 3.61 10.29 -0.85
C ARG A 29 4.42 10.57 0.40
N PHE A 30 5.46 11.38 0.24
CA PHE A 30 6.32 11.73 1.36
C PHE A 30 5.76 12.97 2.06
N VAL A 31 5.44 12.82 3.35
CA VAL A 31 4.89 13.94 4.11
C VAL A 31 5.98 14.77 4.76
N ASP A 32 7.03 14.11 5.26
CA ASP A 32 8.11 14.80 5.92
C ASP A 32 9.47 14.36 5.40
N ASN A 33 9.96 13.23 5.91
CA ASN A 33 11.26 12.72 5.49
C ASN A 33 11.18 11.29 4.99
N ASN A 34 11.11 10.35 5.91
CA ASN A 34 11.07 8.93 5.55
C ASN A 34 9.66 8.38 5.75
N GLU A 35 8.74 9.24 6.13
CA GLU A 35 7.37 8.84 6.36
C GLU A 35 6.58 8.90 5.05
N ILE A 36 6.06 7.74 4.64
CA ILE A 36 5.27 7.66 3.42
C ILE A 36 3.80 7.44 3.74
N ASN A 37 2.96 8.33 3.26
CA ASN A 37 1.53 8.26 3.50
C ASN A 37 0.78 7.61 2.35
N ILE A 38 -0.02 6.61 2.67
CA ILE A 38 -0.84 5.92 1.69
C ILE A 38 -2.26 6.42 1.85
N ASP A 39 -2.72 7.24 0.92
CA ASP A 39 -4.05 7.82 1.00
C ASP A 39 -5.04 7.16 0.04
N HIS A 40 -4.56 6.77 -1.13
CA HIS A 40 -5.43 6.15 -2.13
C HIS A 40 -5.05 4.70 -2.40
N THR A 41 -6.08 3.85 -2.45
CA THR A 41 -5.92 2.43 -2.73
C THR A 41 -7.17 1.91 -3.43
N GLY A 42 -7.03 1.56 -4.69
CA GLY A 42 -8.16 1.08 -5.47
C GLY A 42 -7.95 -0.30 -6.00
N VAL A 43 -8.89 -1.20 -5.72
CA VAL A 43 -8.80 -2.58 -6.19
C VAL A 43 -10.15 -3.03 -6.73
N SER A 44 -10.15 -3.69 -7.88
CA SER A 44 -11.38 -4.18 -8.48
C SER A 44 -11.84 -5.43 -7.74
N ASP A 45 -12.85 -5.27 -6.90
CA ASP A 45 -13.39 -6.36 -6.11
C ASP A 45 -14.35 -7.21 -6.92
N GLU A 46 -15.02 -6.61 -7.90
CA GLU A 46 -15.97 -7.32 -8.73
C GLU A 46 -15.23 -8.22 -9.71
N LEU A 47 -14.16 -7.69 -10.29
CA LEU A 47 -13.35 -8.44 -11.23
C LEU A 47 -12.65 -9.59 -10.52
N GLY A 48 -12.20 -9.34 -9.30
CA GLY A 48 -11.53 -10.37 -8.54
C GLY A 48 -10.06 -10.09 -8.35
N GLY A 49 -9.74 -8.85 -7.96
CA GLY A 49 -8.35 -8.47 -7.74
C GLY A 49 -7.86 -8.89 -6.37
N GLN A 50 -8.14 -10.15 -6.01
CA GLN A 50 -7.72 -10.67 -4.72
C GLN A 50 -6.26 -11.06 -4.75
N GLY A 51 -5.54 -10.66 -3.71
CA GLY A 51 -4.11 -10.95 -3.63
C GLY A 51 -3.28 -9.88 -4.29
N VAL A 52 -3.85 -9.25 -5.32
CA VAL A 52 -3.16 -8.20 -6.06
C VAL A 52 -2.85 -7.02 -5.15
N GLY A 53 -3.87 -6.55 -4.44
CA GLY A 53 -3.69 -5.43 -3.53
C GLY A 53 -2.72 -5.75 -2.42
N LYS A 54 -2.71 -7.01 -1.99
CA LYS A 54 -1.81 -7.45 -0.92
C LYS A 54 -0.37 -7.47 -1.42
N LYS A 55 -0.19 -7.93 -2.65
CA LYS A 55 1.13 -8.00 -3.25
C LYS A 55 1.66 -6.59 -3.48
N LEU A 56 0.76 -5.68 -3.81
CA LEU A 56 1.13 -4.29 -4.03
C LEU A 56 1.63 -3.67 -2.74
N LEU A 57 0.88 -3.89 -1.67
CA LEU A 57 1.23 -3.39 -0.35
C LEU A 57 2.54 -4.04 0.12
N LYS A 58 2.72 -5.29 -0.26
CA LYS A 58 3.93 -6.04 0.09
C LYS A 58 5.14 -5.33 -0.49
N ALA A 59 5.03 -4.88 -1.73
CA ALA A 59 6.12 -4.17 -2.39
C ALA A 59 6.44 -2.89 -1.64
N VAL A 60 5.40 -2.21 -1.17
CA VAL A 60 5.56 -0.98 -0.40
C VAL A 60 6.31 -1.27 0.89
N VAL A 61 5.87 -2.30 1.59
CA VAL A 61 6.49 -2.71 2.85
C VAL A 61 7.93 -3.15 2.62
N GLU A 62 8.15 -3.90 1.55
CA GLU A 62 9.47 -4.37 1.21
C GLU A 62 10.41 -3.20 0.92
N HIS A 63 9.96 -2.30 0.05
CA HIS A 63 10.74 -1.14 -0.33
C HIS A 63 10.95 -0.21 0.86
N ALA A 64 9.98 -0.20 1.77
CA ALA A 64 10.06 0.63 2.96
C ALA A 64 11.22 0.20 3.84
N ARG A 65 11.34 -1.11 4.06
CA ARG A 65 12.41 -1.65 4.88
C ARG A 65 13.77 -1.38 4.25
N GLU A 66 13.81 -1.39 2.92
CA GLU A 66 15.06 -1.15 2.18
C GLU A 66 15.54 0.28 2.35
N ASN A 67 14.61 1.21 2.54
CA ASN A 67 14.97 2.62 2.67
C ASN A 67 14.72 3.14 4.08
N ASN A 68 14.40 2.22 5.00
CA ASN A 68 14.15 2.58 6.39
C ASN A 68 13.01 3.61 6.48
N LEU A 69 12.00 3.42 5.63
CA LEU A 69 10.87 4.31 5.58
C LEU A 69 9.80 3.90 6.60
N LYS A 70 9.03 4.87 7.04
CA LYS A 70 7.96 4.62 8.00
C LYS A 70 6.62 4.75 7.29
N ILE A 71 5.84 3.70 7.33
CA ILE A 71 4.56 3.70 6.66
C ILE A 71 3.44 4.25 7.53
N ILE A 72 2.73 5.22 6.99
CA ILE A 72 1.60 5.86 7.66
C ILE A 72 0.43 5.94 6.68
N ALA A 73 -0.42 4.93 6.69
CA ALA A 73 -1.54 4.88 5.77
C ALA A 73 -2.78 5.57 6.33
N SER A 74 -3.26 6.55 5.58
CA SER A 74 -4.46 7.27 5.96
C SER A 74 -5.66 6.60 5.32
N CYS A 75 -5.40 5.87 4.24
CA CYS A 75 -6.44 5.13 3.53
C CYS A 75 -6.99 4.05 4.44
N SER A 76 -8.30 4.06 4.63
CA SER A 76 -8.97 3.09 5.49
C SER A 76 -8.61 1.64 5.13
N PHE A 77 -8.63 1.32 3.84
CA PHE A 77 -8.32 -0.03 3.40
C PHE A 77 -6.86 -0.38 3.67
N ALA A 78 -5.95 0.49 3.23
CA ALA A 78 -4.53 0.27 3.42
C ALA A 78 -4.18 0.18 4.90
N LYS A 79 -4.72 1.10 5.69
CA LYS A 79 -4.48 1.14 7.12
C LYS A 79 -5.01 -0.13 7.77
N HIS A 80 -6.23 -0.50 7.40
CA HIS A 80 -6.89 -1.68 7.96
C HIS A 80 -6.04 -2.93 7.75
N MET A 81 -5.47 -3.09 6.56
CA MET A 81 -4.65 -4.26 6.28
C MET A 81 -3.29 -4.17 6.97
N LEU A 82 -2.73 -2.96 7.01
CA LEU A 82 -1.44 -2.75 7.64
C LEU A 82 -1.50 -3.00 9.14
N GLU A 83 -2.58 -2.56 9.77
CA GLU A 83 -2.75 -2.76 11.21
C GLU A 83 -3.17 -4.21 11.48
N LYS A 84 -3.82 -4.80 10.48
CA LYS A 84 -4.29 -6.18 10.57
C LYS A 84 -3.10 -7.13 10.53
N GLU A 85 -2.18 -6.88 9.61
CA GLU A 85 -1.00 -7.70 9.45
C GLU A 85 0.11 -7.20 10.37
N ASP A 86 0.25 -7.85 11.51
CA ASP A 86 1.28 -7.49 12.49
C ASP A 86 2.67 -7.56 11.88
N SER A 87 2.81 -8.43 10.88
CA SER A 87 4.07 -8.63 10.19
C SER A 87 4.53 -7.35 9.48
N TYR A 88 3.58 -6.49 9.10
CA TYR A 88 3.89 -5.25 8.40
C TYR A 88 4.08 -4.09 9.38
N GLN A 89 3.89 -4.35 10.67
CA GLN A 89 4.00 -3.31 11.68
C GLN A 89 5.46 -3.03 12.05
N ASP A 90 6.40 -3.65 11.33
CA ASP A 90 7.81 -3.44 11.59
C ASP A 90 8.25 -2.13 10.94
N VAL A 91 7.52 -1.74 9.90
CA VAL A 91 7.80 -0.49 9.19
C VAL A 91 6.59 0.43 9.28
N TYR A 92 5.43 -0.16 9.52
CA TYR A 92 4.20 0.60 9.65
C TYR A 92 4.02 1.00 11.12
N LEU A 93 3.73 2.27 11.35
CA LEU A 93 3.55 2.78 12.70
C LEU A 93 2.22 2.37 13.31
N GLY A 94 1.96 1.07 13.36
CA GLY A 94 0.73 0.56 13.92
C GLY A 94 0.82 0.41 15.43
N LEU A 95 2.03 0.16 15.90
CA LEU A 95 2.27 -0.02 17.32
C LEU A 95 2.44 1.35 18.00
N GLU A 96 1.31 2.00 18.27
CA GLU A 96 1.34 3.31 18.89
C GLU A 96 1.29 3.20 20.42
N HIS A 97 0.23 2.59 20.96
CA HIS A 97 0.10 2.44 22.41
C HIS A 97 -1.07 1.54 22.80
N HIS A 98 -2.16 1.58 22.04
CA HIS A 98 -3.33 0.76 22.38
C HIS A 98 -3.29 -0.61 21.71
N HIS A 99 -2.87 -0.65 20.44
CA HIS A 99 -2.76 -1.91 19.68
C HIS A 99 -4.11 -2.63 19.57
N HIS A 100 -4.09 -3.78 18.88
CA HIS A 100 -5.28 -4.62 18.70
C HIS A 100 -6.46 -3.83 18.12
N HIS A 101 -7.34 -3.34 19.00
CA HIS A 101 -8.50 -2.58 18.57
C HIS A 101 -8.86 -1.53 19.61
N HIS A 102 -8.90 -1.93 20.87
CA HIS A 102 -9.20 -1.02 21.95
C HIS A 102 -8.01 -0.88 22.89
N MET A 1 3.24 -18.48 -16.58
CA MET A 1 3.39 -17.09 -17.08
C MET A 1 3.62 -16.13 -15.92
N SER A 2 4.72 -15.39 -15.96
CA SER A 2 5.03 -14.43 -14.93
C SER A 2 4.30 -13.12 -15.20
N ASN A 3 3.02 -13.09 -14.87
CA ASN A 3 2.20 -11.91 -15.08
C ASN A 3 1.54 -11.51 -13.76
N LEU A 4 0.77 -10.41 -13.79
CA LEU A 4 0.09 -9.89 -12.61
C LEU A 4 1.10 -9.53 -11.53
N GLU A 5 2.23 -9.02 -11.97
CA GLU A 5 3.29 -8.62 -11.06
C GLU A 5 3.10 -7.17 -10.65
N ILE A 6 3.78 -6.77 -9.59
CA ILE A 6 3.69 -5.39 -9.10
C ILE A 6 4.32 -4.42 -10.08
N LYS A 7 3.49 -3.73 -10.85
CA LYS A 7 3.97 -2.76 -11.81
C LYS A 7 4.15 -1.41 -11.13
N GLN A 8 5.29 -0.78 -11.37
CA GLN A 8 5.58 0.50 -10.76
C GLN A 8 5.03 1.63 -11.62
N GLY A 9 4.43 2.61 -10.97
CA GLY A 9 3.88 3.74 -11.66
C GLY A 9 4.36 5.04 -11.06
N GLU A 10 3.74 6.14 -11.43
CA GLU A 10 4.13 7.46 -10.91
C GLU A 10 3.88 7.54 -9.41
N ASN A 11 4.95 7.31 -8.64
CA ASN A 11 4.89 7.36 -7.17
C ASN A 11 3.84 6.40 -6.63
N LYS A 12 3.69 5.26 -7.29
CA LYS A 12 2.69 4.29 -6.88
C LYS A 12 2.96 2.91 -7.48
N PHE A 13 2.17 1.93 -7.05
CA PHE A 13 2.27 0.56 -7.54
C PHE A 13 0.88 0.10 -7.95
N TYR A 14 0.78 -0.60 -9.07
CA TYR A 14 -0.52 -1.06 -9.54
C TYR A 14 -0.39 -2.33 -10.36
N ILE A 15 -1.46 -3.11 -10.40
CA ILE A 15 -1.50 -4.34 -11.17
C ILE A 15 -2.71 -4.33 -12.08
N GLY A 16 -2.52 -4.76 -13.32
CA GLY A 16 -3.60 -4.78 -14.29
C GLY A 16 -3.12 -4.42 -15.68
N ASP A 17 -3.99 -4.62 -16.66
CA ASP A 17 -3.65 -4.33 -18.05
C ASP A 17 -3.30 -2.86 -18.24
N ASP A 18 -4.25 -1.99 -17.92
CA ASP A 18 -4.06 -0.55 -18.04
C ASP A 18 -4.42 0.12 -16.73
N GLU A 19 -3.98 1.37 -16.53
CA GLU A 19 -4.26 2.09 -15.31
C GLU A 19 -5.77 2.27 -15.10
N ASN A 20 -6.49 2.55 -16.17
CA ASN A 20 -7.93 2.75 -16.10
C ASN A 20 -8.65 1.46 -15.68
N ASN A 21 -8.09 0.34 -16.08
CA ASN A 21 -8.67 -0.96 -15.75
C ASN A 21 -7.79 -1.71 -14.76
N ALA A 22 -7.04 -0.96 -13.96
CA ALA A 22 -6.15 -1.55 -12.98
C ALA A 22 -6.94 -2.32 -11.93
N LEU A 23 -6.53 -3.55 -11.69
CA LEU A 23 -7.19 -4.39 -10.70
C LEU A 23 -7.08 -3.73 -9.33
N ALA A 24 -5.90 -3.20 -9.04
CA ALA A 24 -5.66 -2.54 -7.77
C ALA A 24 -4.47 -1.60 -7.89
N GLU A 25 -4.53 -0.49 -7.17
CA GLU A 25 -3.44 0.49 -7.17
C GLU A 25 -3.32 1.15 -5.80
N ILE A 26 -2.09 1.47 -5.43
CA ILE A 26 -1.81 2.11 -4.15
C ILE A 26 -0.85 3.27 -4.37
N THR A 27 -1.17 4.42 -3.78
CA THR A 27 -0.33 5.61 -3.95
C THR A 27 0.37 5.96 -2.64
N TYR A 28 1.63 6.39 -2.75
CA TYR A 28 2.40 6.76 -1.57
C TYR A 28 3.17 8.05 -1.83
N ARG A 29 3.41 8.81 -0.78
CA ARG A 29 4.14 10.06 -0.90
C ARG A 29 5.05 10.27 0.30
N PHE A 30 6.03 11.14 0.15
CA PHE A 30 6.97 11.43 1.23
C PHE A 30 6.45 12.61 2.06
N VAL A 31 6.01 12.34 3.27
CA VAL A 31 5.50 13.38 4.14
C VAL A 31 6.65 14.20 4.73
N ASP A 32 7.82 13.57 4.82
CA ASP A 32 8.99 14.24 5.33
C ASP A 32 10.22 13.83 4.54
N ASN A 33 10.75 12.65 4.84
CA ASN A 33 11.92 12.14 4.14
C ASN A 33 12.00 10.63 4.29
N ASN A 34 12.04 10.17 5.53
CA ASN A 34 12.12 8.75 5.83
C ASN A 34 10.75 8.21 6.19
N GLU A 35 9.71 8.96 5.80
CA GLU A 35 8.34 8.57 6.09
C GLU A 35 7.49 8.68 4.84
N ILE A 36 6.79 7.60 4.50
CA ILE A 36 5.92 7.59 3.33
C ILE A 36 4.49 7.28 3.73
N ASN A 37 3.56 8.06 3.21
CA ASN A 37 2.15 7.89 3.53
C ASN A 37 1.40 7.31 2.35
N ILE A 38 0.43 6.46 2.64
CA ILE A 38 -0.41 5.86 1.61
C ILE A 38 -1.63 6.74 1.41
N ASP A 39 -1.59 7.53 0.34
CA ASP A 39 -2.68 8.45 0.01
C ASP A 39 -4.02 7.73 -0.10
N HIS A 40 -4.11 6.82 -1.07
CA HIS A 40 -5.35 6.08 -1.26
C HIS A 40 -5.05 4.65 -1.71
N THR A 41 -6.06 3.81 -1.61
CA THR A 41 -5.95 2.41 -2.01
C THR A 41 -7.26 1.97 -2.66
N GLY A 42 -7.19 1.59 -3.92
CA GLY A 42 -8.39 1.16 -4.63
C GLY A 42 -8.22 -0.19 -5.29
N VAL A 43 -9.22 -1.04 -5.13
CA VAL A 43 -9.21 -2.38 -5.70
C VAL A 43 -10.54 -2.64 -6.41
N SER A 44 -10.49 -3.34 -7.53
CA SER A 44 -11.69 -3.66 -8.28
C SER A 44 -12.36 -4.90 -7.70
N ASP A 45 -13.66 -4.80 -7.46
CA ASP A 45 -14.42 -5.93 -6.90
C ASP A 45 -14.74 -6.95 -7.98
N GLU A 46 -14.55 -6.58 -9.23
CA GLU A 46 -14.82 -7.45 -10.36
C GLU A 46 -13.72 -8.50 -10.54
N LEU A 47 -13.57 -9.36 -9.52
CA LEU A 47 -12.57 -10.43 -9.54
C LEU A 47 -11.16 -9.89 -9.78
N GLY A 48 -10.85 -8.77 -9.15
CA GLY A 48 -9.54 -8.18 -9.31
C GLY A 48 -8.91 -7.82 -7.99
N GLY A 49 -9.31 -8.51 -6.93
CA GLY A 49 -8.78 -8.22 -5.62
C GLY A 49 -8.25 -9.46 -4.92
N GLN A 50 -8.13 -10.55 -5.67
CA GLN A 50 -7.64 -11.80 -5.11
C GLN A 50 -6.13 -11.75 -4.91
N GLY A 51 -5.72 -11.20 -3.77
CA GLY A 51 -4.31 -11.11 -3.45
C GLY A 51 -3.60 -9.99 -4.17
N VAL A 52 -4.29 -9.35 -5.12
CA VAL A 52 -3.71 -8.26 -5.89
C VAL A 52 -3.31 -7.10 -4.99
N GLY A 53 -4.24 -6.65 -4.16
CA GLY A 53 -3.96 -5.54 -3.25
C GLY A 53 -2.89 -5.88 -2.25
N LYS A 54 -2.78 -7.16 -1.90
CA LYS A 54 -1.80 -7.62 -0.94
C LYS A 54 -0.40 -7.61 -1.57
N LYS A 55 -0.35 -7.82 -2.88
CA LYS A 55 0.91 -7.82 -3.60
C LYS A 55 1.51 -6.42 -3.60
N LEU A 56 0.63 -5.42 -3.72
CA LEU A 56 1.04 -4.02 -3.71
C LEU A 56 1.67 -3.65 -2.38
N LEU A 57 0.99 -4.02 -1.30
CA LEU A 57 1.46 -3.74 0.05
C LEU A 57 2.81 -4.39 0.29
N LYS A 58 2.99 -5.58 -0.27
CA LYS A 58 4.24 -6.33 -0.14
C LYS A 58 5.41 -5.51 -0.68
N ALA A 59 5.24 -4.95 -1.87
CA ALA A 59 6.26 -4.14 -2.50
C ALA A 59 6.56 -2.87 -1.71
N VAL A 60 5.50 -2.27 -1.18
CA VAL A 60 5.62 -1.05 -0.39
C VAL A 60 6.43 -1.32 0.89
N VAL A 61 6.03 -2.34 1.63
CA VAL A 61 6.71 -2.71 2.86
C VAL A 61 8.15 -3.13 2.58
N GLU A 62 8.35 -3.84 1.47
CA GLU A 62 9.67 -4.29 1.08
C GLU A 62 10.61 -3.11 0.91
N HIS A 63 10.16 -2.10 0.17
CA HIS A 63 10.96 -0.90 -0.07
C HIS A 63 11.22 -0.18 1.25
N ALA A 64 10.25 -0.26 2.15
CA ALA A 64 10.37 0.37 3.46
C ALA A 64 11.44 -0.35 4.28
N ARG A 65 11.60 -1.64 4.02
CA ARG A 65 12.60 -2.43 4.72
C ARG A 65 13.99 -2.11 4.19
N GLU A 66 14.05 -1.85 2.89
CA GLU A 66 15.30 -1.52 2.21
C GLU A 66 15.80 -0.13 2.58
N ASN A 67 14.91 0.86 2.52
CA ASN A 67 15.27 2.25 2.81
C ASN A 67 15.02 2.60 4.28
N ASN A 68 14.50 1.65 5.04
CA ASN A 68 14.20 1.86 6.46
C ASN A 68 13.17 2.98 6.65
N LEU A 69 12.21 3.03 5.75
CA LEU A 69 11.17 4.05 5.78
C LEU A 69 10.04 3.70 6.75
N LYS A 70 9.27 4.70 7.13
CA LYS A 70 8.13 4.52 8.02
C LYS A 70 6.87 4.41 7.18
N ILE A 71 5.97 3.51 7.56
CA ILE A 71 4.74 3.33 6.81
C ILE A 71 3.54 3.89 7.56
N ILE A 72 2.84 4.81 6.91
CA ILE A 72 1.64 5.43 7.46
C ILE A 72 0.56 5.42 6.40
N ALA A 73 -0.66 5.08 6.79
CA ALA A 73 -1.75 5.01 5.82
C ALA A 73 -2.79 6.10 6.04
N SER A 74 -3.16 6.77 4.96
CA SER A 74 -4.17 7.80 5.00
C SER A 74 -5.49 7.25 4.46
N CYS A 75 -5.46 5.97 4.08
CA CYS A 75 -6.62 5.29 3.54
C CYS A 75 -7.13 4.23 4.52
N SER A 76 -8.44 4.17 4.69
CA SER A 76 -9.06 3.21 5.61
C SER A 76 -8.72 1.76 5.24
N PHE A 77 -8.81 1.42 3.96
CA PHE A 77 -8.52 0.07 3.51
C PHE A 77 -7.09 -0.34 3.84
N ALA A 78 -6.14 0.48 3.41
CA ALA A 78 -4.73 0.21 3.65
C ALA A 78 -4.44 0.10 5.13
N LYS A 79 -5.05 0.98 5.92
CA LYS A 79 -4.84 0.99 7.36
C LYS A 79 -5.29 -0.35 7.95
N HIS A 80 -6.47 -0.80 7.54
CA HIS A 80 -7.01 -2.07 8.03
C HIS A 80 -6.07 -3.22 7.67
N MET A 81 -5.54 -3.18 6.46
CA MET A 81 -4.63 -4.21 5.99
C MET A 81 -3.33 -4.21 6.79
N LEU A 82 -2.80 -3.03 7.03
CA LEU A 82 -1.57 -2.87 7.80
C LEU A 82 -1.77 -3.26 9.26
N GLU A 83 -2.98 -3.02 9.77
CA GLU A 83 -3.31 -3.36 11.14
C GLU A 83 -3.56 -4.86 11.26
N LYS A 84 -3.97 -5.47 10.14
CA LYS A 84 -4.23 -6.88 10.09
C LYS A 84 -2.94 -7.68 10.07
N GLU A 85 -2.06 -7.34 9.14
CA GLU A 85 -0.79 -8.04 9.01
C GLU A 85 0.27 -7.40 9.91
N ASP A 86 0.62 -8.11 10.97
CA ASP A 86 1.61 -7.62 11.92
C ASP A 86 2.97 -7.44 11.26
N SER A 87 3.22 -8.21 10.21
CA SER A 87 4.48 -8.13 9.47
C SER A 87 4.66 -6.73 8.87
N TYR A 88 3.55 -6.16 8.40
CA TYR A 88 3.57 -4.82 7.83
C TYR A 88 3.55 -3.79 8.94
N GLN A 89 2.94 -4.16 10.06
CA GLN A 89 2.82 -3.29 11.22
C GLN A 89 4.18 -3.05 11.88
N ASP A 90 5.18 -3.80 11.44
CA ASP A 90 6.53 -3.65 11.97
C ASP A 90 7.09 -2.28 11.57
N VAL A 91 6.80 -1.88 10.34
CA VAL A 91 7.27 -0.59 9.83
C VAL A 91 6.12 0.43 9.81
N TYR A 92 4.90 -0.07 9.87
CA TYR A 92 3.73 0.79 9.86
C TYR A 92 3.40 1.23 11.28
N LEU A 93 3.15 2.52 11.45
CA LEU A 93 2.83 3.08 12.75
C LEU A 93 1.41 2.71 13.17
N GLY A 94 1.27 1.47 13.66
CA GLY A 94 -0.02 0.99 14.08
C GLY A 94 -0.34 1.32 15.52
N LEU A 95 0.54 2.07 16.16
CA LEU A 95 0.34 2.48 17.54
C LEU A 95 -0.81 3.48 17.63
N GLU A 96 -1.09 4.15 16.51
CA GLU A 96 -2.17 5.11 16.45
C GLU A 96 -3.39 4.48 15.77
N HIS A 97 -4.35 4.10 16.58
CA HIS A 97 -5.58 3.48 16.10
C HIS A 97 -6.71 3.74 17.10
N HIS A 98 -6.69 4.92 17.69
CA HIS A 98 -7.69 5.30 18.67
C HIS A 98 -9.08 5.40 18.02
N HIS A 99 -10.05 4.76 18.66
CA HIS A 99 -11.43 4.75 18.18
C HIS A 99 -11.52 4.18 16.77
N HIS A 100 -11.01 2.97 16.61
CA HIS A 100 -11.03 2.29 15.33
C HIS A 100 -12.31 1.47 15.19
N HIS A 101 -13.30 2.04 14.53
CA HIS A 101 -14.58 1.36 14.33
C HIS A 101 -15.10 1.60 12.93
N HIS A 102 -15.15 0.54 12.14
CA HIS A 102 -15.63 0.62 10.77
C HIS A 102 -16.26 -0.70 10.37
N MET A 1 -6.24 -6.65 -21.44
CA MET A 1 -5.38 -7.23 -20.40
C MET A 1 -4.02 -7.61 -20.98
N SER A 2 -2.97 -7.02 -20.44
CA SER A 2 -1.62 -7.30 -20.91
C SER A 2 -0.96 -8.36 -20.02
N ASN A 3 -0.53 -7.93 -18.84
CA ASN A 3 0.13 -8.83 -17.89
C ASN A 3 -0.02 -8.27 -16.48
N LEU A 4 0.12 -9.15 -15.48
CA LEU A 4 -0.01 -8.74 -14.08
C LEU A 4 1.29 -8.09 -13.60
N GLU A 5 1.72 -7.06 -14.31
CA GLU A 5 2.95 -6.36 -13.98
C GLU A 5 2.70 -5.19 -13.03
N ILE A 6 3.57 -5.02 -12.05
CA ILE A 6 3.44 -3.93 -11.10
C ILE A 6 4.04 -2.66 -11.69
N LYS A 7 3.23 -1.94 -12.44
CA LYS A 7 3.65 -0.71 -13.07
C LYS A 7 3.81 0.39 -12.02
N GLN A 8 4.95 1.08 -12.05
CA GLN A 8 5.18 2.14 -11.10
C GLN A 8 5.08 3.50 -11.78
N GLY A 9 4.27 4.38 -11.20
CA GLY A 9 4.10 5.70 -11.75
C GLY A 9 4.51 6.77 -10.78
N GLU A 10 3.88 7.94 -10.87
CA GLU A 10 4.18 9.07 -10.00
C GLU A 10 3.91 8.70 -8.53
N ASN A 11 4.92 8.14 -7.88
CA ASN A 11 4.83 7.72 -6.48
C ASN A 11 3.61 6.84 -6.27
N LYS A 12 3.38 5.92 -7.20
CA LYS A 12 2.26 5.01 -7.12
C LYS A 12 2.54 3.71 -7.86
N PHE A 13 1.80 2.68 -7.50
CA PHE A 13 1.93 1.37 -8.14
C PHE A 13 0.56 0.96 -8.65
N TYR A 14 0.50 0.48 -9.89
CA TYR A 14 -0.76 0.08 -10.47
C TYR A 14 -0.58 -1.08 -11.44
N ILE A 15 -1.60 -1.92 -11.51
CA ILE A 15 -1.60 -3.07 -12.40
C ILE A 15 -2.84 -3.02 -13.27
N GLY A 16 -2.66 -3.00 -14.58
CA GLY A 16 -3.79 -2.95 -15.48
C GLY A 16 -3.37 -2.88 -16.93
N ASP A 17 -4.35 -2.92 -17.81
CA ASP A 17 -4.10 -2.86 -19.25
C ASP A 17 -3.66 -1.47 -19.65
N ASP A 18 -4.34 -0.48 -19.10
CA ASP A 18 -4.07 0.91 -19.38
C ASP A 18 -4.09 1.72 -18.09
N GLU A 19 -3.57 2.94 -18.13
CA GLU A 19 -3.53 3.83 -16.97
C GLU A 19 -4.93 4.02 -16.38
N ASN A 20 -5.92 4.18 -17.26
CA ASN A 20 -7.30 4.38 -16.83
C ASN A 20 -7.95 3.03 -16.52
N ASN A 21 -7.35 1.97 -17.06
CA ASN A 21 -7.85 0.61 -16.86
C ASN A 21 -7.04 -0.10 -15.78
N ALA A 22 -6.75 0.63 -14.71
CA ALA A 22 -5.98 0.09 -13.60
C ALA A 22 -6.86 -0.80 -12.72
N LEU A 23 -6.59 -2.10 -12.76
CA LEU A 23 -7.35 -3.06 -11.97
C LEU A 23 -6.98 -2.93 -10.49
N ALA A 24 -5.77 -2.46 -10.24
CA ALA A 24 -5.28 -2.28 -8.88
C ALA A 24 -4.31 -1.11 -8.84
N GLU A 25 -4.51 -0.20 -7.90
CA GLU A 25 -3.65 0.97 -7.77
C GLU A 25 -3.48 1.38 -6.31
N ILE A 26 -2.28 1.82 -5.98
CA ILE A 26 -1.95 2.27 -4.63
C ILE A 26 -1.07 3.51 -4.73
N THR A 27 -1.35 4.51 -3.92
CA THR A 27 -0.57 5.75 -3.93
C THR A 27 0.02 6.05 -2.57
N TYR A 28 1.20 6.63 -2.57
CA TYR A 28 1.89 6.99 -1.35
C TYR A 28 2.58 8.34 -1.54
N ARG A 29 2.93 8.99 -0.45
CA ARG A 29 3.60 10.28 -0.52
C ARG A 29 4.48 10.49 0.71
N PHE A 30 5.52 11.28 0.55
CA PHE A 30 6.43 11.56 1.65
C PHE A 30 5.92 12.76 2.44
N VAL A 31 5.51 12.51 3.68
CA VAL A 31 4.97 13.57 4.52
C VAL A 31 6.07 14.43 5.14
N ASP A 32 7.25 13.85 5.33
CA ASP A 32 8.35 14.60 5.91
C ASP A 32 9.69 14.23 5.28
N ASN A 33 10.23 13.07 5.63
CA ASN A 33 11.52 12.65 5.09
C ASN A 33 11.52 11.20 4.64
N ASN A 34 11.26 10.29 5.57
CA ASN A 34 11.26 8.87 5.26
C ASN A 34 9.90 8.24 5.47
N GLU A 35 8.95 9.05 5.93
CA GLU A 35 7.61 8.56 6.20
C GLU A 35 6.74 8.64 4.95
N ILE A 36 6.33 7.48 4.47
CA ILE A 36 5.47 7.38 3.30
C ILE A 36 4.04 7.08 3.72
N ASN A 37 3.14 7.97 3.38
CA ASN A 37 1.74 7.81 3.74
C ASN A 37 0.89 7.36 2.56
N ILE A 38 0.27 6.19 2.73
CA ILE A 38 -0.61 5.64 1.70
C ILE A 38 -1.98 6.30 1.81
N ASP A 39 -2.35 7.06 0.80
CA ASP A 39 -3.62 7.78 0.84
C ASP A 39 -4.72 7.10 0.04
N HIS A 40 -4.46 6.82 -1.23
CA HIS A 40 -5.47 6.21 -2.08
C HIS A 40 -5.10 4.77 -2.46
N THR A 41 -6.11 3.92 -2.49
CA THR A 41 -5.97 2.53 -2.86
C THR A 41 -7.22 2.11 -3.64
N GLY A 42 -7.05 1.27 -4.66
CA GLY A 42 -8.19 0.86 -5.42
C GLY A 42 -7.96 -0.37 -6.25
N VAL A 43 -8.66 -1.44 -5.90
CA VAL A 43 -8.58 -2.70 -6.63
C VAL A 43 -9.98 -3.09 -7.08
N SER A 44 -10.09 -3.69 -8.25
CA SER A 44 -11.39 -4.09 -8.76
C SER A 44 -11.94 -5.28 -7.97
N ASP A 45 -13.04 -5.03 -7.27
CA ASP A 45 -13.68 -6.07 -6.47
C ASP A 45 -14.56 -6.94 -7.36
N GLU A 46 -14.81 -6.45 -8.57
CA GLU A 46 -15.59 -7.18 -9.56
C GLU A 46 -14.72 -8.25 -10.19
N LEU A 47 -13.42 -7.99 -10.17
CA LEU A 47 -12.44 -8.91 -10.71
C LEU A 47 -12.01 -9.89 -9.64
N GLY A 48 -11.94 -9.40 -8.41
CA GLY A 48 -11.52 -10.22 -7.30
C GLY A 48 -10.05 -10.10 -7.02
N GLY A 49 -9.58 -8.86 -6.94
CA GLY A 49 -8.18 -8.61 -6.66
C GLY A 49 -7.84 -8.81 -5.20
N GLN A 50 -7.85 -10.05 -4.76
CA GLN A 50 -7.54 -10.39 -3.38
C GLN A 50 -6.04 -10.42 -3.17
N GLY A 51 -5.36 -11.27 -3.92
CA GLY A 51 -3.92 -11.38 -3.80
C GLY A 51 -3.21 -10.25 -4.50
N VAL A 52 -3.82 -9.75 -5.57
CA VAL A 52 -3.25 -8.65 -6.35
C VAL A 52 -3.03 -7.43 -5.46
N GLY A 53 -4.02 -7.11 -4.64
CA GLY A 53 -3.91 -5.96 -3.75
C GLY A 53 -2.81 -6.14 -2.72
N LYS A 54 -2.60 -7.38 -2.30
CA LYS A 54 -1.57 -7.68 -1.32
C LYS A 54 -0.19 -7.60 -1.96
N LYS A 55 -0.10 -8.01 -3.22
CA LYS A 55 1.16 -7.99 -3.96
C LYS A 55 1.77 -6.58 -4.02
N LEU A 56 0.97 -5.61 -4.42
CA LEU A 56 1.44 -4.23 -4.53
C LEU A 56 1.80 -3.65 -3.17
N LEU A 57 0.96 -3.88 -2.17
CA LEU A 57 1.22 -3.37 -0.82
C LEU A 57 2.48 -4.02 -0.25
N LYS A 58 2.63 -5.30 -0.51
CA LYS A 58 3.79 -6.06 -0.05
C LYS A 58 5.08 -5.45 -0.58
N ALA A 59 5.04 -5.04 -1.86
CA ALA A 59 6.20 -4.44 -2.50
C ALA A 59 6.55 -3.11 -1.84
N VAL A 60 5.53 -2.38 -1.39
CA VAL A 60 5.73 -1.11 -0.73
C VAL A 60 6.42 -1.33 0.61
N VAL A 61 5.96 -2.35 1.33
CA VAL A 61 6.51 -2.71 2.63
C VAL A 61 7.96 -3.16 2.49
N GLU A 62 8.22 -3.95 1.47
CA GLU A 62 9.55 -4.47 1.19
C GLU A 62 10.51 -3.34 0.83
N HIS A 63 10.07 -2.47 -0.07
CA HIS A 63 10.89 -1.33 -0.51
C HIS A 63 11.12 -0.37 0.64
N ALA A 64 10.14 -0.28 1.55
CA ALA A 64 10.24 0.60 2.70
C ALA A 64 11.42 0.20 3.57
N ARG A 65 11.55 -1.10 3.84
CA ARG A 65 12.64 -1.60 4.65
C ARG A 65 13.99 -1.34 3.98
N GLU A 66 14.00 -1.39 2.65
CA GLU A 66 15.21 -1.16 1.86
C GLU A 66 15.79 0.23 2.13
N ASN A 67 14.91 1.22 2.26
CA ASN A 67 15.35 2.59 2.48
C ASN A 67 15.09 3.05 3.91
N ASN A 68 14.76 2.11 4.80
CA ASN A 68 14.48 2.42 6.21
C ASN A 68 13.36 3.46 6.32
N LEU A 69 12.36 3.32 5.45
CA LEU A 69 11.23 4.24 5.43
C LEU A 69 10.20 3.86 6.47
N LYS A 70 9.33 4.80 6.79
CA LYS A 70 8.27 4.58 7.77
C LYS A 70 6.94 4.55 7.03
N ILE A 71 6.14 3.54 7.29
CA ILE A 71 4.86 3.41 6.60
C ILE A 71 3.69 3.88 7.45
N ILE A 72 2.91 4.76 6.86
CA ILE A 72 1.71 5.30 7.48
C ILE A 72 0.61 5.29 6.43
N ALA A 73 -0.64 5.32 6.84
CA ALA A 73 -1.73 5.30 5.88
C ALA A 73 -2.95 6.06 6.36
N SER A 74 -3.52 6.84 5.45
CA SER A 74 -4.72 7.59 5.74
C SER A 74 -5.93 6.83 5.21
N CYS A 75 -5.65 5.95 4.26
CA CYS A 75 -6.68 5.11 3.65
C CYS A 75 -7.14 4.06 4.64
N SER A 76 -8.45 3.93 4.80
CA SER A 76 -9.03 2.96 5.71
C SER A 76 -8.64 1.54 5.33
N PHE A 77 -8.75 1.22 4.04
CA PHE A 77 -8.43 -0.12 3.56
C PHE A 77 -6.96 -0.43 3.77
N ALA A 78 -6.09 0.50 3.34
CA ALA A 78 -4.66 0.32 3.48
C ALA A 78 -4.25 0.19 4.93
N LYS A 79 -4.79 1.06 5.77
CA LYS A 79 -4.48 1.04 7.19
C LYS A 79 -4.97 -0.26 7.82
N HIS A 80 -6.17 -0.68 7.43
CA HIS A 80 -6.76 -1.92 7.94
C HIS A 80 -5.85 -3.11 7.64
N MET A 81 -5.28 -3.13 6.45
CA MET A 81 -4.38 -4.20 6.06
C MET A 81 -3.14 -4.20 6.95
N LEU A 82 -2.62 -3.00 7.21
CA LEU A 82 -1.44 -2.86 8.05
C LEU A 82 -1.76 -3.18 9.51
N GLU A 83 -2.95 -2.79 9.96
CA GLU A 83 -3.38 -3.05 11.33
C GLU A 83 -3.61 -4.55 11.55
N LYS A 84 -4.19 -5.20 10.55
CA LYS A 84 -4.48 -6.63 10.63
C LYS A 84 -3.20 -7.44 10.52
N GLU A 85 -2.26 -6.96 9.71
CA GLU A 85 -0.99 -7.64 9.52
C GLU A 85 0.02 -7.12 10.54
N ASP A 86 -0.02 -7.69 11.75
CA ASP A 86 0.87 -7.27 12.84
C ASP A 86 2.34 -7.42 12.45
N SER A 87 2.61 -8.31 11.52
CA SER A 87 3.96 -8.56 11.04
C SER A 87 4.45 -7.39 10.18
N TYR A 88 3.56 -6.48 9.84
CA TYR A 88 3.90 -5.32 9.02
C TYR A 88 4.20 -4.10 9.89
N GLN A 89 4.03 -4.26 11.21
CA GLN A 89 4.27 -3.16 12.14
C GLN A 89 5.76 -2.93 12.34
N ASP A 90 6.58 -3.63 11.56
CA ASP A 90 8.02 -3.48 11.62
C ASP A 90 8.42 -2.18 10.93
N VAL A 91 7.59 -1.76 9.98
CA VAL A 91 7.82 -0.51 9.26
C VAL A 91 6.63 0.43 9.39
N TYR A 92 5.46 -0.15 9.68
CA TYR A 92 4.24 0.62 9.83
C TYR A 92 4.12 1.13 11.27
N LEU A 93 3.80 2.40 11.41
CA LEU A 93 3.67 3.03 12.72
C LEU A 93 2.31 2.71 13.35
N GLY A 94 2.16 1.48 13.81
CA GLY A 94 0.93 1.07 14.46
C GLY A 94 1.12 0.87 15.94
N LEU A 95 2.37 0.76 16.34
CA LEU A 95 2.71 0.58 17.74
C LEU A 95 3.12 1.91 18.35
N GLU A 96 2.13 2.73 18.63
CA GLU A 96 2.36 4.06 19.19
C GLU A 96 2.50 4.00 20.71
N HIS A 97 1.47 3.50 21.40
CA HIS A 97 1.51 3.42 22.86
C HIS A 97 0.28 2.69 23.42
N HIS A 98 -0.89 2.89 22.83
CA HIS A 98 -2.09 2.23 23.33
C HIS A 98 -2.29 0.86 22.69
N HIS A 99 -1.94 0.75 21.40
CA HIS A 99 -2.05 -0.51 20.65
C HIS A 99 -3.48 -1.05 20.63
N HIS A 100 -3.64 -2.23 20.03
CA HIS A 100 -4.93 -2.92 19.93
C HIS A 100 -6.02 -2.00 19.36
N HIS A 101 -6.95 -1.56 20.20
CA HIS A 101 -8.03 -0.69 19.76
C HIS A 101 -8.22 0.43 20.77
N HIS A 102 -8.17 0.07 22.04
CA HIS A 102 -8.32 1.03 23.13
C HIS A 102 -7.26 0.78 24.17
N MET A 1 -6.08 -6.75 -21.06
CA MET A 1 -5.16 -7.25 -20.01
C MET A 1 -4.04 -8.07 -20.64
N SER A 2 -2.94 -8.21 -19.92
CA SER A 2 -1.81 -8.99 -20.41
C SER A 2 -1.21 -9.81 -19.28
N ASN A 3 -0.32 -9.21 -18.53
CA ASN A 3 0.33 -9.89 -17.42
C ASN A 3 0.24 -9.04 -16.16
N LEU A 4 -0.02 -9.70 -15.03
CA LEU A 4 -0.14 -9.03 -13.75
C LEU A 4 1.23 -8.63 -13.21
N GLU A 5 1.77 -7.53 -13.71
CA GLU A 5 3.08 -7.04 -13.29
C GLU A 5 2.93 -5.73 -12.51
N ILE A 6 3.77 -5.56 -11.50
CA ILE A 6 3.74 -4.36 -10.67
C ILE A 6 4.47 -3.21 -11.37
N LYS A 7 3.71 -2.22 -11.83
CA LYS A 7 4.28 -1.07 -12.49
C LYS A 7 4.51 0.06 -11.50
N GLN A 8 5.74 0.56 -11.45
CA GLN A 8 6.05 1.66 -10.55
C GLN A 8 5.78 2.99 -11.25
N GLY A 9 4.82 3.71 -10.72
CA GLY A 9 4.45 4.99 -11.28
C GLY A 9 4.93 6.13 -10.42
N GLU A 10 4.35 7.31 -10.62
CA GLU A 10 4.70 8.50 -9.86
C GLU A 10 4.41 8.29 -8.37
N ASN A 11 5.43 7.84 -7.64
CA ASN A 11 5.33 7.56 -6.21
C ASN A 11 4.16 6.64 -5.92
N LYS A 12 4.00 5.62 -6.75
CA LYS A 12 2.90 4.68 -6.59
C LYS A 12 3.18 3.37 -7.31
N PHE A 13 2.31 2.40 -7.09
CA PHE A 13 2.40 1.09 -7.72
C PHE A 13 1.04 0.73 -8.27
N TYR A 14 0.97 0.36 -9.53
CA TYR A 14 -0.32 0.01 -10.14
C TYR A 14 -0.17 -1.19 -11.06
N ILE A 15 -1.26 -1.93 -11.21
CA ILE A 15 -1.31 -3.10 -12.07
C ILE A 15 -2.58 -3.08 -12.90
N GLY A 16 -2.46 -3.36 -14.18
CA GLY A 16 -3.63 -3.37 -15.04
C GLY A 16 -3.28 -3.43 -16.51
N ASP A 17 -4.28 -3.22 -17.35
CA ASP A 17 -4.09 -3.24 -18.80
C ASP A 17 -3.47 -1.93 -19.27
N ASP A 18 -3.80 -0.87 -18.54
CA ASP A 18 -3.31 0.47 -18.85
C ASP A 18 -3.42 1.33 -17.60
N GLU A 19 -2.85 2.53 -17.62
CA GLU A 19 -2.93 3.42 -16.48
C GLU A 19 -4.40 3.72 -16.13
N ASN A 20 -5.23 3.82 -17.17
CA ASN A 20 -6.65 4.07 -16.97
C ASN A 20 -7.40 2.78 -16.74
N ASN A 21 -6.82 1.68 -17.20
CA ASN A 21 -7.41 0.37 -17.04
C ASN A 21 -6.73 -0.37 -15.90
N ALA A 22 -6.52 0.34 -14.80
CA ALA A 22 -5.88 -0.22 -13.62
C ALA A 22 -6.81 -1.19 -12.90
N LEU A 23 -6.29 -2.36 -12.57
CA LEU A 23 -7.04 -3.38 -11.87
C LEU A 23 -6.74 -3.30 -10.37
N ALA A 24 -5.67 -2.60 -10.05
CA ALA A 24 -5.24 -2.40 -8.68
C ALA A 24 -4.22 -1.27 -8.63
N GLU A 25 -4.36 -0.37 -7.68
CA GLU A 25 -3.45 0.76 -7.57
C GLU A 25 -3.35 1.27 -6.14
N ILE A 26 -2.11 1.52 -5.72
CA ILE A 26 -1.83 2.05 -4.38
C ILE A 26 -0.93 3.27 -4.52
N THR A 27 -1.31 4.36 -3.87
CA THR A 27 -0.53 5.59 -3.94
C THR A 27 -0.04 6.03 -2.56
N TYR A 28 1.17 6.55 -2.51
CA TYR A 28 1.77 7.03 -1.28
C TYR A 28 2.60 8.28 -1.56
N ARG A 29 3.01 8.97 -0.51
CA ARG A 29 3.79 10.18 -0.67
C ARG A 29 4.68 10.42 0.54
N PHE A 30 5.78 11.12 0.33
CA PHE A 30 6.70 11.44 1.41
C PHE A 30 6.17 12.63 2.19
N VAL A 31 5.61 12.35 3.36
CA VAL A 31 5.05 13.40 4.19
C VAL A 31 6.13 14.18 4.92
N ASP A 32 7.22 13.52 5.27
CA ASP A 32 8.30 14.18 5.97
C ASP A 32 9.65 13.92 5.33
N ASN A 33 10.32 12.84 5.73
CA ASN A 33 11.64 12.52 5.18
C ASN A 33 11.70 11.10 4.64
N ASN A 34 11.41 10.13 5.49
CA ASN A 34 11.45 8.74 5.07
C ASN A 34 10.10 8.08 5.31
N GLU A 35 9.15 8.90 5.72
CA GLU A 35 7.81 8.43 6.01
C GLU A 35 6.90 8.60 4.80
N ILE A 36 6.41 7.48 4.28
CA ILE A 36 5.50 7.50 3.14
C ILE A 36 4.10 7.15 3.61
N ASN A 37 3.16 8.02 3.31
CA ASN A 37 1.78 7.82 3.72
C ASN A 37 0.90 7.42 2.55
N ILE A 38 0.12 6.35 2.75
CA ILE A 38 -0.80 5.87 1.74
C ILE A 38 -2.10 6.66 1.79
N ASP A 39 -2.42 7.33 0.69
CA ASP A 39 -3.62 8.15 0.61
C ASP A 39 -4.75 7.45 -0.14
N HIS A 40 -4.40 6.54 -1.04
CA HIS A 40 -5.40 5.85 -1.82
C HIS A 40 -5.01 4.39 -2.08
N THR A 41 -5.98 3.50 -1.91
CA THR A 41 -5.77 2.07 -2.12
C THR A 41 -7.03 1.48 -2.76
N GLY A 42 -6.96 1.20 -4.06
CA GLY A 42 -8.11 0.65 -4.75
C GLY A 42 -7.78 -0.60 -5.52
N VAL A 43 -8.64 -1.60 -5.44
CA VAL A 43 -8.46 -2.86 -6.14
C VAL A 43 -9.77 -3.27 -6.79
N SER A 44 -9.70 -3.64 -8.07
CA SER A 44 -10.88 -4.04 -8.81
C SER A 44 -11.48 -5.33 -8.25
N ASP A 45 -12.80 -5.35 -8.17
CA ASP A 45 -13.53 -6.50 -7.67
C ASP A 45 -13.97 -7.34 -8.85
N GLU A 46 -14.22 -6.68 -9.98
CA GLU A 46 -14.63 -7.32 -11.21
C GLU A 46 -13.53 -8.27 -11.70
N LEU A 47 -12.31 -8.02 -11.24
CA LEU A 47 -11.17 -8.83 -11.60
C LEU A 47 -11.36 -10.27 -11.10
N GLY A 48 -12.04 -10.40 -9.96
CA GLY A 48 -12.29 -11.72 -9.39
C GLY A 48 -11.17 -12.17 -8.49
N GLY A 49 -9.93 -11.91 -8.90
CA GLY A 49 -8.78 -12.31 -8.12
C GLY A 49 -8.48 -11.33 -7.00
N GLN A 50 -9.00 -11.60 -5.82
CA GLN A 50 -8.77 -10.75 -4.67
C GLN A 50 -7.46 -11.13 -3.99
N GLY A 51 -6.79 -10.14 -3.43
CA GLY A 51 -5.53 -10.39 -2.77
C GLY A 51 -4.42 -9.55 -3.35
N VAL A 52 -4.65 -9.03 -4.55
CA VAL A 52 -3.68 -8.19 -5.24
C VAL A 52 -3.32 -6.98 -4.38
N GLY A 53 -4.29 -6.50 -3.60
CA GLY A 53 -4.05 -5.37 -2.73
C GLY A 53 -2.98 -5.64 -1.70
N LYS A 54 -2.97 -6.87 -1.18
CA LYS A 54 -1.98 -7.27 -0.19
C LYS A 54 -0.62 -7.41 -0.85
N LYS A 55 -0.62 -7.84 -2.11
CA LYS A 55 0.60 -8.00 -2.87
C LYS A 55 1.20 -6.64 -3.20
N LEU A 56 0.33 -5.68 -3.48
CA LEU A 56 0.76 -4.31 -3.77
C LEU A 56 1.39 -3.71 -2.52
N LEU A 57 0.70 -3.88 -1.40
CA LEU A 57 1.19 -3.37 -0.13
C LEU A 57 2.50 -4.07 0.22
N LYS A 58 2.61 -5.33 -0.17
CA LYS A 58 3.82 -6.12 0.06
C LYS A 58 4.99 -5.49 -0.66
N ALA A 59 4.74 -5.09 -1.92
CA ALA A 59 5.76 -4.45 -2.74
C ALA A 59 6.20 -3.13 -2.11
N VAL A 60 5.23 -2.39 -1.59
CA VAL A 60 5.52 -1.11 -0.93
C VAL A 60 6.37 -1.35 0.30
N VAL A 61 5.98 -2.35 1.09
CA VAL A 61 6.70 -2.71 2.30
C VAL A 61 8.13 -3.15 1.96
N GLU A 62 8.25 -3.99 0.94
CA GLU A 62 9.53 -4.48 0.49
C GLU A 62 10.43 -3.31 0.09
N HIS A 63 9.89 -2.44 -0.74
CA HIS A 63 10.62 -1.27 -1.22
C HIS A 63 10.99 -0.35 -0.05
N ALA A 64 10.05 -0.19 0.88
CA ALA A 64 10.27 0.64 2.04
C ALA A 64 11.41 0.12 2.89
N ARG A 65 11.39 -1.17 3.20
CA ARG A 65 12.43 -1.78 4.01
C ARG A 65 13.80 -1.63 3.35
N GLU A 66 13.86 -1.80 2.04
CA GLU A 66 15.10 -1.67 1.29
C GLU A 66 15.68 -0.26 1.39
N ASN A 67 14.81 0.72 1.60
CA ASN A 67 15.24 2.10 1.71
C ASN A 67 15.11 2.62 3.14
N ASN A 68 14.84 1.69 4.07
CA ASN A 68 14.68 2.02 5.50
C ASN A 68 13.59 3.08 5.72
N LEU A 69 12.56 3.02 4.89
CA LEU A 69 11.47 3.98 4.97
C LEU A 69 10.41 3.51 5.97
N LYS A 70 9.57 4.45 6.38
CA LYS A 70 8.49 4.16 7.31
C LYS A 70 7.16 4.32 6.60
N ILE A 71 6.25 3.41 6.85
CA ILE A 71 4.96 3.46 6.18
C ILE A 71 3.84 3.84 7.13
N ILE A 72 3.02 4.78 6.68
CA ILE A 72 1.87 5.24 7.44
C ILE A 72 0.69 5.30 6.47
N ALA A 73 -0.53 5.32 6.98
CA ALA A 73 -1.68 5.34 6.07
C ALA A 73 -2.85 6.14 6.62
N SER A 74 -3.37 7.02 5.77
CA SER A 74 -4.53 7.82 6.11
C SER A 74 -5.77 7.11 5.59
N CYS A 75 -5.59 6.38 4.50
CA CYS A 75 -6.65 5.61 3.87
C CYS A 75 -7.18 4.57 4.85
N SER A 76 -8.50 4.53 5.02
CA SER A 76 -9.15 3.61 5.94
C SER A 76 -8.72 2.16 5.69
N PHE A 77 -8.82 1.71 4.44
CA PHE A 77 -8.46 0.34 4.09
C PHE A 77 -6.99 0.07 4.39
N ALA A 78 -6.12 0.94 3.90
CA ALA A 78 -4.68 0.79 4.10
C ALA A 78 -4.30 0.77 5.57
N LYS A 79 -4.87 1.69 6.36
CA LYS A 79 -4.58 1.74 7.79
C LYS A 79 -5.03 0.44 8.46
N HIS A 80 -6.20 -0.03 8.09
CA HIS A 80 -6.75 -1.27 8.65
C HIS A 80 -5.90 -2.45 8.20
N MET A 81 -5.31 -2.33 7.02
CA MET A 81 -4.47 -3.38 6.47
C MET A 81 -3.16 -3.50 7.23
N LEU A 82 -2.50 -2.36 7.43
CA LEU A 82 -1.22 -2.33 8.13
C LEU A 82 -1.40 -2.66 9.61
N GLU A 83 -2.59 -2.43 10.12
CA GLU A 83 -2.89 -2.73 11.52
C GLU A 83 -3.27 -4.21 11.68
N LYS A 84 -3.74 -4.80 10.59
CA LYS A 84 -4.14 -6.20 10.60
C LYS A 84 -2.94 -7.09 10.33
N GLU A 85 -2.12 -6.71 9.37
CA GLU A 85 -0.94 -7.47 9.02
C GLU A 85 0.23 -7.14 9.95
N ASP A 86 0.38 -7.95 10.99
CA ASP A 86 1.44 -7.75 11.98
C ASP A 86 2.81 -7.92 11.34
N SER A 87 2.83 -8.53 10.16
CA SER A 87 4.06 -8.76 9.42
C SER A 87 4.63 -7.45 8.87
N TYR A 88 3.87 -6.37 9.00
CA TYR A 88 4.30 -5.06 8.52
C TYR A 88 4.53 -4.10 9.69
N GLN A 89 4.61 -4.64 10.90
CA GLN A 89 4.79 -3.83 12.09
C GLN A 89 6.18 -3.18 12.14
N ASP A 90 7.10 -3.71 11.35
CA ASP A 90 8.46 -3.18 11.30
C ASP A 90 8.54 -1.94 10.42
N VAL A 91 7.62 -1.81 9.47
CA VAL A 91 7.60 -0.65 8.58
C VAL A 91 6.50 0.32 8.98
N TYR A 92 5.39 -0.21 9.49
CA TYR A 92 4.27 0.60 9.91
C TYR A 92 4.47 1.06 11.35
N LEU A 93 4.17 2.33 11.60
CA LEU A 93 4.32 2.90 12.94
C LEU A 93 3.14 2.51 13.85
N GLY A 94 2.78 1.24 13.83
CA GLY A 94 1.68 0.76 14.65
C GLY A 94 2.09 0.62 16.10
N LEU A 95 3.38 0.42 16.31
CA LEU A 95 3.92 0.28 17.65
C LEU A 95 4.21 1.65 18.26
N GLU A 96 3.15 2.36 18.62
CA GLU A 96 3.30 3.70 19.20
C GLU A 96 3.62 3.64 20.68
N HIS A 97 2.79 2.93 21.46
CA HIS A 97 3.01 2.80 22.91
C HIS A 97 1.94 1.94 23.57
N HIS A 98 0.68 2.01 23.10
CA HIS A 98 -0.39 1.24 23.72
C HIS A 98 -0.55 -0.13 23.07
N HIS A 99 -0.43 -0.19 21.75
CA HIS A 99 -0.54 -1.45 20.99
C HIS A 99 -1.92 -2.10 21.14
N HIS A 100 -2.14 -3.16 20.36
CA HIS A 100 -3.39 -3.93 20.39
C HIS A 100 -4.60 -3.06 20.05
N HIS A 101 -5.23 -2.48 21.06
CA HIS A 101 -6.40 -1.64 20.85
C HIS A 101 -6.63 -0.70 22.04
N HIS A 102 -6.25 -1.15 23.22
CA HIS A 102 -6.41 -0.35 24.42
C HIS A 102 -5.18 -0.47 25.30
N MET A 1 -7.74 -6.61 -21.21
CA MET A 1 -6.97 -7.42 -20.25
C MET A 1 -5.70 -7.94 -20.90
N SER A 2 -4.57 -7.42 -20.46
CA SER A 2 -3.30 -7.83 -21.01
C SER A 2 -2.60 -8.83 -20.10
N ASN A 3 -1.99 -8.35 -19.03
CA ASN A 3 -1.28 -9.20 -18.09
C ASN A 3 -1.29 -8.58 -16.70
N LEU A 4 -1.17 -9.41 -15.67
CA LEU A 4 -1.17 -8.93 -14.30
C LEU A 4 0.22 -8.48 -13.87
N GLU A 5 0.77 -7.52 -14.60
CA GLU A 5 2.09 -6.99 -14.30
C GLU A 5 1.98 -5.78 -13.37
N ILE A 6 2.82 -5.75 -12.34
CA ILE A 6 2.81 -4.64 -11.40
C ILE A 6 3.43 -3.41 -12.06
N LYS A 7 2.59 -2.57 -12.62
CA LYS A 7 3.03 -1.36 -13.28
C LYS A 7 3.41 -0.30 -12.27
N GLN A 8 4.63 0.20 -12.40
CA GLN A 8 5.11 1.23 -11.50
C GLN A 8 4.97 2.61 -12.14
N GLY A 9 4.23 3.47 -11.48
CA GLY A 9 4.02 4.81 -11.99
C GLY A 9 4.61 5.85 -11.07
N GLU A 10 4.18 7.09 -11.22
CA GLU A 10 4.65 8.21 -10.42
C GLU A 10 4.36 7.99 -8.93
N ASN A 11 5.33 7.38 -8.23
CA ASN A 11 5.20 7.08 -6.81
C ASN A 11 3.92 6.31 -6.51
N LYS A 12 3.58 5.39 -7.40
CA LYS A 12 2.37 4.59 -7.24
C LYS A 12 2.50 3.27 -7.98
N PHE A 13 1.73 2.28 -7.56
CA PHE A 13 1.73 0.98 -8.18
C PHE A 13 0.32 0.65 -8.63
N TYR A 14 0.15 0.25 -9.88
CA TYR A 14 -1.17 -0.07 -10.39
C TYR A 14 -1.12 -1.25 -11.34
N ILE A 15 -2.21 -1.99 -11.40
CA ILE A 15 -2.31 -3.13 -12.27
C ILE A 15 -3.60 -3.02 -13.08
N GLY A 16 -3.47 -3.00 -14.40
CA GLY A 16 -4.63 -2.89 -15.26
C GLY A 16 -4.26 -2.92 -16.72
N ASP A 17 -5.26 -3.00 -17.58
CA ASP A 17 -5.04 -3.03 -19.02
C ASP A 17 -4.60 -1.66 -19.53
N ASP A 18 -5.04 -0.61 -18.83
CA ASP A 18 -4.71 0.75 -19.21
C ASP A 18 -4.64 1.62 -17.96
N GLU A 19 -4.07 2.81 -18.08
CA GLU A 19 -3.95 3.73 -16.97
C GLU A 19 -5.33 4.15 -16.47
N ASN A 20 -6.31 4.16 -17.37
CA ASN A 20 -7.68 4.52 -17.02
C ASN A 20 -8.49 3.27 -16.72
N ASN A 21 -7.81 2.13 -16.73
CA ASN A 21 -8.44 0.85 -16.48
C ASN A 21 -7.70 0.11 -15.37
N ALA A 22 -7.36 0.84 -14.31
CA ALA A 22 -6.65 0.26 -13.19
C ALA A 22 -7.56 -0.66 -12.40
N LEU A 23 -7.25 -1.95 -12.40
CA LEU A 23 -8.03 -2.94 -11.67
C LEU A 23 -7.56 -2.98 -10.22
N ALA A 24 -6.44 -2.33 -9.98
CA ALA A 24 -5.85 -2.25 -8.64
C ALA A 24 -4.83 -1.13 -8.64
N GLU A 25 -4.93 -0.21 -7.69
CA GLU A 25 -3.99 0.90 -7.61
C GLU A 25 -3.75 1.35 -6.17
N ILE A 26 -2.49 1.64 -5.88
CA ILE A 26 -2.09 2.12 -4.57
C ILE A 26 -1.15 3.32 -4.73
N THR A 27 -1.45 4.40 -4.03
CA THR A 27 -0.63 5.61 -4.13
C THR A 27 0.00 5.96 -2.78
N TYR A 28 1.26 6.35 -2.83
CA TYR A 28 1.99 6.74 -1.63
C TYR A 28 2.79 8.01 -1.91
N ARG A 29 3.28 8.65 -0.86
CA ARG A 29 4.05 9.87 -1.03
C ARG A 29 4.89 10.15 0.21
N PHE A 30 5.96 10.89 0.01
CA PHE A 30 6.85 11.27 1.09
C PHE A 30 6.29 12.50 1.78
N VAL A 31 5.89 12.35 3.04
CA VAL A 31 5.31 13.45 3.78
C VAL A 31 6.37 14.26 4.54
N ASP A 32 7.44 13.60 4.95
CA ASP A 32 8.50 14.28 5.68
C ASP A 32 9.87 13.96 5.09
N ASN A 33 10.42 12.81 5.46
CA ASN A 33 11.74 12.41 4.97
C ASN A 33 11.72 10.99 4.44
N ASN A 34 11.60 10.03 5.35
CA ASN A 34 11.58 8.63 4.98
C ASN A 34 10.19 8.05 5.19
N GLU A 35 9.28 8.89 5.65
CA GLU A 35 7.91 8.48 5.92
C GLU A 35 7.06 8.56 4.64
N ILE A 36 6.58 7.40 4.20
CA ILE A 36 5.74 7.32 3.02
C ILE A 36 4.30 7.05 3.43
N ASN A 37 3.41 7.95 3.04
CA ASN A 37 2.00 7.83 3.38
C ASN A 37 1.18 7.35 2.20
N ILE A 38 0.44 6.27 2.41
CA ILE A 38 -0.44 5.72 1.39
C ILE A 38 -1.78 6.43 1.45
N ASP A 39 -2.21 7.00 0.34
CA ASP A 39 -3.46 7.74 0.30
C ASP A 39 -4.60 6.91 -0.30
N HIS A 40 -4.38 6.40 -1.50
CA HIS A 40 -5.42 5.62 -2.18
C HIS A 40 -5.05 4.16 -2.30
N THR A 41 -6.04 3.30 -2.11
CA THR A 41 -5.89 1.87 -2.24
C THR A 41 -7.21 1.28 -2.71
N GLY A 42 -7.25 0.85 -3.97
CA GLY A 42 -8.48 0.29 -4.50
C GLY A 42 -8.24 -0.93 -5.37
N VAL A 43 -9.25 -1.79 -5.44
CA VAL A 43 -9.20 -3.01 -6.22
C VAL A 43 -10.56 -3.24 -6.89
N SER A 44 -10.54 -3.40 -8.20
CA SER A 44 -11.76 -3.63 -8.96
C SER A 44 -12.02 -5.12 -9.12
N ASP A 45 -13.25 -5.52 -8.85
CA ASP A 45 -13.66 -6.92 -8.96
C ASP A 45 -13.75 -7.37 -10.42
N GLU A 46 -13.61 -6.41 -11.34
CA GLU A 46 -13.68 -6.70 -12.78
C GLU A 46 -12.57 -7.65 -13.20
N LEU A 47 -11.52 -7.72 -12.39
CA LEU A 47 -10.39 -8.60 -12.67
C LEU A 47 -10.75 -10.04 -12.36
N GLY A 48 -11.69 -10.22 -11.44
CA GLY A 48 -12.10 -11.55 -11.05
C GLY A 48 -11.40 -11.99 -9.78
N GLY A 49 -10.08 -11.86 -9.77
CA GLY A 49 -9.30 -12.24 -8.61
C GLY A 49 -9.35 -11.17 -7.53
N GLN A 50 -9.34 -11.60 -6.27
CA GLN A 50 -9.38 -10.69 -5.16
C GLN A 50 -8.07 -10.76 -4.38
N GLY A 51 -7.84 -9.78 -3.51
CA GLY A 51 -6.63 -9.77 -2.71
C GLY A 51 -5.44 -9.13 -3.43
N VAL A 52 -5.71 -8.52 -4.57
CA VAL A 52 -4.66 -7.87 -5.36
C VAL A 52 -3.97 -6.77 -4.57
N GLY A 53 -4.73 -6.11 -3.70
CA GLY A 53 -4.20 -5.04 -2.88
C GLY A 53 -3.09 -5.52 -1.97
N LYS A 54 -3.14 -6.80 -1.59
CA LYS A 54 -2.13 -7.39 -0.71
C LYS A 54 -0.81 -7.50 -1.45
N LYS A 55 -0.86 -7.72 -2.75
CA LYS A 55 0.33 -7.84 -3.57
C LYS A 55 0.96 -6.47 -3.75
N LEU A 56 0.11 -5.47 -3.96
CA LEU A 56 0.55 -4.10 -4.13
C LEU A 56 1.20 -3.60 -2.85
N LEU A 57 0.51 -3.83 -1.73
CA LEU A 57 1.02 -3.42 -0.43
C LEU A 57 2.33 -4.12 -0.13
N LYS A 58 2.42 -5.39 -0.50
CA LYS A 58 3.63 -6.17 -0.29
C LYS A 58 4.83 -5.52 -0.95
N ALA A 59 4.61 -5.04 -2.17
CA ALA A 59 5.66 -4.36 -2.93
C ALA A 59 6.10 -3.08 -2.22
N VAL A 60 5.13 -2.38 -1.65
CA VAL A 60 5.43 -1.15 -0.92
C VAL A 60 6.19 -1.48 0.37
N VAL A 61 5.69 -2.48 1.08
CA VAL A 61 6.32 -2.92 2.33
C VAL A 61 7.75 -3.37 2.08
N GLU A 62 7.94 -4.14 1.02
CA GLU A 62 9.26 -4.64 0.66
C GLU A 62 10.19 -3.49 0.26
N HIS A 63 9.69 -2.58 -0.57
CA HIS A 63 10.48 -1.45 -1.03
C HIS A 63 10.83 -0.52 0.13
N ALA A 64 9.89 -0.38 1.06
CA ALA A 64 10.09 0.46 2.22
C ALA A 64 11.21 -0.10 3.09
N ARG A 65 11.20 -1.41 3.26
CA ARG A 65 12.21 -2.08 4.08
C ARG A 65 13.59 -1.88 3.46
N GLU A 66 13.66 -1.90 2.14
CA GLU A 66 14.92 -1.73 1.41
C GLU A 66 15.53 -0.36 1.66
N ASN A 67 14.67 0.65 1.79
CA ASN A 67 15.15 2.02 1.99
C ASN A 67 14.98 2.49 3.42
N ASN A 68 14.55 1.59 4.30
CA ASN A 68 14.35 1.90 5.71
C ASN A 68 13.29 3.01 5.86
N LEU A 69 12.28 2.95 5.01
CA LEU A 69 11.21 3.94 5.01
C LEU A 69 10.15 3.58 6.05
N LYS A 70 9.40 4.58 6.47
CA LYS A 70 8.33 4.40 7.44
C LYS A 70 7.00 4.41 6.73
N ILE A 71 6.21 3.37 6.92
CA ILE A 71 4.92 3.27 6.24
C ILE A 71 3.77 3.75 7.11
N ILE A 72 3.01 4.67 6.55
CA ILE A 72 1.81 5.22 7.18
C ILE A 72 0.72 5.27 6.12
N ALA A 73 -0.53 5.21 6.51
CA ALA A 73 -1.60 5.21 5.53
C ALA A 73 -2.79 6.06 5.96
N SER A 74 -3.35 6.77 5.01
CA SER A 74 -4.53 7.59 5.25
C SER A 74 -5.78 6.78 4.95
N CYS A 75 -5.65 5.88 3.98
CA CYS A 75 -6.75 5.01 3.59
C CYS A 75 -7.07 4.04 4.72
N SER A 76 -8.34 3.96 5.09
CA SER A 76 -8.79 3.08 6.16
C SER A 76 -8.40 1.63 5.89
N PHE A 77 -8.43 1.25 4.61
CA PHE A 77 -8.10 -0.11 4.19
C PHE A 77 -6.64 -0.45 4.46
N ALA A 78 -5.72 0.28 3.82
CA ALA A 78 -4.30 0.04 3.97
C ALA A 78 -3.85 0.16 5.42
N LYS A 79 -4.35 1.17 6.12
CA LYS A 79 -4.02 1.39 7.52
C LYS A 79 -4.43 0.18 8.35
N HIS A 80 -5.59 -0.38 8.05
CA HIS A 80 -6.10 -1.53 8.77
C HIS A 80 -5.27 -2.77 8.45
N MET A 81 -4.70 -2.83 7.25
CA MET A 81 -3.88 -3.96 6.85
C MET A 81 -2.56 -3.96 7.61
N LEU A 82 -2.05 -2.76 7.86
CA LEU A 82 -0.78 -2.60 8.57
C LEU A 82 -0.95 -2.94 10.05
N GLU A 83 -2.00 -2.43 10.66
CA GLU A 83 -2.26 -2.67 12.08
C GLU A 83 -2.74 -4.10 12.33
N LYS A 84 -3.22 -4.76 11.28
CA LYS A 84 -3.70 -6.13 11.39
C LYS A 84 -2.52 -7.09 11.48
N GLU A 85 -1.34 -6.59 11.21
CA GLU A 85 -0.13 -7.40 11.25
C GLU A 85 0.85 -6.84 12.27
N ASP A 86 0.98 -7.52 13.39
CA ASP A 86 1.89 -7.09 14.45
C ASP A 86 3.34 -7.16 13.96
N SER A 87 3.57 -8.04 13.02
CA SER A 87 4.90 -8.24 12.45
C SER A 87 5.24 -7.16 11.41
N TYR A 88 4.31 -6.24 11.18
CA TYR A 88 4.54 -5.16 10.22
C TYR A 88 5.10 -3.93 10.92
N GLN A 89 5.37 -4.07 12.22
CA GLN A 89 5.91 -2.97 13.01
C GLN A 89 7.36 -2.65 12.64
N ASP A 90 7.89 -3.37 11.68
CA ASP A 90 9.25 -3.15 11.22
C ASP A 90 9.30 -2.01 10.23
N VAL A 91 8.15 -1.74 9.61
CA VAL A 91 8.02 -0.67 8.64
C VAL A 91 6.89 0.29 9.04
N TYR A 92 5.87 -0.26 9.68
CA TYR A 92 4.73 0.51 10.13
C TYR A 92 4.99 1.06 11.53
N LEU A 93 4.63 2.32 11.75
CA LEU A 93 4.83 2.98 13.03
C LEU A 93 3.82 2.49 14.06
N GLY A 94 3.94 1.22 14.44
CA GLY A 94 3.04 0.65 15.42
C GLY A 94 3.68 0.55 16.79
N LEU A 95 5.00 0.63 16.83
CA LEU A 95 5.72 0.56 18.09
C LEU A 95 5.96 1.95 18.66
N GLU A 96 4.94 2.50 19.29
CA GLU A 96 5.05 3.82 19.87
C GLU A 96 5.42 3.76 21.35
N HIS A 97 4.59 3.09 22.17
CA HIS A 97 4.86 2.97 23.60
C HIS A 97 3.81 2.13 24.34
N HIS A 98 2.54 2.27 23.95
CA HIS A 98 1.48 1.53 24.65
C HIS A 98 1.24 0.15 24.03
N HIS A 99 1.26 0.06 22.70
CA HIS A 99 1.05 -1.20 21.99
C HIS A 99 -0.32 -1.83 22.31
N HIS A 100 -0.56 -3.01 21.74
CA HIS A 100 -1.80 -3.77 21.95
C HIS A 100 -3.03 -2.95 21.55
N HIS A 101 -3.62 -2.25 22.52
CA HIS A 101 -4.79 -1.42 22.26
C HIS A 101 -4.88 -0.31 23.30
N HIS A 102 -4.60 -0.67 24.55
CA HIS A 102 -4.61 0.28 25.64
C HIS A 102 -3.32 0.18 26.43
N MET A 1 -5.79 -7.06 -21.22
CA MET A 1 -4.88 -7.59 -20.18
C MET A 1 -3.53 -7.92 -20.78
N SER A 2 -2.49 -7.88 -19.96
CA SER A 2 -1.15 -8.18 -20.41
C SER A 2 -0.45 -9.14 -19.45
N ASN A 3 -0.10 -8.62 -18.28
CA ASN A 3 0.56 -9.41 -17.25
C ASN A 3 0.46 -8.68 -15.91
N LEU A 4 0.50 -9.42 -14.82
CA LEU A 4 0.42 -8.83 -13.49
C LEU A 4 1.78 -8.33 -13.02
N GLU A 5 2.32 -7.37 -13.74
CA GLU A 5 3.62 -6.79 -13.41
C GLU A 5 3.43 -5.54 -12.55
N ILE A 6 4.35 -5.33 -11.62
CA ILE A 6 4.29 -4.19 -10.73
C ILE A 6 4.79 -2.93 -11.42
N LYS A 7 3.86 -2.13 -11.94
CA LYS A 7 4.20 -0.91 -12.62
C LYS A 7 4.21 0.25 -11.65
N GLN A 8 5.36 0.87 -11.48
CA GLN A 8 5.46 2.01 -10.58
C GLN A 8 5.25 3.30 -11.35
N GLY A 9 4.37 4.13 -10.85
CA GLY A 9 4.07 5.39 -11.48
C GLY A 9 4.48 6.55 -10.60
N GLU A 10 3.82 7.69 -10.76
CA GLU A 10 4.12 8.88 -9.97
C GLU A 10 3.87 8.60 -8.48
N ASN A 11 4.92 8.12 -7.79
CA ASN A 11 4.84 7.78 -6.38
C ASN A 11 3.68 6.83 -6.12
N LYS A 12 3.54 5.83 -6.99
CA LYS A 12 2.44 4.88 -6.88
C LYS A 12 2.81 3.55 -7.53
N PHE A 13 1.98 2.55 -7.27
CA PHE A 13 2.15 1.23 -7.85
C PHE A 13 0.82 0.77 -8.42
N TYR A 14 0.76 0.52 -9.71
CA TYR A 14 -0.47 0.08 -10.34
C TYR A 14 -0.23 -1.13 -11.24
N ILE A 15 -1.24 -1.97 -11.35
CA ILE A 15 -1.17 -3.17 -12.18
C ILE A 15 -2.45 -3.31 -12.99
N GLY A 16 -2.31 -3.56 -14.28
CA GLY A 16 -3.46 -3.72 -15.13
C GLY A 16 -3.10 -3.73 -16.59
N ASP A 17 -4.06 -3.40 -17.44
CA ASP A 17 -3.85 -3.38 -18.88
C ASP A 17 -3.30 -2.03 -19.31
N ASP A 18 -3.77 -0.98 -18.65
CA ASP A 18 -3.36 0.38 -18.96
C ASP A 18 -3.41 1.24 -17.69
N GLU A 19 -2.87 2.44 -17.76
CA GLU A 19 -2.88 3.37 -16.63
C GLU A 19 -4.32 3.59 -16.15
N ASN A 20 -5.24 3.70 -17.10
CA ASN A 20 -6.66 3.91 -16.79
C ASN A 20 -7.34 2.56 -16.60
N ASN A 21 -6.79 1.54 -17.25
CA ASN A 21 -7.33 0.19 -17.15
C ASN A 21 -6.55 -0.59 -16.10
N ALA A 22 -6.31 0.07 -14.97
CA ALA A 22 -5.59 -0.53 -13.86
C ALA A 22 -6.54 -1.33 -12.99
N LEU A 23 -6.18 -2.58 -12.73
CA LEU A 23 -6.99 -3.46 -11.91
C LEU A 23 -6.69 -3.24 -10.43
N ALA A 24 -5.62 -2.52 -10.18
CA ALA A 24 -5.20 -2.20 -8.82
C ALA A 24 -4.21 -1.05 -8.85
N GLU A 25 -4.41 -0.09 -7.96
CA GLU A 25 -3.52 1.06 -7.88
C GLU A 25 -3.40 1.56 -6.45
N ILE A 26 -2.17 1.67 -5.99
CA ILE A 26 -1.89 2.17 -4.66
C ILE A 26 -0.99 3.40 -4.75
N THR A 27 -1.49 4.52 -4.23
CA THR A 27 -0.75 5.77 -4.26
C THR A 27 -0.30 6.19 -2.87
N TYR A 28 0.86 6.81 -2.80
CA TYR A 28 1.42 7.27 -1.54
C TYR A 28 2.14 8.59 -1.73
N ARG A 29 2.53 9.24 -0.64
CA ARG A 29 3.23 10.50 -0.72
C ARG A 29 4.11 10.68 0.50
N PHE A 30 5.16 11.48 0.35
CA PHE A 30 6.09 11.74 1.44
C PHE A 30 5.60 12.96 2.22
N VAL A 31 5.01 12.69 3.39
CA VAL A 31 4.46 13.76 4.21
C VAL A 31 5.55 14.60 4.87
N ASP A 32 6.62 13.95 5.32
CA ASP A 32 7.71 14.69 5.97
C ASP A 32 9.05 14.39 5.31
N ASN A 33 9.66 13.27 5.68
CA ASN A 33 10.97 12.92 5.11
C ASN A 33 11.03 11.45 4.69
N ASN A 34 10.85 10.55 5.64
CA ASN A 34 10.91 9.12 5.36
C ASN A 34 9.55 8.48 5.52
N GLU A 35 8.59 9.27 5.94
CA GLU A 35 7.23 8.79 6.14
C GLU A 35 6.42 8.82 4.85
N ILE A 36 6.00 7.64 4.42
CA ILE A 36 5.19 7.52 3.21
C ILE A 36 3.75 7.19 3.60
N ASN A 37 2.84 8.07 3.22
CA ASN A 37 1.43 7.88 3.55
C ASN A 37 0.64 7.38 2.36
N ILE A 38 0.03 6.21 2.53
CA ILE A 38 -0.80 5.64 1.49
C ILE A 38 -2.19 6.22 1.61
N ASP A 39 -2.57 7.04 0.65
CA ASP A 39 -3.87 7.70 0.67
C ASP A 39 -4.91 6.94 -0.14
N HIS A 40 -4.48 6.26 -1.18
CA HIS A 40 -5.42 5.53 -2.02
C HIS A 40 -4.97 4.11 -2.31
N THR A 41 -5.85 3.17 -2.01
CA THR A 41 -5.60 1.75 -2.26
C THR A 41 -6.83 1.16 -2.93
N GLY A 42 -6.87 1.22 -4.25
CA GLY A 42 -8.01 0.72 -4.97
C GLY A 42 -7.71 -0.51 -5.78
N VAL A 43 -8.57 -1.50 -5.67
CA VAL A 43 -8.45 -2.74 -6.40
C VAL A 43 -9.78 -3.05 -7.07
N SER A 44 -9.74 -3.39 -8.34
CA SER A 44 -10.94 -3.70 -9.08
C SER A 44 -11.37 -5.15 -8.84
N ASP A 45 -12.58 -5.31 -8.35
CA ASP A 45 -13.13 -6.64 -8.08
C ASP A 45 -14.05 -7.07 -9.22
N GLU A 46 -14.00 -6.33 -10.31
CA GLU A 46 -14.81 -6.60 -11.49
C GLU A 46 -14.38 -7.91 -12.16
N LEU A 47 -13.29 -8.48 -11.68
CA LEU A 47 -12.77 -9.73 -12.22
C LEU A 47 -12.87 -10.84 -11.19
N GLY A 48 -13.55 -10.56 -10.09
CA GLY A 48 -13.71 -11.54 -9.04
C GLY A 48 -13.09 -11.10 -7.74
N GLY A 49 -12.26 -11.97 -7.16
CA GLY A 49 -11.61 -11.65 -5.90
C GLY A 49 -10.15 -11.32 -6.10
N GLN A 50 -9.88 -10.08 -6.51
CA GLN A 50 -8.51 -9.64 -6.75
C GLN A 50 -7.87 -9.12 -5.47
N GLY A 51 -6.91 -9.88 -4.96
CA GLY A 51 -6.20 -9.47 -3.76
C GLY A 51 -4.86 -8.85 -4.10
N VAL A 52 -4.82 -8.17 -5.25
CA VAL A 52 -3.61 -7.54 -5.73
C VAL A 52 -3.14 -6.44 -4.77
N GLY A 53 -4.08 -5.83 -4.08
CA GLY A 53 -3.75 -4.77 -3.12
C GLY A 53 -2.80 -5.26 -2.04
N LYS A 54 -2.96 -6.52 -1.65
CA LYS A 54 -2.12 -7.12 -0.63
C LYS A 54 -0.69 -7.27 -1.16
N LYS A 55 -0.58 -7.69 -2.41
CA LYS A 55 0.70 -7.87 -3.06
C LYS A 55 1.39 -6.52 -3.27
N LEU A 56 0.58 -5.53 -3.66
CA LEU A 56 1.09 -4.19 -3.89
C LEU A 56 1.65 -3.59 -2.61
N LEU A 57 0.90 -3.72 -1.52
CA LEU A 57 1.35 -3.18 -0.23
C LEU A 57 2.60 -3.90 0.23
N LYS A 58 2.70 -5.19 -0.08
CA LYS A 58 3.86 -5.97 0.30
C LYS A 58 5.12 -5.40 -0.35
N ALA A 59 5.00 -5.03 -1.63
CA ALA A 59 6.11 -4.46 -2.36
C ALA A 59 6.48 -3.10 -1.77
N VAL A 60 5.47 -2.38 -1.30
CA VAL A 60 5.69 -1.07 -0.68
C VAL A 60 6.45 -1.27 0.63
N VAL A 61 6.01 -2.23 1.42
CA VAL A 61 6.64 -2.56 2.69
C VAL A 61 8.10 -2.94 2.47
N GLU A 62 8.33 -3.79 1.48
CA GLU A 62 9.68 -4.24 1.14
C GLU A 62 10.54 -3.05 0.74
N HIS A 63 10.02 -2.21 -0.13
CA HIS A 63 10.73 -1.02 -0.60
C HIS A 63 11.00 -0.07 0.55
N ALA A 64 10.05 0.03 1.46
CA ALA A 64 10.18 0.90 2.62
C ALA A 64 11.33 0.42 3.50
N ARG A 65 11.38 -0.88 3.72
CA ARG A 65 12.43 -1.48 4.53
C ARG A 65 13.82 -1.23 3.91
N GLU A 66 13.86 -1.18 2.58
CA GLU A 66 15.11 -0.95 1.85
C GLU A 66 15.65 0.46 2.10
N ASN A 67 14.75 1.41 2.27
CA ASN A 67 15.14 2.80 2.48
C ASN A 67 14.87 3.26 3.91
N ASN A 68 14.52 2.30 4.77
CA ASN A 68 14.23 2.57 6.18
C ASN A 68 13.12 3.62 6.32
N LEU A 69 12.14 3.53 5.43
CA LEU A 69 11.03 4.46 5.42
C LEU A 69 9.98 4.07 6.45
N LYS A 70 9.16 5.04 6.83
CA LYS A 70 8.10 4.81 7.80
C LYS A 70 6.77 4.79 7.08
N ILE A 71 6.00 3.75 7.31
CA ILE A 71 4.72 3.58 6.63
C ILE A 71 3.55 4.08 7.47
N ILE A 72 2.70 4.86 6.82
CA ILE A 72 1.47 5.39 7.41
C ILE A 72 0.42 5.39 6.31
N ALA A 73 -0.85 5.41 6.67
CA ALA A 73 -1.89 5.40 5.64
C ALA A 73 -3.18 6.06 6.10
N SER A 74 -3.72 6.90 5.25
CA SER A 74 -4.98 7.57 5.53
C SER A 74 -6.13 6.69 5.05
N CYS A 75 -5.82 5.84 4.07
CA CYS A 75 -6.80 4.92 3.52
C CYS A 75 -7.09 3.82 4.54
N SER A 76 -8.34 3.70 4.93
CA SER A 76 -8.76 2.70 5.92
C SER A 76 -8.36 1.28 5.52
N PHE A 77 -8.46 0.97 4.23
CA PHE A 77 -8.10 -0.37 3.76
C PHE A 77 -6.62 -0.67 4.00
N ALA A 78 -5.75 0.20 3.50
CA ALA A 78 -4.31 0.03 3.65
C ALA A 78 -3.90 0.12 5.12
N LYS A 79 -4.49 1.07 5.83
CA LYS A 79 -4.19 1.28 7.24
C LYS A 79 -4.53 0.02 8.05
N HIS A 80 -5.72 -0.52 7.81
CA HIS A 80 -6.17 -1.71 8.53
C HIS A 80 -5.34 -2.93 8.15
N MET A 81 -4.84 -2.96 6.93
CA MET A 81 -4.02 -4.08 6.48
C MET A 81 -2.75 -4.14 7.31
N LEU A 82 -2.22 -2.97 7.64
CA LEU A 82 -1.01 -2.88 8.44
C LEU A 82 -1.31 -3.23 9.89
N GLU A 83 -2.52 -2.90 10.34
CA GLU A 83 -2.94 -3.20 11.70
C GLU A 83 -3.15 -4.71 11.86
N LYS A 84 -3.50 -5.35 10.75
CA LYS A 84 -3.75 -6.78 10.71
C LYS A 84 -2.43 -7.56 10.73
N GLU A 85 -1.36 -6.93 10.29
CA GLU A 85 -0.07 -7.59 10.25
C GLU A 85 0.89 -6.99 11.27
N ASP A 86 0.99 -7.63 12.43
CA ASP A 86 1.86 -7.18 13.51
C ASP A 86 3.32 -7.20 13.06
N SER A 87 3.63 -8.11 12.15
CA SER A 87 4.98 -8.27 11.63
C SER A 87 5.39 -7.10 10.74
N TYR A 88 4.41 -6.27 10.36
CA TYR A 88 4.66 -5.11 9.51
C TYR A 88 4.88 -3.84 10.34
N GLN A 89 4.85 -3.98 11.66
CA GLN A 89 5.02 -2.84 12.54
C GLN A 89 6.49 -2.42 12.62
N ASP A 90 7.34 -3.08 11.85
CA ASP A 90 8.77 -2.76 11.82
C ASP A 90 8.98 -1.51 10.98
N VAL A 91 8.07 -1.27 10.05
CA VAL A 91 8.14 -0.11 9.18
C VAL A 91 6.91 0.77 9.39
N TYR A 92 5.79 0.15 9.77
CA TYR A 92 4.56 0.87 10.02
C TYR A 92 4.60 1.48 11.42
N LEU A 93 4.16 2.74 11.53
CA LEU A 93 4.15 3.43 12.81
C LEU A 93 2.99 2.97 13.67
N GLY A 94 3.04 1.71 14.10
CA GLY A 94 1.99 1.16 14.93
C GLY A 94 2.42 1.06 16.38
N LEU A 95 3.72 0.90 16.60
CA LEU A 95 4.26 0.79 17.94
C LEU A 95 4.57 2.17 18.49
N GLU A 96 3.56 2.78 19.09
CA GLU A 96 3.72 4.11 19.66
C GLU A 96 4.18 4.04 21.12
N HIS A 97 3.44 3.31 21.95
CA HIS A 97 3.78 3.17 23.36
C HIS A 97 2.78 2.29 24.12
N HIS A 98 1.49 2.42 23.82
CA HIS A 98 0.48 1.64 24.53
C HIS A 98 0.25 0.26 23.89
N HIS A 99 0.28 0.20 22.56
CA HIS A 99 0.09 -1.05 21.82
C HIS A 99 -1.29 -1.67 22.07
N HIS A 100 -1.52 -2.83 21.45
CA HIS A 100 -2.77 -3.59 21.59
C HIS A 100 -4.00 -2.79 21.13
N HIS A 101 -4.64 -2.07 22.04
CA HIS A 101 -5.84 -1.31 21.70
C HIS A 101 -6.12 -0.17 22.68
N HIS A 102 -6.47 -0.51 23.91
CA HIS A 102 -6.77 0.51 24.92
C HIS A 102 -5.48 1.06 25.52
N MET A 1 3.71 -16.63 -18.43
CA MET A 1 4.10 -15.22 -18.71
C MET A 1 4.26 -14.45 -17.41
N SER A 2 5.39 -13.76 -17.28
CA SER A 2 5.66 -12.98 -16.08
C SER A 2 4.98 -11.61 -16.19
N ASN A 3 3.66 -11.63 -16.32
CA ASN A 3 2.87 -10.41 -16.44
C ASN A 3 2.24 -10.09 -15.08
N LEU A 4 1.43 -9.03 -15.04
CA LEU A 4 0.78 -8.60 -13.80
C LEU A 4 1.82 -8.22 -12.75
N GLU A 5 2.97 -7.77 -13.21
CA GLU A 5 4.04 -7.36 -12.32
C GLU A 5 3.73 -5.99 -11.74
N ILE A 6 4.40 -5.64 -10.67
CA ILE A 6 4.20 -4.35 -10.03
C ILE A 6 4.85 -3.24 -10.85
N LYS A 7 4.04 -2.59 -11.67
CA LYS A 7 4.51 -1.51 -12.52
C LYS A 7 4.60 -0.21 -11.73
N GLN A 8 5.79 0.38 -11.73
CA GLN A 8 6.01 1.62 -11.00
C GLN A 8 5.42 2.81 -11.76
N GLY A 9 4.88 3.74 -11.01
CA GLY A 9 4.29 4.92 -11.60
C GLY A 9 4.78 6.18 -10.93
N GLU A 10 4.14 7.30 -11.23
CA GLU A 10 4.51 8.58 -10.64
C GLU A 10 4.26 8.59 -9.13
N ASN A 11 5.31 8.28 -8.38
CA ASN A 11 5.25 8.23 -6.91
C ASN A 11 4.20 7.22 -6.45
N LYS A 12 4.05 6.15 -7.22
CA LYS A 12 3.08 5.12 -6.90
C LYS A 12 3.41 3.80 -7.59
N PHE A 13 2.57 2.80 -7.36
CA PHE A 13 2.70 1.48 -7.96
C PHE A 13 1.33 1.03 -8.45
N TYR A 14 1.27 0.38 -9.59
CA TYR A 14 0.00 -0.08 -10.14
C TYR A 14 0.17 -1.32 -11.00
N ILE A 15 -0.95 -2.00 -11.24
CA ILE A 15 -0.97 -3.19 -12.06
C ILE A 15 -2.09 -3.09 -13.09
N GLY A 16 -1.76 -3.27 -14.35
CA GLY A 16 -2.76 -3.21 -15.39
C GLY A 16 -2.18 -2.82 -16.73
N ASP A 17 -3.02 -2.85 -17.76
CA ASP A 17 -2.61 -2.50 -19.12
C ASP A 17 -2.16 -1.06 -19.19
N ASP A 18 -3.06 -0.15 -18.83
CA ASP A 18 -2.77 1.27 -18.85
C ASP A 18 -3.27 1.90 -17.55
N GLU A 19 -2.81 3.11 -17.26
CA GLU A 19 -3.24 3.80 -16.04
C GLU A 19 -4.74 4.09 -16.05
N ASN A 20 -5.29 4.35 -17.23
CA ASN A 20 -6.71 4.64 -17.35
C ASN A 20 -7.52 3.38 -17.07
N ASN A 21 -7.03 2.26 -17.58
CA ASN A 21 -7.68 0.96 -17.40
C ASN A 21 -6.92 0.14 -16.36
N ALA A 22 -6.41 0.83 -15.35
CA ALA A 22 -5.65 0.18 -14.29
C ALA A 22 -6.51 -0.77 -13.49
N LEU A 23 -6.02 -1.97 -13.27
CA LEU A 23 -6.75 -2.96 -12.49
C LEU A 23 -6.71 -2.57 -11.03
N ALA A 24 -5.53 -2.11 -10.60
CA ALA A 24 -5.33 -1.69 -9.23
C ALA A 24 -4.14 -0.75 -9.14
N GLU A 25 -4.19 0.18 -8.20
CA GLU A 25 -3.12 1.14 -8.00
C GLU A 25 -3.05 1.58 -6.55
N ILE A 26 -1.85 1.90 -6.10
CA ILE A 26 -1.62 2.36 -4.74
C ILE A 26 -0.67 3.56 -4.77
N THR A 27 -1.07 4.65 -4.14
CA THR A 27 -0.26 5.86 -4.14
C THR A 27 0.35 6.11 -2.77
N TYR A 28 1.58 6.60 -2.75
CA TYR A 28 2.25 6.91 -1.50
C TYR A 28 2.94 8.26 -1.60
N ARG A 29 3.08 8.93 -0.47
CA ARG A 29 3.72 10.23 -0.43
C ARG A 29 4.61 10.36 0.80
N PHE A 30 5.58 11.24 0.72
CA PHE A 30 6.50 11.46 1.83
C PHE A 30 5.95 12.54 2.76
N VAL A 31 5.47 12.13 3.92
CA VAL A 31 4.92 13.07 4.89
C VAL A 31 6.03 13.71 5.70
N ASP A 32 7.16 13.03 5.79
CA ASP A 32 8.30 13.53 6.54
C ASP A 32 9.58 13.27 5.75
N ASN A 33 10.29 12.20 6.06
CA ASN A 33 11.51 11.84 5.38
C ASN A 33 11.67 10.33 5.38
N ASN A 34 11.52 9.74 6.55
CA ASN A 34 11.62 8.30 6.69
C ASN A 34 10.24 7.70 6.93
N GLU A 35 9.22 8.48 6.60
CA GLU A 35 7.84 8.08 6.78
C GLU A 35 7.05 8.35 5.51
N ILE A 36 6.38 7.32 5.01
CA ILE A 36 5.58 7.45 3.80
C ILE A 36 4.13 7.05 4.08
N ASN A 37 3.20 7.80 3.51
CA ASN A 37 1.79 7.53 3.72
C ASN A 37 1.12 7.06 2.44
N ILE A 38 0.21 6.12 2.58
CA ILE A 38 -0.55 5.63 1.44
C ILE A 38 -1.75 6.53 1.25
N ASP A 39 -1.68 7.36 0.22
CA ASP A 39 -2.73 8.33 -0.07
C ASP A 39 -4.06 7.64 -0.34
N HIS A 40 -4.16 6.94 -1.46
CA HIS A 40 -5.39 6.26 -1.80
C HIS A 40 -5.11 4.87 -2.36
N THR A 41 -6.03 3.95 -2.09
CA THR A 41 -5.91 2.58 -2.56
C THR A 41 -7.09 2.24 -3.48
N GLY A 42 -6.78 1.70 -4.64
CA GLY A 42 -7.82 1.34 -5.57
C GLY A 42 -7.54 0.03 -6.26
N VAL A 43 -8.21 -1.01 -5.83
CA VAL A 43 -8.03 -2.34 -6.40
C VAL A 43 -9.33 -2.82 -7.05
N SER A 44 -9.21 -3.78 -7.96
CA SER A 44 -10.35 -4.34 -8.65
C SER A 44 -11.32 -4.99 -7.67
N ASP A 45 -12.60 -4.62 -7.79
CA ASP A 45 -13.65 -5.14 -6.92
C ASP A 45 -13.92 -6.61 -7.22
N GLU A 46 -13.62 -7.02 -8.44
CA GLU A 46 -13.83 -8.41 -8.88
C GLU A 46 -12.76 -9.36 -8.29
N LEU A 47 -12.73 -9.43 -6.96
CA LEU A 47 -11.78 -10.27 -6.23
C LEU A 47 -10.34 -9.83 -6.44
N GLY A 48 -10.17 -8.61 -6.95
CA GLY A 48 -8.83 -8.09 -7.18
C GLY A 48 -8.10 -7.84 -5.89
N GLY A 49 -8.85 -7.53 -4.83
CA GLY A 49 -8.24 -7.27 -3.54
C GLY A 49 -7.86 -8.54 -2.82
N GLN A 50 -7.99 -9.67 -3.50
CA GLN A 50 -7.65 -10.97 -2.92
C GLN A 50 -6.19 -11.32 -3.21
N GLY A 51 -5.70 -10.87 -4.35
CA GLY A 51 -4.32 -11.14 -4.71
C GLY A 51 -3.62 -9.92 -5.26
N VAL A 52 -4.24 -9.29 -6.26
CA VAL A 52 -3.67 -8.10 -6.91
C VAL A 52 -3.44 -6.98 -5.89
N GLY A 53 -4.46 -6.69 -5.10
CA GLY A 53 -4.36 -5.63 -4.10
C GLY A 53 -3.31 -5.93 -3.04
N LYS A 54 -3.28 -7.18 -2.60
CA LYS A 54 -2.32 -7.60 -1.60
C LYS A 54 -0.90 -7.57 -2.16
N LYS A 55 -0.80 -7.78 -3.47
CA LYS A 55 0.49 -7.76 -4.16
C LYS A 55 1.07 -6.35 -4.17
N LEU A 56 0.19 -5.36 -4.38
CA LEU A 56 0.60 -3.97 -4.39
C LEU A 56 1.07 -3.53 -3.01
N LEU A 57 0.31 -3.94 -1.98
CA LEU A 57 0.66 -3.61 -0.60
C LEU A 57 2.00 -4.23 -0.25
N LYS A 58 2.23 -5.44 -0.77
CA LYS A 58 3.47 -6.14 -0.53
C LYS A 58 4.65 -5.37 -1.09
N ALA A 59 4.49 -4.79 -2.28
CA ALA A 59 5.53 -4.02 -2.92
C ALA A 59 5.97 -2.83 -2.05
N VAL A 60 4.99 -2.12 -1.52
CA VAL A 60 5.26 -0.96 -0.68
C VAL A 60 6.02 -1.38 0.57
N VAL A 61 5.56 -2.44 1.23
CA VAL A 61 6.21 -2.94 2.43
C VAL A 61 7.60 -3.50 2.13
N GLU A 62 7.75 -4.11 0.96
CA GLU A 62 9.02 -4.67 0.53
C GLU A 62 10.11 -3.59 0.53
N HIS A 63 9.82 -2.49 -0.16
CA HIS A 63 10.75 -1.37 -0.24
C HIS A 63 10.93 -0.74 1.14
N ALA A 64 9.88 -0.84 1.95
CA ALA A 64 9.91 -0.30 3.31
C ALA A 64 10.88 -1.10 4.18
N ARG A 65 11.06 -2.37 3.85
CA ARG A 65 11.97 -3.23 4.59
C ARG A 65 13.41 -2.92 4.21
N GLU A 66 13.61 -2.52 2.96
CA GLU A 66 14.93 -2.19 2.46
C GLU A 66 15.48 -0.93 3.13
N ASN A 67 14.68 0.12 3.12
CA ASN A 67 15.12 1.40 3.68
C ASN A 67 14.72 1.56 5.15
N ASN A 68 13.87 0.65 5.62
CA ASN A 68 13.39 0.68 7.01
C ASN A 68 12.63 1.99 7.26
N LEU A 69 11.52 2.15 6.54
CA LEU A 69 10.71 3.36 6.65
C LEU A 69 9.43 3.08 7.44
N LYS A 70 8.76 4.16 7.85
CA LYS A 70 7.51 4.04 8.58
C LYS A 70 6.35 4.02 7.59
N ILE A 71 5.43 3.10 7.79
CA ILE A 71 4.29 2.97 6.89
C ILE A 71 3.00 3.41 7.57
N ILE A 72 2.34 4.39 6.96
CA ILE A 72 1.06 4.88 7.45
C ILE A 72 0.10 4.97 6.26
N ALA A 73 -1.17 4.73 6.50
CA ALA A 73 -2.14 4.79 5.41
C ALA A 73 -3.29 5.73 5.72
N SER A 74 -3.70 6.48 4.71
CA SER A 74 -4.79 7.43 4.86
C SER A 74 -6.11 6.70 4.65
N CYS A 75 -6.10 5.75 3.73
CA CYS A 75 -7.28 4.96 3.42
C CYS A 75 -7.56 3.95 4.53
N SER A 76 -8.80 3.92 4.99
CA SER A 76 -9.19 3.01 6.06
C SER A 76 -8.97 1.54 5.69
N PHE A 77 -9.19 1.22 4.42
CA PHE A 77 -9.01 -0.15 3.94
C PHE A 77 -7.55 -0.57 4.08
N ALA A 78 -6.66 0.19 3.46
CA ALA A 78 -5.23 -0.11 3.52
C ALA A 78 -4.73 -0.09 4.96
N LYS A 79 -5.25 0.84 5.74
CA LYS A 79 -4.89 0.97 7.14
C LYS A 79 -5.19 -0.33 7.88
N HIS A 80 -6.36 -0.90 7.62
CA HIS A 80 -6.78 -2.13 8.26
C HIS A 80 -6.03 -3.33 7.70
N MET A 81 -5.58 -3.23 6.45
CA MET A 81 -4.85 -4.32 5.81
C MET A 81 -3.54 -4.56 6.56
N LEU A 82 -2.82 -3.49 6.83
CA LEU A 82 -1.55 -3.58 7.55
C LEU A 82 -1.80 -3.87 9.02
N GLU A 83 -2.94 -3.40 9.51
CA GLU A 83 -3.35 -3.59 10.89
C GLU A 83 -3.70 -5.06 11.16
N LYS A 84 -4.02 -5.78 10.10
CA LYS A 84 -4.39 -7.18 10.18
C LYS A 84 -3.15 -8.09 10.30
N GLU A 85 -1.98 -7.56 9.99
CA GLU A 85 -0.77 -8.35 10.04
C GLU A 85 0.25 -7.77 11.02
N ASP A 86 0.59 -8.56 12.03
CA ASP A 86 1.57 -8.12 13.04
C ASP A 86 2.93 -7.92 12.40
N SER A 87 3.21 -8.71 11.37
CA SER A 87 4.47 -8.63 10.65
C SER A 87 4.63 -7.27 9.99
N TYR A 88 3.53 -6.72 9.49
CA TYR A 88 3.55 -5.43 8.83
C TYR A 88 3.75 -4.29 9.82
N GLN A 89 3.41 -4.55 11.08
CA GLN A 89 3.54 -3.54 12.14
C GLN A 89 5.00 -3.20 12.42
N ASP A 90 5.92 -3.94 11.80
CA ASP A 90 7.34 -3.67 11.96
C ASP A 90 7.65 -2.30 11.39
N VAL A 91 7.08 -2.02 10.22
CA VAL A 91 7.28 -0.76 9.54
C VAL A 91 6.03 0.11 9.68
N TYR A 92 4.86 -0.52 9.64
CA TYR A 92 3.60 0.19 9.77
C TYR A 92 3.36 0.58 11.22
N LEU A 93 2.92 1.81 11.45
CA LEU A 93 2.69 2.30 12.79
C LEU A 93 1.38 1.76 13.35
N GLY A 94 1.45 0.53 13.87
CA GLY A 94 0.29 -0.11 14.44
C GLY A 94 0.28 -0.03 15.95
N LEU A 95 1.26 0.66 16.50
CA LEU A 95 1.36 0.82 17.95
C LEU A 95 0.14 1.55 18.51
N GLU A 96 -0.37 2.50 17.74
CA GLU A 96 -1.54 3.26 18.14
C GLU A 96 -2.81 2.50 17.76
N HIS A 97 -3.44 1.91 18.76
CA HIS A 97 -4.66 1.14 18.53
C HIS A 97 -5.75 1.58 19.50
N HIS A 98 -5.72 2.85 19.86
CA HIS A 98 -6.70 3.41 20.78
C HIS A 98 -8.08 3.44 20.13
N HIS A 99 -9.00 2.69 20.72
CA HIS A 99 -10.38 2.59 20.25
C HIS A 99 -10.47 1.75 18.98
N HIS A 100 -10.75 0.48 19.16
CA HIS A 100 -10.89 -0.44 18.05
C HIS A 100 -12.21 -1.19 18.17
N HIS A 101 -13.30 -0.48 17.93
CA HIS A 101 -14.63 -1.07 18.03
C HIS A 101 -15.31 -1.08 16.67
N HIS A 102 -14.90 -2.02 15.83
CA HIS A 102 -15.46 -2.15 14.50
C HIS A 102 -15.48 -3.61 14.06
N MET A 1 -6.05 -7.31 -20.47
CA MET A 1 -5.34 -8.19 -19.52
C MET A 1 -4.10 -8.80 -20.18
N SER A 2 -3.07 -9.07 -19.38
CA SER A 2 -1.84 -9.66 -19.88
C SER A 2 -1.14 -10.45 -18.79
N ASN A 3 -0.47 -9.73 -17.89
CA ASN A 3 0.25 -10.35 -16.78
C ASN A 3 0.22 -9.42 -15.57
N LEU A 4 0.02 -9.99 -14.40
CA LEU A 4 -0.04 -9.20 -13.17
C LEU A 4 1.35 -8.83 -12.69
N GLU A 5 1.99 -7.91 -13.40
CA GLU A 5 3.32 -7.45 -13.05
C GLU A 5 3.22 -6.22 -12.17
N ILE A 6 4.12 -6.10 -11.21
CA ILE A 6 4.12 -4.95 -10.31
C ILE A 6 4.65 -3.71 -11.03
N LYS A 7 3.75 -2.92 -11.57
CA LYS A 7 4.10 -1.72 -12.28
C LYS A 7 4.24 -0.55 -11.31
N GLN A 8 5.33 0.18 -11.40
CA GLN A 8 5.54 1.31 -10.54
C GLN A 8 5.42 2.61 -11.32
N GLY A 9 4.89 3.62 -10.67
CA GLY A 9 4.72 4.91 -11.31
C GLY A 9 5.26 6.01 -10.45
N GLU A 10 4.73 7.22 -10.63
CA GLU A 10 5.17 8.38 -9.87
C GLU A 10 4.86 8.19 -8.38
N ASN A 11 5.81 7.61 -7.67
CA ASN A 11 5.68 7.31 -6.24
C ASN A 11 4.41 6.50 -5.99
N LYS A 12 4.16 5.53 -6.86
CA LYS A 12 2.98 4.69 -6.75
C LYS A 12 3.24 3.30 -7.31
N PHE A 13 2.35 2.38 -6.97
CA PHE A 13 2.42 1.01 -7.45
C PHE A 13 1.05 0.62 -7.97
N TYR A 14 0.98 -0.06 -9.10
CA TYR A 14 -0.30 -0.45 -9.66
C TYR A 14 -0.17 -1.64 -10.59
N ILE A 15 -1.27 -2.34 -10.75
CA ILE A 15 -1.34 -3.50 -11.62
C ILE A 15 -2.63 -3.44 -12.43
N GLY A 16 -2.51 -3.51 -13.75
CA GLY A 16 -3.68 -3.45 -14.59
C GLY A 16 -3.33 -3.59 -16.06
N ASP A 17 -4.37 -3.67 -16.88
CA ASP A 17 -4.22 -3.81 -18.33
C ASP A 17 -3.65 -2.53 -18.94
N ASP A 18 -4.02 -1.41 -18.35
CA ASP A 18 -3.57 -0.10 -18.82
C ASP A 18 -3.49 0.85 -17.64
N GLU A 19 -2.91 2.03 -17.85
CA GLU A 19 -2.80 3.02 -16.80
C GLU A 19 -4.17 3.39 -16.24
N ASN A 20 -5.14 3.52 -17.14
CA ASN A 20 -6.51 3.86 -16.74
C ASN A 20 -7.26 2.59 -16.35
N ASN A 21 -6.77 1.45 -16.82
CA ASN A 21 -7.38 0.17 -16.52
C ASN A 21 -6.68 -0.49 -15.34
N ALA A 22 -6.36 0.32 -14.34
CA ALA A 22 -5.69 -0.16 -13.15
C ALA A 22 -6.65 -0.97 -12.28
N LEU A 23 -6.42 -2.27 -12.20
CA LEU A 23 -7.25 -3.15 -11.41
C LEU A 23 -6.96 -2.93 -9.92
N ALA A 24 -5.71 -2.59 -9.65
CA ALA A 24 -5.26 -2.31 -8.30
C ALA A 24 -4.23 -1.20 -8.33
N GLU A 25 -4.40 -0.19 -7.51
CA GLU A 25 -3.47 0.93 -7.48
C GLU A 25 -3.30 1.47 -6.07
N ILE A 26 -2.06 1.64 -5.66
CA ILE A 26 -1.75 2.17 -4.36
C ILE A 26 -0.78 3.33 -4.51
N THR A 27 -1.19 4.50 -4.06
CA THR A 27 -0.38 5.69 -4.15
C THR A 27 0.08 6.16 -2.77
N TYR A 28 1.30 6.69 -2.71
CA TYR A 28 1.87 7.18 -1.47
C TYR A 28 2.70 8.43 -1.75
N ARG A 29 3.22 9.04 -0.69
CA ARG A 29 4.03 10.23 -0.83
C ARG A 29 4.87 10.47 0.41
N PHE A 30 6.01 11.11 0.22
CA PHE A 30 6.91 11.41 1.32
C PHE A 30 6.43 12.69 2.00
N VAL A 31 5.80 12.55 3.16
CA VAL A 31 5.26 13.69 3.88
C VAL A 31 6.31 14.38 4.74
N ASP A 32 7.42 13.71 5.00
CA ASP A 32 8.48 14.30 5.81
C ASP A 32 9.85 13.95 5.24
N ASN A 33 10.44 12.85 5.69
CA ASN A 33 11.75 12.45 5.21
C ASN A 33 11.75 11.01 4.73
N ASN A 34 11.45 10.09 5.64
CA ASN A 34 11.42 8.66 5.33
C ASN A 34 10.01 8.12 5.48
N GLU A 35 9.11 8.96 5.94
CA GLU A 35 7.73 8.60 6.16
C GLU A 35 6.92 8.70 4.87
N ILE A 36 6.35 7.59 4.45
CA ILE A 36 5.52 7.55 3.25
C ILE A 36 4.07 7.35 3.63
N ASN A 37 3.24 8.33 3.29
CA ASN A 37 1.82 8.29 3.61
C ASN A 37 1.00 7.72 2.46
N ILE A 38 0.26 6.66 2.75
CA ILE A 38 -0.60 6.02 1.78
C ILE A 38 -2.04 6.48 2.03
N ASP A 39 -2.58 7.28 1.12
CA ASP A 39 -3.93 7.79 1.29
C ASP A 39 -4.89 7.26 0.22
N HIS A 40 -4.34 6.76 -0.88
CA HIS A 40 -5.17 6.23 -1.95
C HIS A 40 -4.84 4.77 -2.23
N THR A 41 -5.86 3.94 -2.22
CA THR A 41 -5.70 2.52 -2.49
C THR A 41 -6.97 1.97 -3.14
N GLY A 42 -6.86 1.64 -4.42
CA GLY A 42 -8.00 1.11 -5.14
C GLY A 42 -7.78 -0.31 -5.59
N VAL A 43 -8.78 -1.17 -5.36
CA VAL A 43 -8.68 -2.58 -5.73
C VAL A 43 -10.01 -3.05 -6.30
N SER A 44 -9.98 -3.60 -7.51
CA SER A 44 -11.18 -4.11 -8.14
C SER A 44 -11.49 -5.50 -7.61
N ASP A 45 -12.58 -5.61 -6.87
CA ASP A 45 -12.97 -6.88 -6.29
C ASP A 45 -13.85 -7.67 -7.25
N GLU A 46 -14.41 -6.99 -8.23
CA GLU A 46 -15.26 -7.63 -9.22
C GLU A 46 -14.40 -8.47 -10.18
N LEU A 47 -13.10 -8.24 -10.13
CA LEU A 47 -12.16 -8.96 -10.97
C LEU A 47 -11.92 -10.37 -10.43
N GLY A 48 -11.88 -10.48 -9.11
CA GLY A 48 -11.67 -11.77 -8.48
C GLY A 48 -10.30 -11.86 -7.86
N GLY A 49 -9.42 -10.94 -8.25
CA GLY A 49 -8.07 -10.92 -7.73
C GLY A 49 -7.97 -10.15 -6.42
N GLN A 50 -8.13 -10.84 -5.32
CA GLN A 50 -8.06 -10.22 -4.00
C GLN A 50 -6.62 -10.12 -3.52
N GLY A 51 -5.77 -11.02 -4.00
CA GLY A 51 -4.38 -11.03 -3.61
C GLY A 51 -3.58 -9.98 -4.34
N VAL A 52 -4.16 -9.42 -5.39
CA VAL A 52 -3.49 -8.39 -6.19
C VAL A 52 -3.20 -7.15 -5.36
N GLY A 53 -4.18 -6.74 -4.57
CA GLY A 53 -4.01 -5.57 -3.72
C GLY A 53 -2.96 -5.80 -2.64
N LYS A 54 -2.90 -7.04 -2.16
CA LYS A 54 -1.95 -7.40 -1.12
C LYS A 54 -0.53 -7.44 -1.70
N LYS A 55 -0.43 -7.85 -2.96
CA LYS A 55 0.85 -7.94 -3.65
C LYS A 55 1.50 -6.57 -3.73
N LEU A 56 0.69 -5.56 -4.03
CA LEU A 56 1.18 -4.19 -4.12
C LEU A 56 1.57 -3.66 -2.75
N LEU A 57 0.73 -3.92 -1.76
CA LEU A 57 1.00 -3.49 -0.39
C LEU A 57 2.28 -4.11 0.12
N LYS A 58 2.46 -5.40 -0.19
CA LYS A 58 3.65 -6.14 0.22
C LYS A 58 4.90 -5.52 -0.39
N ALA A 59 4.79 -5.11 -1.66
CA ALA A 59 5.91 -4.49 -2.36
C ALA A 59 6.32 -3.20 -1.67
N VAL A 60 5.34 -2.41 -1.24
CA VAL A 60 5.61 -1.16 -0.55
C VAL A 60 6.35 -1.44 0.76
N VAL A 61 5.84 -2.40 1.53
CA VAL A 61 6.44 -2.78 2.80
C VAL A 61 7.86 -3.29 2.60
N GLU A 62 8.04 -4.17 1.62
CA GLU A 62 9.33 -4.73 1.31
C GLU A 62 10.32 -3.64 0.88
N HIS A 63 9.86 -2.76 0.00
CA HIS A 63 10.69 -1.66 -0.48
C HIS A 63 11.03 -0.70 0.65
N ALA A 64 10.08 -0.55 1.57
CA ALA A 64 10.29 0.32 2.72
C ALA A 64 11.41 -0.24 3.59
N ARG A 65 11.38 -1.55 3.80
CA ARG A 65 12.40 -2.22 4.59
C ARG A 65 13.77 -2.07 3.93
N GLU A 66 13.77 -2.07 2.60
CA GLU A 66 14.99 -1.94 1.81
C GLU A 66 15.68 -0.59 2.04
N ASN A 67 14.89 0.46 2.24
CA ASN A 67 15.47 1.80 2.43
C ASN A 67 15.21 2.35 3.83
N ASN A 68 14.74 1.50 4.74
CA ASN A 68 14.45 1.90 6.12
C ASN A 68 13.41 3.03 6.16
N LEU A 69 12.37 2.89 5.35
CA LEU A 69 11.31 3.88 5.28
C LEU A 69 10.22 3.57 6.31
N LYS A 70 9.44 4.57 6.66
CA LYS A 70 8.36 4.41 7.62
C LYS A 70 7.03 4.55 6.91
N ILE A 71 6.17 3.57 7.06
CA ILE A 71 4.89 3.59 6.38
C ILE A 71 3.76 4.08 7.29
N ILE A 72 3.01 5.04 6.78
CA ILE A 72 1.86 5.58 7.48
C ILE A 72 0.68 5.53 6.53
N ALA A 73 -0.39 4.88 6.94
CA ALA A 73 -1.55 4.73 6.09
C ALA A 73 -2.75 5.50 6.60
N SER A 74 -3.10 6.57 5.91
CA SER A 74 -4.24 7.38 6.27
C SER A 74 -5.47 6.85 5.54
N CYS A 75 -5.21 6.12 4.46
CA CYS A 75 -6.26 5.52 3.65
C CYS A 75 -7.05 4.53 4.48
N SER A 76 -8.37 4.62 4.39
CA SER A 76 -9.27 3.74 5.14
C SER A 76 -8.97 2.27 4.88
N PHE A 77 -8.58 1.95 3.65
CA PHE A 77 -8.28 0.57 3.29
C PHE A 77 -6.87 0.18 3.73
N ALA A 78 -5.88 0.96 3.31
CA ALA A 78 -4.49 0.70 3.63
C ALA A 78 -4.26 0.64 5.14
N LYS A 79 -4.94 1.51 5.88
CA LYS A 79 -4.81 1.54 7.32
C LYS A 79 -5.23 0.21 7.92
N HIS A 80 -6.42 -0.26 7.57
CA HIS A 80 -6.93 -1.53 8.07
C HIS A 80 -6.07 -2.70 7.60
N MET A 81 -5.51 -2.57 6.40
CA MET A 81 -4.66 -3.61 5.84
C MET A 81 -3.42 -3.84 6.71
N LEU A 82 -2.66 -2.78 6.92
CA LEU A 82 -1.45 -2.86 7.72
C LEU A 82 -1.78 -3.03 9.20
N GLU A 83 -3.03 -2.74 9.54
CA GLU A 83 -3.53 -2.88 10.91
C GLU A 83 -3.72 -4.37 11.22
N LYS A 84 -4.14 -5.11 10.21
CA LYS A 84 -4.34 -6.54 10.34
C LYS A 84 -3.01 -7.25 10.18
N GLU A 85 -2.25 -6.84 9.17
CA GLU A 85 -0.95 -7.43 8.89
C GLU A 85 0.09 -6.97 9.89
N ASP A 86 0.22 -7.72 10.97
CA ASP A 86 1.17 -7.41 12.04
C ASP A 86 2.60 -7.49 11.52
N SER A 87 2.81 -8.39 10.57
CA SER A 87 4.14 -8.59 9.98
C SER A 87 4.63 -7.35 9.25
N TYR A 88 3.71 -6.48 8.84
CA TYR A 88 4.07 -5.25 8.13
C TYR A 88 4.27 -4.09 9.10
N GLN A 89 3.98 -4.32 10.37
CA GLN A 89 4.11 -3.27 11.39
C GLN A 89 5.55 -3.10 11.83
N ASP A 90 6.47 -3.61 11.02
CA ASP A 90 7.90 -3.49 11.30
C ASP A 90 8.39 -2.16 10.73
N VAL A 91 7.78 -1.76 9.63
CA VAL A 91 8.11 -0.48 9.00
C VAL A 91 6.89 0.45 9.03
N TYR A 92 5.72 -0.14 9.21
CA TYR A 92 4.48 0.61 9.28
C TYR A 92 4.23 1.03 10.73
N LEU A 93 3.83 2.28 10.91
CA LEU A 93 3.56 2.81 12.24
C LEU A 93 2.18 2.39 12.71
N GLY A 94 2.11 1.18 13.26
CA GLY A 94 0.85 0.66 13.77
C GLY A 94 1.02 0.06 15.16
N LEU A 95 2.10 0.45 15.81
CA LEU A 95 2.43 -0.03 17.14
C LEU A 95 2.48 1.16 18.10
N GLU A 96 1.61 2.12 17.84
CA GLU A 96 1.53 3.33 18.65
C GLU A 96 1.31 3.02 20.13
N HIS A 97 0.17 2.40 20.47
CA HIS A 97 -0.13 2.08 21.86
C HIS A 97 -1.41 1.26 22.01
N HIS A 98 -2.44 1.56 21.20
CA HIS A 98 -3.71 0.86 21.32
C HIS A 98 -3.66 -0.51 20.62
N HIS A 99 -3.08 -0.55 19.42
CA HIS A 99 -2.96 -1.80 18.65
C HIS A 99 -4.32 -2.45 18.35
N HIS A 100 -4.28 -3.50 17.54
CA HIS A 100 -5.48 -4.28 17.16
C HIS A 100 -6.51 -3.43 16.41
N HIS A 101 -7.42 -2.78 17.13
CA HIS A 101 -8.45 -1.95 16.50
C HIS A 101 -8.99 -0.91 17.48
N HIS A 102 -9.46 -1.38 18.63
CA HIS A 102 -10.00 -0.50 19.65
C HIS A 102 -8.90 -0.07 20.62
N MET A 1 3.22 -17.30 -18.51
CA MET A 1 3.16 -15.90 -18.98
C MET A 1 3.47 -14.95 -17.85
N SER A 2 4.64 -14.30 -17.92
CA SER A 2 5.05 -13.36 -16.89
C SER A 2 4.30 -12.05 -17.02
N ASN A 3 3.05 -12.04 -16.59
CA ASN A 3 2.23 -10.85 -16.65
C ASN A 3 1.61 -10.58 -15.28
N LEU A 4 0.76 -9.55 -15.20
CA LEU A 4 0.11 -9.17 -13.95
C LEU A 4 1.16 -8.83 -12.88
N GLU A 5 2.24 -8.21 -13.33
CA GLU A 5 3.33 -7.83 -12.45
C GLU A 5 3.12 -6.43 -11.90
N ILE A 6 3.91 -6.07 -10.91
CA ILE A 6 3.83 -4.75 -10.30
C ILE A 6 4.40 -3.71 -11.25
N LYS A 7 3.51 -2.99 -11.93
CA LYS A 7 3.92 -1.96 -12.87
C LYS A 7 4.14 -0.65 -12.14
N GLN A 8 5.36 -0.14 -12.22
CA GLN A 8 5.70 1.12 -11.56
C GLN A 8 5.00 2.29 -12.23
N GLY A 9 4.73 3.32 -11.44
CA GLY A 9 4.08 4.50 -11.94
C GLY A 9 4.57 5.74 -11.21
N GLU A 10 3.94 6.87 -11.48
CA GLU A 10 4.32 8.13 -10.85
C GLU A 10 4.00 8.10 -9.35
N ASN A 11 5.01 7.77 -8.55
CA ASN A 11 4.87 7.70 -7.09
C ASN A 11 3.83 6.66 -6.70
N LYS A 12 3.73 5.59 -7.49
CA LYS A 12 2.76 4.55 -7.20
C LYS A 12 3.09 3.25 -7.93
N PHE A 13 2.32 2.22 -7.62
CA PHE A 13 2.46 0.92 -8.23
C PHE A 13 1.08 0.43 -8.63
N TYR A 14 0.93 -0.03 -9.86
CA TYR A 14 -0.37 -0.49 -10.33
C TYR A 14 -0.26 -1.78 -11.13
N ILE A 15 -1.36 -2.49 -11.23
CA ILE A 15 -1.43 -3.73 -11.97
C ILE A 15 -2.63 -3.71 -12.91
N GLY A 16 -2.36 -3.86 -14.21
CA GLY A 16 -3.42 -3.85 -15.19
C GLY A 16 -2.91 -3.44 -16.55
N ASP A 17 -3.78 -3.46 -17.55
CA ASP A 17 -3.41 -3.09 -18.91
C ASP A 17 -3.04 -1.61 -18.98
N ASP A 18 -3.98 -0.77 -18.60
CA ASP A 18 -3.78 0.67 -18.62
C ASP A 18 -4.31 1.28 -17.33
N GLU A 19 -3.96 2.54 -17.06
CA GLU A 19 -4.42 3.21 -15.85
C GLU A 19 -5.93 3.44 -15.90
N ASN A 20 -6.47 3.49 -17.11
CA ASN A 20 -7.90 3.68 -17.31
C ASN A 20 -8.65 2.38 -16.98
N ASN A 21 -7.93 1.28 -17.06
CA ASN A 21 -8.50 -0.04 -16.79
C ASN A 21 -7.54 -0.86 -15.94
N ALA A 22 -7.29 -0.38 -14.74
CA ALA A 22 -6.39 -1.05 -13.82
C ALA A 22 -7.18 -1.94 -12.86
N LEU A 23 -6.60 -3.07 -12.51
CA LEU A 23 -7.25 -4.00 -11.59
C LEU A 23 -6.92 -3.65 -10.16
N ALA A 24 -5.82 -2.92 -9.97
CA ALA A 24 -5.39 -2.51 -8.65
C ALA A 24 -4.25 -1.50 -8.73
N GLU A 25 -4.22 -0.55 -7.81
CA GLU A 25 -3.16 0.45 -7.77
C GLU A 25 -3.04 1.03 -6.37
N ILE A 26 -1.81 1.19 -5.92
CA ILE A 26 -1.53 1.74 -4.62
C ILE A 26 -0.64 2.98 -4.76
N THR A 27 -1.01 4.06 -4.09
CA THR A 27 -0.24 5.29 -4.18
C THR A 27 0.40 5.62 -2.84
N TYR A 28 1.62 6.13 -2.88
CA TYR A 28 2.33 6.50 -1.67
C TYR A 28 2.94 7.89 -1.85
N ARG A 29 3.07 8.62 -0.76
CA ARG A 29 3.61 9.96 -0.80
C ARG A 29 4.59 10.18 0.35
N PHE A 30 5.45 11.18 0.19
CA PHE A 30 6.43 11.50 1.22
C PHE A 30 5.94 12.65 2.08
N VAL A 31 5.60 12.35 3.33
CA VAL A 31 5.09 13.36 4.25
C VAL A 31 6.24 14.20 4.80
N ASP A 32 7.40 13.59 4.96
CA ASP A 32 8.57 14.29 5.48
C ASP A 32 9.81 13.94 4.66
N ASN A 33 10.45 12.83 4.98
CA ASN A 33 11.65 12.39 4.27
C ASN A 33 11.79 10.88 4.34
N ASN A 34 11.84 10.36 5.55
CA ASN A 34 11.99 8.93 5.77
C ASN A 34 10.65 8.31 6.15
N GLU A 35 9.58 9.03 5.88
CA GLU A 35 8.23 8.56 6.19
C GLU A 35 7.36 8.65 4.94
N ILE A 36 6.73 7.54 4.58
CA ILE A 36 5.86 7.51 3.41
C ILE A 36 4.45 7.11 3.81
N ASN A 37 3.48 7.82 3.28
CA ASN A 37 2.09 7.55 3.58
C ASN A 37 1.35 7.05 2.35
N ILE A 38 0.48 6.08 2.55
CA ILE A 38 -0.30 5.53 1.45
C ILE A 38 -1.52 6.40 1.21
N ASP A 39 -1.54 7.05 0.05
CA ASP A 39 -2.64 7.93 -0.32
C ASP A 39 -3.93 7.14 -0.46
N HIS A 40 -3.92 6.12 -1.32
CA HIS A 40 -5.09 5.29 -1.52
C HIS A 40 -4.72 3.92 -2.07
N THR A 41 -5.62 2.97 -1.91
CA THR A 41 -5.43 1.61 -2.38
C THR A 41 -6.70 1.14 -3.10
N GLY A 42 -6.71 1.26 -4.42
CA GLY A 42 -7.88 0.87 -5.19
C GLY A 42 -7.70 -0.47 -5.88
N VAL A 43 -8.51 -1.45 -5.48
CA VAL A 43 -8.46 -2.78 -6.06
C VAL A 43 -9.85 -3.19 -6.55
N SER A 44 -9.92 -3.78 -7.73
CA SER A 44 -11.19 -4.23 -8.27
C SER A 44 -11.58 -5.56 -7.62
N ASP A 45 -12.38 -5.46 -6.59
CA ASP A 45 -12.84 -6.62 -5.83
C ASP A 45 -13.90 -7.40 -6.60
N GLU A 46 -14.52 -6.75 -7.56
CA GLU A 46 -15.57 -7.37 -8.38
C GLU A 46 -14.97 -8.29 -9.44
N LEU A 47 -14.35 -9.37 -8.98
CA LEU A 47 -13.73 -10.37 -9.87
C LEU A 47 -12.72 -9.73 -10.83
N GLY A 48 -12.02 -8.72 -10.33
CA GLY A 48 -11.03 -8.06 -11.15
C GLY A 48 -9.62 -8.45 -10.75
N GLY A 49 -9.23 -8.03 -9.55
CA GLY A 49 -7.91 -8.34 -9.06
C GLY A 49 -7.96 -8.90 -7.65
N GLN A 50 -7.90 -10.21 -7.54
CA GLN A 50 -7.94 -10.86 -6.24
C GLN A 50 -6.54 -11.24 -5.79
N GLY A 51 -6.18 -10.79 -4.58
CA GLY A 51 -4.87 -11.08 -4.03
C GLY A 51 -3.86 -9.98 -4.33
N VAL A 52 -4.08 -9.26 -5.42
CA VAL A 52 -3.18 -8.18 -5.84
C VAL A 52 -3.07 -7.09 -4.79
N GLY A 53 -4.12 -6.94 -3.96
CA GLY A 53 -4.12 -5.94 -2.92
C GLY A 53 -2.99 -6.15 -1.94
N LYS A 54 -2.74 -7.41 -1.61
CA LYS A 54 -1.68 -7.76 -0.67
C LYS A 54 -0.32 -7.62 -1.36
N LYS A 55 -0.27 -7.98 -2.63
CA LYS A 55 0.95 -7.92 -3.41
C LYS A 55 1.44 -6.47 -3.55
N LEU A 56 0.52 -5.57 -3.84
CA LEU A 56 0.85 -4.15 -3.99
C LEU A 56 1.31 -3.54 -2.68
N LEU A 57 0.59 -3.84 -1.60
CA LEU A 57 0.95 -3.32 -0.29
C LEU A 57 2.32 -3.83 0.11
N LYS A 58 2.59 -5.09 -0.24
CA LYS A 58 3.87 -5.71 0.07
C LYS A 58 5.01 -5.00 -0.64
N ALA A 59 4.75 -4.55 -1.86
CA ALA A 59 5.76 -3.83 -2.64
C ALA A 59 6.21 -2.58 -1.91
N VAL A 60 5.25 -1.86 -1.34
CA VAL A 60 5.54 -0.66 -0.59
C VAL A 60 6.25 -0.99 0.73
N VAL A 61 5.70 -1.96 1.45
CA VAL A 61 6.26 -2.38 2.73
C VAL A 61 7.69 -2.91 2.57
N GLU A 62 7.91 -3.72 1.53
CA GLU A 62 9.22 -4.29 1.26
C GLU A 62 10.23 -3.18 1.01
N HIS A 63 9.84 -2.22 0.17
CA HIS A 63 10.71 -1.08 -0.16
C HIS A 63 10.96 -0.26 1.09
N ALA A 64 9.96 -0.22 1.97
CA ALA A 64 10.07 0.50 3.23
C ALA A 64 11.06 -0.18 4.14
N ARG A 65 11.09 -1.51 4.09
CA ARG A 65 12.02 -2.28 4.91
C ARG A 65 13.46 -2.02 4.44
N GLU A 66 13.62 -1.95 3.12
CA GLU A 66 14.94 -1.71 2.53
C GLU A 66 15.50 -0.36 2.97
N ASN A 67 14.72 0.70 2.73
CA ASN A 67 15.14 2.06 3.06
C ASN A 67 14.87 2.40 4.53
N ASN A 68 14.29 1.47 5.26
CA ASN A 68 13.95 1.66 6.68
C ASN A 68 13.00 2.85 6.85
N LEU A 69 12.05 2.96 5.94
CA LEU A 69 11.09 4.05 5.97
C LEU A 69 9.93 3.74 6.90
N LYS A 70 9.22 4.78 7.33
CA LYS A 70 8.07 4.61 8.20
C LYS A 70 6.82 4.50 7.35
N ILE A 71 5.92 3.60 7.73
CA ILE A 71 4.70 3.38 6.97
C ILE A 71 3.46 3.92 7.68
N ILE A 72 2.68 4.70 6.95
CA ILE A 72 1.43 5.26 7.42
C ILE A 72 0.43 5.26 6.26
N ALA A 73 -0.86 5.31 6.56
CA ALA A 73 -1.85 5.28 5.49
C ALA A 73 -3.01 6.23 5.77
N SER A 74 -3.51 6.85 4.72
CA SER A 74 -4.64 7.77 4.83
C SER A 74 -5.95 7.00 4.78
N CYS A 75 -6.01 6.00 3.90
CA CYS A 75 -7.21 5.19 3.75
C CYS A 75 -7.36 4.23 4.93
N SER A 76 -8.56 4.22 5.52
CA SER A 76 -8.86 3.36 6.65
C SER A 76 -8.65 1.88 6.29
N PHE A 77 -8.92 1.54 5.02
CA PHE A 77 -8.74 0.16 4.56
C PHE A 77 -7.28 -0.26 4.70
N ALA A 78 -6.39 0.47 4.04
CA ALA A 78 -4.96 0.17 4.07
C ALA A 78 -4.44 0.27 5.50
N LYS A 79 -4.92 1.25 6.25
CA LYS A 79 -4.51 1.43 7.63
C LYS A 79 -4.87 0.20 8.47
N HIS A 80 -6.13 -0.22 8.35
CA HIS A 80 -6.62 -1.39 9.07
C HIS A 80 -5.87 -2.63 8.61
N MET A 81 -5.48 -2.64 7.34
CA MET A 81 -4.74 -3.75 6.77
C MET A 81 -3.37 -3.86 7.42
N LEU A 82 -2.73 -2.71 7.63
CA LEU A 82 -1.43 -2.66 8.26
C LEU A 82 -1.53 -3.05 9.73
N GLU A 83 -2.67 -2.74 10.33
CA GLU A 83 -2.91 -3.06 11.73
C GLU A 83 -3.28 -4.53 11.90
N LYS A 84 -3.94 -5.09 10.88
CA LYS A 84 -4.34 -6.49 10.92
C LYS A 84 -3.13 -7.39 10.71
N GLU A 85 -2.33 -7.08 9.71
CA GLU A 85 -1.15 -7.85 9.41
C GLU A 85 0.04 -7.26 10.18
N ASP A 86 0.26 -7.78 11.38
CA ASP A 86 1.34 -7.31 12.25
C ASP A 86 2.71 -7.48 11.61
N SER A 87 2.77 -8.18 10.48
CA SER A 87 4.01 -8.40 9.77
C SER A 87 4.59 -7.08 9.26
N TYR A 88 3.74 -6.07 9.12
CA TYR A 88 4.19 -4.77 8.63
C TYR A 88 4.37 -3.79 9.80
N GLN A 89 4.12 -4.27 11.01
CA GLN A 89 4.23 -3.45 12.21
C GLN A 89 5.67 -2.99 12.45
N ASP A 90 6.62 -3.62 11.80
CA ASP A 90 8.02 -3.26 11.94
C ASP A 90 8.28 -1.88 11.35
N VAL A 91 7.62 -1.57 10.24
CA VAL A 91 7.79 -0.29 9.58
C VAL A 91 6.60 0.63 9.84
N TYR A 92 5.44 0.04 10.10
CA TYR A 92 4.24 0.80 10.38
C TYR A 92 4.30 1.34 11.81
N LEU A 93 3.73 2.52 12.03
CA LEU A 93 3.72 3.13 13.34
C LEU A 93 2.69 2.47 14.25
N GLY A 94 2.94 1.21 14.60
CA GLY A 94 2.04 0.46 15.45
C GLY A 94 2.26 0.74 16.92
N LEU A 95 3.18 1.66 17.20
CA LEU A 95 3.50 2.04 18.57
C LEU A 95 2.35 2.85 19.17
N GLU A 96 1.65 3.58 18.32
CA GLU A 96 0.54 4.41 18.77
C GLU A 96 -0.79 3.71 18.45
N HIS A 97 -1.57 3.46 19.49
CA HIS A 97 -2.86 2.80 19.34
C HIS A 97 -3.78 3.19 20.50
N HIS A 98 -3.73 4.45 20.88
CA HIS A 98 -4.56 4.95 21.97
C HIS A 98 -6.04 4.80 21.65
N HIS A 99 -6.75 4.10 22.53
CA HIS A 99 -8.19 3.85 22.36
C HIS A 99 -8.46 3.04 21.10
N HIS A 100 -8.08 1.78 21.15
CA HIS A 100 -8.29 0.87 20.02
C HIS A 100 -9.49 -0.02 20.28
N HIS A 101 -10.67 0.52 19.99
CA HIS A 101 -11.92 -0.21 20.21
C HIS A 101 -12.90 0.06 19.08
N HIS A 102 -12.98 -0.88 18.14
CA HIS A 102 -13.88 -0.76 17.02
C HIS A 102 -14.49 -2.12 16.71
N MET A 1 -3.40 -4.63 -23.45
CA MET A 1 -2.88 -6.02 -23.46
C MET A 1 -3.13 -6.68 -22.11
N SER A 2 -3.05 -8.01 -22.09
CA SER A 2 -3.27 -8.77 -20.86
C SER A 2 -1.98 -8.86 -20.06
N ASN A 3 -1.44 -7.71 -19.71
CA ASN A 3 -0.20 -7.64 -18.95
C ASN A 3 -0.44 -7.02 -17.58
N LEU A 4 0.39 -7.38 -16.62
CA LEU A 4 0.29 -6.85 -15.27
C LEU A 4 1.59 -6.16 -14.88
N GLU A 5 2.39 -6.83 -14.03
CA GLU A 5 3.67 -6.32 -13.55
C GLU A 5 3.48 -5.08 -12.66
N ILE A 6 4.18 -5.06 -11.54
CA ILE A 6 4.10 -3.93 -10.62
C ILE A 6 5.00 -2.80 -11.12
N LYS A 7 4.39 -1.83 -11.78
CA LYS A 7 5.13 -0.70 -12.31
C LYS A 7 5.20 0.39 -11.27
N GLN A 8 6.37 1.02 -11.15
CA GLN A 8 6.54 2.09 -10.19
C GLN A 8 6.74 3.42 -10.91
N GLY A 9 6.06 4.45 -10.42
CA GLY A 9 6.16 5.76 -11.01
C GLY A 9 5.38 6.79 -10.22
N GLU A 10 5.84 8.05 -10.28
CA GLU A 10 5.22 9.18 -9.57
C GLU A 10 4.80 8.84 -8.14
N ASN A 11 5.66 8.11 -7.43
CA ASN A 11 5.40 7.70 -6.05
C ASN A 11 4.13 6.86 -5.98
N LYS A 12 4.03 5.90 -6.87
CA LYS A 12 2.86 5.04 -6.96
C LYS A 12 3.22 3.69 -7.57
N PHE A 13 2.76 2.63 -6.92
CA PHE A 13 2.96 1.28 -7.41
C PHE A 13 1.65 0.81 -8.03
N TYR A 14 1.66 0.50 -9.32
CA TYR A 14 0.44 0.08 -9.98
C TYR A 14 0.66 -1.14 -10.86
N ILE A 15 -0.36 -1.97 -10.92
CA ILE A 15 -0.33 -3.18 -11.73
C ILE A 15 -1.29 -3.02 -12.91
N GLY A 16 -0.75 -3.10 -14.11
CA GLY A 16 -1.56 -2.97 -15.30
C GLY A 16 -0.73 -2.81 -16.54
N ASP A 17 -1.36 -2.98 -17.69
CA ASP A 17 -0.69 -2.85 -18.98
C ASP A 17 -0.44 -1.39 -19.32
N ASP A 18 -1.33 -0.52 -18.86
CA ASP A 18 -1.23 0.90 -19.11
C ASP A 18 -1.56 1.69 -17.84
N GLU A 19 -0.97 2.88 -17.71
CA GLU A 19 -1.18 3.75 -16.55
C GLU A 19 -2.67 4.00 -16.26
N ASN A 20 -3.42 4.37 -17.29
CA ASN A 20 -4.85 4.64 -17.13
C ASN A 20 -5.63 3.34 -16.94
N ASN A 21 -5.08 2.26 -17.46
CA ASN A 21 -5.70 0.95 -17.36
C ASN A 21 -5.16 0.19 -16.17
N ALA A 22 -4.76 0.91 -15.14
CA ALA A 22 -4.23 0.30 -13.93
C ALA A 22 -5.34 -0.44 -13.20
N LEU A 23 -5.19 -1.75 -13.10
CA LEU A 23 -6.18 -2.57 -12.41
C LEU A 23 -6.10 -2.34 -10.92
N ALA A 24 -4.90 -2.02 -10.45
CA ALA A 24 -4.68 -1.75 -9.04
C ALA A 24 -3.52 -0.80 -8.86
N GLU A 25 -3.68 0.18 -7.98
CA GLU A 25 -2.63 1.15 -7.71
C GLU A 25 -2.65 1.62 -6.27
N ILE A 26 -1.46 1.88 -5.74
CA ILE A 26 -1.30 2.37 -4.38
C ILE A 26 -0.40 3.60 -4.42
N THR A 27 -0.81 4.66 -3.77
CA THR A 27 -0.04 5.90 -3.76
C THR A 27 0.51 6.21 -2.38
N TYR A 28 1.73 6.71 -2.34
CA TYR A 28 2.39 7.07 -1.10
C TYR A 28 3.27 8.29 -1.30
N ARG A 29 3.39 9.12 -0.27
CA ARG A 29 4.20 10.33 -0.37
C ARG A 29 5.18 10.41 0.79
N PHE A 30 6.36 10.94 0.51
CA PHE A 30 7.40 11.10 1.54
C PHE A 30 7.13 12.38 2.32
N VAL A 31 6.42 12.24 3.42
CA VAL A 31 6.07 13.38 4.25
C VAL A 31 7.23 13.81 5.15
N ASP A 32 8.06 12.86 5.56
CA ASP A 32 9.20 13.18 6.42
C ASP A 32 10.37 12.25 6.15
N ASN A 33 10.70 12.06 4.88
CA ASN A 33 11.80 11.19 4.44
C ASN A 33 11.61 9.75 4.87
N ASN A 34 11.91 9.47 6.13
CA ASN A 34 11.78 8.11 6.68
C ASN A 34 10.34 7.84 7.11
N GLU A 35 9.41 8.49 6.45
CA GLU A 35 8.00 8.31 6.74
C GLU A 35 7.18 8.58 5.48
N ILE A 36 6.43 7.56 5.05
CA ILE A 36 5.60 7.68 3.86
C ILE A 36 4.12 7.54 4.21
N ASN A 37 3.33 8.44 3.65
CA ASN A 37 1.89 8.43 3.88
C ASN A 37 1.15 7.87 2.68
N ILE A 38 0.41 6.80 2.89
CA ILE A 38 -0.35 6.18 1.82
C ILE A 38 -1.65 6.96 1.62
N ASP A 39 -1.81 7.49 0.42
CA ASP A 39 -2.99 8.29 0.09
C ASP A 39 -4.21 7.42 -0.15
N HIS A 40 -4.15 6.59 -1.18
CA HIS A 40 -5.28 5.74 -1.52
C HIS A 40 -4.84 4.38 -2.05
N THR A 41 -5.80 3.47 -2.10
CA THR A 41 -5.56 2.12 -2.60
C THR A 41 -6.75 1.70 -3.47
N GLY A 42 -6.53 1.66 -4.77
CA GLY A 42 -7.60 1.29 -5.69
C GLY A 42 -7.33 -0.02 -6.38
N VAL A 43 -8.26 -0.96 -6.24
CA VAL A 43 -8.13 -2.27 -6.86
C VAL A 43 -9.43 -2.67 -7.55
N SER A 44 -9.32 -3.17 -8.77
CA SER A 44 -10.48 -3.60 -9.52
C SER A 44 -10.69 -5.10 -9.36
N ASP A 45 -11.82 -5.47 -8.78
CA ASP A 45 -12.15 -6.86 -8.55
C ASP A 45 -13.60 -7.13 -8.92
N GLU A 46 -13.79 -7.88 -9.98
CA GLU A 46 -15.11 -8.24 -10.45
C GLU A 46 -15.31 -9.75 -10.32
N LEU A 47 -14.42 -10.38 -9.56
CA LEU A 47 -14.48 -11.81 -9.35
C LEU A 47 -14.79 -12.13 -7.89
N GLY A 48 -14.10 -11.44 -7.00
CA GLY A 48 -14.30 -11.65 -5.59
C GLY A 48 -13.15 -12.39 -4.96
N GLY A 49 -11.96 -11.83 -5.07
CA GLY A 49 -10.79 -12.46 -4.52
C GLY A 49 -9.51 -12.04 -5.22
N GLN A 50 -9.50 -10.86 -5.82
CA GLN A 50 -8.32 -10.37 -6.50
C GLN A 50 -7.41 -9.66 -5.52
N GLY A 51 -6.46 -10.40 -4.96
CA GLY A 51 -5.55 -9.84 -3.99
C GLY A 51 -4.43 -9.03 -4.63
N VAL A 52 -4.78 -8.17 -5.58
CA VAL A 52 -3.79 -7.35 -6.26
C VAL A 52 -3.26 -6.29 -5.32
N GLY A 53 -4.14 -5.75 -4.49
CA GLY A 53 -3.75 -4.74 -3.52
C GLY A 53 -2.76 -5.27 -2.51
N LYS A 54 -2.84 -6.56 -2.24
CA LYS A 54 -1.94 -7.21 -1.29
C LYS A 54 -0.52 -7.21 -1.83
N LYS A 55 -0.39 -7.39 -3.14
CA LYS A 55 0.92 -7.39 -3.78
C LYS A 55 1.52 -6.00 -3.74
N LEU A 56 0.69 -5.00 -3.98
CA LEU A 56 1.11 -3.62 -3.98
C LEU A 56 1.63 -3.21 -2.60
N LEU A 57 0.84 -3.50 -1.57
CA LEU A 57 1.22 -3.17 -0.21
C LEU A 57 2.46 -3.95 0.19
N LYS A 58 2.58 -5.16 -0.32
CA LYS A 58 3.74 -6.01 -0.03
C LYS A 58 5.02 -5.32 -0.47
N ALA A 59 4.99 -4.79 -1.70
CA ALA A 59 6.15 -4.09 -2.24
C ALA A 59 6.43 -2.82 -1.45
N VAL A 60 5.37 -2.11 -1.07
CA VAL A 60 5.50 -0.88 -0.30
C VAL A 60 6.15 -1.15 1.04
N VAL A 61 5.60 -2.11 1.79
CA VAL A 61 6.13 -2.47 3.10
C VAL A 61 7.57 -2.98 2.99
N GLU A 62 7.79 -3.85 2.01
CA GLU A 62 9.12 -4.42 1.78
C GLU A 62 10.14 -3.32 1.52
N HIS A 63 9.84 -2.44 0.56
CA HIS A 63 10.72 -1.34 0.21
C HIS A 63 10.91 -0.39 1.40
N ALA A 64 9.82 -0.14 2.12
CA ALA A 64 9.87 0.75 3.27
C ALA A 64 10.78 0.18 4.35
N ARG A 65 10.60 -1.09 4.67
CA ARG A 65 11.38 -1.75 5.69
C ARG A 65 12.87 -1.76 5.32
N GLU A 66 13.16 -1.92 4.03
CA GLU A 66 14.54 -1.93 3.55
C GLU A 66 15.21 -0.57 3.76
N ASN A 67 14.42 0.49 3.73
CA ASN A 67 14.97 1.83 3.89
C ASN A 67 14.61 2.42 5.25
N ASN A 68 14.13 1.57 6.16
CA ASN A 68 13.75 1.99 7.52
C ASN A 68 12.72 3.12 7.48
N LEU A 69 11.81 3.03 6.53
CA LEU A 69 10.76 4.04 6.38
C LEU A 69 9.53 3.62 7.17
N LYS A 70 8.86 4.60 7.75
CA LYS A 70 7.65 4.34 8.51
C LYS A 70 6.43 4.54 7.60
N ILE A 71 5.38 3.76 7.81
CA ILE A 71 4.21 3.85 6.97
C ILE A 71 2.97 4.32 7.73
N ILE A 72 2.37 5.37 7.21
CA ILE A 72 1.14 5.91 7.78
C ILE A 72 0.09 6.01 6.69
N ALA A 73 -0.88 5.11 6.71
CA ALA A 73 -1.92 5.10 5.69
C ALA A 73 -3.15 5.88 6.14
N SER A 74 -3.62 6.78 5.28
CA SER A 74 -4.79 7.59 5.58
C SER A 74 -6.06 6.84 5.18
N CYS A 75 -5.90 5.88 4.28
CA CYS A 75 -7.01 5.09 3.80
C CYS A 75 -7.34 4.01 4.82
N SER A 76 -8.60 3.94 5.22
CA SER A 76 -9.06 2.97 6.21
C SER A 76 -8.73 1.54 5.79
N PHE A 77 -8.86 1.25 4.50
CA PHE A 77 -8.60 -0.08 3.97
C PHE A 77 -7.13 -0.45 4.13
N ALA A 78 -6.25 0.40 3.59
CA ALA A 78 -4.82 0.16 3.65
C ALA A 78 -4.31 0.15 5.09
N LYS A 79 -4.86 1.05 5.91
CA LYS A 79 -4.46 1.13 7.31
C LYS A 79 -4.81 -0.16 8.03
N HIS A 80 -5.98 -0.70 7.73
CA HIS A 80 -6.43 -1.94 8.34
C HIS A 80 -5.56 -3.10 7.91
N MET A 81 -5.07 -3.05 6.68
CA MET A 81 -4.21 -4.10 6.15
C MET A 81 -2.87 -4.09 6.86
N LEU A 82 -2.37 -2.89 7.16
CA LEU A 82 -1.10 -2.73 7.83
C LEU A 82 -1.15 -3.25 9.27
N GLU A 83 -2.23 -2.95 9.97
CA GLU A 83 -2.39 -3.38 11.35
C GLU A 83 -2.77 -4.86 11.43
N LYS A 84 -3.40 -5.36 10.37
CA LYS A 84 -3.83 -6.76 10.32
C LYS A 84 -2.63 -7.69 10.21
N GLU A 85 -1.59 -7.25 9.52
CA GLU A 85 -0.41 -8.08 9.35
C GLU A 85 0.66 -7.73 10.37
N ASP A 86 1.01 -8.71 11.18
CA ASP A 86 2.02 -8.55 12.23
C ASP A 86 3.34 -8.07 11.65
N SER A 87 3.68 -8.58 10.48
CA SER A 87 4.92 -8.23 9.81
C SER A 87 4.90 -6.78 9.31
N TYR A 88 3.71 -6.25 9.05
CA TYR A 88 3.59 -4.89 8.55
C TYR A 88 3.58 -3.90 9.71
N GLN A 89 3.32 -4.41 10.92
CA GLN A 89 3.30 -3.58 12.12
C GLN A 89 4.68 -3.05 12.45
N ASP A 90 5.70 -3.56 11.76
CA ASP A 90 7.07 -3.14 11.99
C ASP A 90 7.29 -1.74 11.44
N VAL A 91 6.72 -1.47 10.27
CA VAL A 91 6.86 -0.18 9.63
C VAL A 91 5.63 0.70 9.90
N TYR A 92 4.50 0.06 10.15
CA TYR A 92 3.27 0.76 10.42
C TYR A 92 3.28 1.31 11.85
N LEU A 93 2.96 2.59 11.98
CA LEU A 93 2.92 3.22 13.29
C LEU A 93 1.55 3.82 13.55
N GLY A 94 0.94 4.35 12.49
CA GLY A 94 -0.38 4.95 12.61
C GLY A 94 -0.37 6.19 13.49
N LEU A 95 -1.18 6.17 14.54
CA LEU A 95 -1.26 7.28 15.46
C LEU A 95 -0.54 6.96 16.76
N GLU A 96 0.30 7.88 17.19
CA GLU A 96 1.07 7.72 18.42
C GLU A 96 0.17 7.75 19.63
N HIS A 97 -0.79 8.67 19.60
CA HIS A 97 -1.74 8.83 20.69
C HIS A 97 -3.14 8.95 20.11
N HIS A 98 -4.14 8.46 20.85
CA HIS A 98 -5.52 8.53 20.41
C HIS A 98 -5.93 9.99 20.17
N HIS A 99 -6.14 10.33 18.90
CA HIS A 99 -6.51 11.68 18.54
C HIS A 99 -7.96 11.75 18.09
N HIS A 100 -8.63 12.83 18.43
CA HIS A 100 -10.02 13.04 18.03
C HIS A 100 -10.05 13.56 16.60
N HIS A 101 -10.96 13.02 15.79
CA HIS A 101 -11.07 13.44 14.39
C HIS A 101 -11.51 14.90 14.27
N HIS A 102 -11.30 15.49 13.11
CA HIS A 102 -11.66 16.88 12.88
C HIS A 102 -13.14 16.98 12.54
#